data_8PPV
#
_entry.id   8PPV
#
_cell.length_a   1.00
_cell.length_b   1.00
_cell.length_c   1.00
_cell.angle_alpha   90.00
_cell.angle_beta   90.00
_cell.angle_gamma   90.00
#
_symmetry.space_group_name_H-M   'P 1'
#
loop_
_entity.id
_entity.type
_entity.pdbx_description
1 polymer 'DNA polymerase II small subunit'
2 polymer DP2
3 polymer 'DNA polymerase sliding clamp'
4 polymer "DNA (5'-D(*P*CP*CP*GP*GP*GP*CP*CP*GP*AP*GP*CP*CP*GP*TP*(GS)P*(G7P)P*(PST)P*(PST)P*(PST))-3')"
5 polymer "DNA (5'-D(P*AP*GP*CP*AP*CP*GP*GP*CP*TP*CP*GP*GP*CP*CP*CP*GP*G)-3')"
6 non-polymer 'MAGNESIUM ION'
7 non-polymer 'ZINC ION'
#
loop_
_entity_poly.entity_id
_entity_poly.type
_entity_poly.pdbx_seq_one_letter_code
_entity_poly.pdbx_strand_id
1 'polypeptide(L)'
;MGKHHHHSGHHHTGHHHHSGSHHHTSSSASTGENLYFQGTGDGSDELVKALERAGYLLTPSAYYLLVDHFKEGKFSLVEL
VKFAKSKGVFIIDGDLAYEFLQFLGLGVPQEIKESYISTGEEAEKTVESQETRASELEEGGVSQVSSGELQELKEESPEI
STTEEEIGGLELVQSSISTGSEVEYNNGENGESVVVLDKYGYPILYAPEEIGEEKEYSKYEDVVIEWNPSVTPVQIEKNY
EVKFDVRQVKLRPPKVKNGSGKEGEIIVEAYASLFKSRLSKLKRILRENPEISNVVDIGKLNYVSGDEEVTIIGLVNSKR
ETNRGLIFEVEDKTGIVKVFLPKDSEDYREAFKVLPDAVVAFKGFYSKKGIFFANKFYLPDVPLYRKQKPPLEEKVYAIL
ISDIHVGSREFCEKAFLKFLEWLNGHVESKEEEEIVSRVKYLIIAGDVVDGIGIYPGQYSDLVIPDIFDQYEALANLLAN
VPEHITMFIGPGNADAARPAIPQPEFYKEYAKPIYKLKNAIIISNPAVIRLHGRDFLIAHGRGIEDVVSFVPGLTHHKPG
LPMVELLKMRHLAPTFGGKVPIAPDPEDLLVIEEVPDLVQMGHVHVYDAVVYRGVQLVNSATWQAQTEFQKMVNIVPTPA
KVPVVDVESARVVKVLDFSGWC
;
A
2 'polypeptide(L)'
;MELPKEMEEYFEMLQREIDKAYEIAKKARAQGKDPSLDVEIPQATDMAGRVESLVGPPGVAKRIRELVKEYGKEIAALKI
VDEIIEGKFGDLGSREKYAEQAVRTALAILTEGIVSAPIEGIANVKIKRNTWADNSEYLALYYAGPIRSSGGTAQALSVL
VGDYVRRKLGLDRFKPSEKHIERMVEEVDLYHRAVTRLQYHPSPEEVRLAMRNIPIEITGEATDDVEVSHRDVPGVETNQ
LRGGAILVLAEGVLQKAKKLVKYIDKMGIEGWEWLKEFVEAKEKGEPKEEGKEESLAESTLEETKVEVDMGFYYSLYQKF
KEEIAPSDKYAKEVIGGRPLFSDPSKPGGFRLRYGRSRASGFATWGINPATMILVDEFLAIGTQLKTERPGKGAVVTPVT
TIEGPIVKLKDGSVLRVDDYNLALKVREDVEEILYLGDAVIAFGDFVENNQTLLPANYCEEWWILEFVKALKEIYEVHLE
PFTENEEESIEEASDYLEIDPEFLKEMLRDPLRVKPPVELAIHFSEVLGIPLHPYYTLYWNSVEPKDVEKLWRLLKNYAE
IEWSNFRGIKFAKKIVISQEKLGDSKRTLELLGLPHTVRDGNVIVDYPWAAALLTPLGNLNWEFMAKPLYATIDIINENN
EIKLRDRGISWIGARMGRPEKAKERKMKPPVQVLFPIGLAGGSSRDIKKAAEEGKVAEVEIAFFKCPKCGHVGPEHLCPN
CGTRKELLWVCPRCNAEYPESQAEGYNYTCPKCNVKLRPYAKRKIRPSELLNRAMENVKVYGVDKLKGVMGMTSGWKMPE
PLEKGLLRAKNDVYVFKDGTIRFDATDAPITHFRPREIGVSVEKLRELGYTHDFEGKPLVSEDQIVELKPQDIILSKEAG
RYLLKVAKFVDDLLEKFYGLPRFYNAEKMEDLIGHLVIGLAPHTSAGIVGRIIGFVDALVGYAHPYFHAAKRRNCDGDED
AVMLLLDALLNFSRYYLPEKRGGKMDAPLVITTRLDPREVDSEVHNMDIVRYYPLEFYEATYELKSPKELVGVIERVEDR
LGKPEMYYGLKFTHDTDDIALGPKMSLYKQLGDMEEKVRRQLEVAKRIRAVDEHGVAEKILNSHLIPDLRGNLRSFTRQE
FRCVKCNTKFRRPPLNGKCPVCGGKIVLTVSKGAIEKYLGTAKMLVTEYNVKNYTRQRICLTERDIDSLFENVFPETQLT
LIVNPNDICQRLVMARTGEVNKSGLLENLSNGSKKTEKAEKAEKPRKKSDEKPKKKRVISLEEFFSRKSK
;
B
3 'polypeptide(L)'
;MRGSHHHHHHGSMPFEIVFEGAKEFAQLIETASRLIDEAAFKVTEEGISMRAMDPSRVVLIDLNLPASIFSKYEVDGEET
IGVNMDHLKKVLKRGKAKETLILRKGEENFLEISLQGTATRTFKLPLIDVEEIEVDLPELPFTAKVVILGDVIKEAVKDA
SLVSDSMKFIAKENEFTMRAEGETQEVEVKLTLEDEGLLDIEVQEETKSAYGISYLSDMVKGLGKADEVTIKFGNEMPMQ
MEYYIRDEGRLIFLLAPRVEE
;
C,D,E
4 'polydeoxyribonucleotide'
;(DC)(DG)(DC)(DC)(DG)(DG)(DG)(DC)(DC)(DG)(DA)(DG)(DC)(DC)(DG)(DT)(GS)(C7R)(PST)
(PST)(PST)
;
P
5 'polydeoxyribonucleotide'
;(DA)(DG)(DG)(DT)(DC)(DG)(DT)(DG)(DC)(DA)(DC)(DG)(DG)(DC)(DT)(DC)(DG)(DG)(DC)(DC)
(DC)(DG)(DG)(DC)(DG)
;
T
#
loop_
_chem_comp.id
_chem_comp.type
_chem_comp.name
_chem_comp.formula
C7R DNA linking 2'-deoxy-5'-O-thiophosphonocytidine 'C9 H14 N3 O6 P S'
DA DNA linking 2'-DEOXYADENOSINE-5'-MONOPHOSPHATE 'C10 H14 N5 O6 P'
DC DNA linking 2'-DEOXYCYTIDINE-5'-MONOPHOSPHATE 'C9 H14 N3 O7 P'
DG DNA linking 2'-DEOXYGUANOSINE-5'-MONOPHOSPHATE 'C10 H14 N5 O7 P'
DT DNA linking THYMIDINE-5'-MONOPHOSPHATE 'C10 H15 N2 O8 P'
GS DNA linking GUANOSINE-5'-THIO-MONOPHOSPHATE 'C10 H14 N5 O6 P S'
MG non-polymer 'MAGNESIUM ION' 'Mg 2'
PST DNA linking THYMIDINE-5'-THIOPHOSPHATE 'C10 H15 N2 O7 P S'
ZN non-polymer 'ZINC ION' 'Zn 2'
#
# COMPACT_ATOMS: atom_id res chain seq x y z
N GLU A 216 -1.06 45.54 15.03
CA GLU A 216 0.31 45.28 14.50
C GLU A 216 0.23 44.79 13.06
N TYR A 217 -0.72 45.33 12.30
CA TYR A 217 -1.00 44.93 10.93
C TYR A 217 -1.17 46.16 10.04
N SER A 218 -0.23 47.09 10.13
CA SER A 218 -0.19 48.21 9.21
C SER A 218 0.39 47.77 7.88
N LYS A 219 -0.12 48.34 6.80
CA LYS A 219 0.27 47.99 5.43
C LYS A 219 0.64 49.24 4.64
N TYR A 220 1.42 50.12 5.27
CA TYR A 220 1.96 51.30 4.60
C TYR A 220 0.86 52.06 3.85
N GLU A 221 -0.29 52.20 4.49
CA GLU A 221 -1.44 52.80 3.82
C GLU A 221 -1.23 54.30 3.62
N ASP A 222 -0.80 55.00 4.67
CA ASP A 222 -0.72 56.47 4.66
C ASP A 222 0.71 56.96 4.47
N VAL A 223 1.49 56.29 3.64
CA VAL A 223 2.84 56.72 3.30
C VAL A 223 2.72 57.48 1.99
N VAL A 224 2.77 58.81 2.07
CA VAL A 224 2.63 59.69 0.92
C VAL A 224 3.87 60.57 0.83
N ILE A 225 4.51 60.56 -0.33
CA ILE A 225 5.69 61.38 -0.60
C ILE A 225 5.39 62.24 -1.82
N GLU A 226 5.56 63.54 -1.69
CA GLU A 226 5.23 64.48 -2.74
C GLU A 226 6.50 64.95 -3.45
N TRP A 227 6.36 65.22 -4.75
CA TRP A 227 7.51 65.64 -5.55
C TRP A 227 8.06 66.96 -5.02
N ASN A 228 9.38 67.07 -5.02
CA ASN A 228 10.05 68.30 -4.58
C ASN A 228 9.91 69.36 -5.66
N PRO A 229 9.29 70.52 -5.38
CA PRO A 229 9.10 71.56 -6.40
C PRO A 229 10.28 72.51 -6.52
N SER A 230 11.49 71.95 -6.61
CA SER A 230 12.70 72.74 -6.80
C SER A 230 13.50 72.33 -8.04
N VAL A 231 13.21 71.18 -8.63
CA VAL A 231 13.91 70.69 -9.80
C VAL A 231 12.88 70.28 -10.85
N THR A 232 13.11 70.69 -12.10
CA THR A 232 12.24 70.31 -13.20
C THR A 232 12.87 69.15 -13.94
N PRO A 233 12.24 67.98 -14.03
CA PRO A 233 12.84 66.88 -14.78
C PRO A 233 13.09 67.28 -16.23
N VAL A 234 14.24 66.85 -16.75
CA VAL A 234 14.61 67.17 -18.13
C VAL A 234 13.66 66.43 -19.07
N GLN A 235 13.11 67.15 -20.04
CA GLN A 235 12.22 66.55 -21.02
C GLN A 235 13.01 65.64 -21.94
N ILE A 236 12.87 64.33 -21.73
CA ILE A 236 13.58 63.32 -22.51
C ILE A 236 12.54 62.37 -23.10
N GLU A 237 12.65 62.11 -24.39
CA GLU A 237 11.74 61.17 -25.06
C GLU A 237 12.04 59.75 -24.58
N LYS A 238 11.07 59.13 -23.92
CA LYS A 238 11.24 57.76 -23.46
C LYS A 238 11.16 56.81 -24.64
N ASN A 239 12.11 55.86 -24.70
CA ASN A 239 12.21 54.93 -25.81
C ASN A 239 12.58 53.56 -25.26
N TYR A 240 11.63 52.64 -25.25
CA TYR A 240 11.88 51.29 -24.75
C TYR A 240 10.98 50.31 -25.48
N GLU A 241 11.38 49.04 -25.47
CA GLU A 241 10.59 47.97 -26.04
C GLU A 241 11.03 46.65 -25.42
N VAL A 242 10.06 45.80 -25.12
CA VAL A 242 10.33 44.49 -24.54
C VAL A 242 10.67 43.53 -25.68
N LYS A 243 11.94 43.13 -25.75
CA LYS A 243 12.42 42.32 -26.86
C LYS A 243 12.25 40.82 -26.63
N PHE A 244 11.81 40.40 -25.45
CA PHE A 244 11.57 38.99 -25.20
C PHE A 244 10.65 38.85 -24.00
N ASP A 245 9.68 37.94 -24.12
CA ASP A 245 8.80 37.57 -23.02
C ASP A 245 8.50 36.09 -23.16
N VAL A 246 8.42 35.40 -22.02
CA VAL A 246 8.11 33.97 -22.07
C VAL A 246 6.74 33.74 -22.69
N ARG A 247 5.79 34.63 -22.41
CA ARG A 247 4.45 34.54 -23.00
C ARG A 247 4.38 35.31 -24.32
N GLN A 248 5.36 35.05 -25.18
CA GLN A 248 5.35 35.53 -26.56
C GLN A 248 5.51 34.39 -27.55
N VAL A 249 5.91 33.21 -27.11
CA VAL A 249 6.07 32.03 -27.95
C VAL A 249 4.95 31.06 -27.61
N LYS A 250 4.35 30.46 -28.63
CA LYS A 250 3.23 29.54 -28.45
C LYS A 250 3.75 28.12 -28.56
N LEU A 251 4.10 27.53 -27.42
CA LEU A 251 4.56 26.15 -27.40
C LEU A 251 3.40 25.22 -27.75
N ARG A 252 3.70 24.18 -28.52
CA ARG A 252 2.70 23.23 -28.99
C ARG A 252 2.87 21.90 -28.27
N PRO A 253 1.90 21.42 -27.52
CA PRO A 253 2.09 20.16 -26.80
C PRO A 253 2.38 19.04 -27.75
N PRO A 254 3.11 18.00 -27.31
CA PRO A 254 3.45 16.89 -28.20
C PRO A 254 2.28 15.95 -28.37
N LYS A 255 1.77 15.85 -29.60
CA LYS A 255 0.66 14.95 -29.87
C LYS A 255 1.07 13.51 -29.55
N VAL A 256 0.19 12.81 -28.85
CA VAL A 256 0.45 11.42 -28.49
C VAL A 256 0.22 10.54 -29.69
N LYS A 257 1.12 9.57 -29.90
CA LYS A 257 1.12 8.76 -31.12
C LYS A 257 0.22 7.54 -31.03
N ASN A 258 -0.80 7.55 -30.16
CA ASN A 258 -1.80 6.51 -30.15
C ASN A 258 -3.11 7.11 -29.66
N GLY A 259 -4.20 6.43 -29.96
CA GLY A 259 -5.52 6.98 -29.71
C GLY A 259 -5.93 7.04 -28.26
N SER A 260 -5.24 6.34 -27.37
CA SER A 260 -5.60 6.31 -25.96
C SER A 260 -4.33 6.43 -25.11
N GLY A 261 -3.45 7.34 -25.51
CA GLY A 261 -2.22 7.59 -24.76
C GLY A 261 -2.49 8.09 -23.36
N LYS A 262 -1.88 7.46 -22.38
CA LYS A 262 -2.07 7.85 -20.99
C LYS A 262 -0.96 8.79 -20.54
N GLU A 263 -1.19 9.42 -19.38
CA GLU A 263 -0.40 10.58 -18.98
C GLU A 263 1.07 10.28 -18.80
N GLY A 264 1.44 9.02 -18.59
CA GLY A 264 2.82 8.72 -18.30
C GLY A 264 3.77 9.07 -19.42
N GLU A 265 3.41 8.73 -20.65
CA GLU A 265 4.32 8.88 -21.78
C GLU A 265 4.45 10.31 -22.26
N ILE A 266 3.40 11.12 -22.10
CA ILE A 266 3.43 12.49 -22.60
C ILE A 266 4.45 13.33 -21.85
N ILE A 267 4.57 13.13 -20.54
CA ILE A 267 5.56 13.88 -19.77
C ILE A 267 6.97 13.51 -20.21
N VAL A 268 7.24 12.22 -20.42
CA VAL A 268 8.56 11.80 -20.86
C VAL A 268 8.87 12.38 -22.24
N GLU A 269 7.88 12.36 -23.13
CA GLU A 269 8.08 12.94 -24.45
C GLU A 269 8.38 14.43 -24.34
N ALA A 270 7.68 15.14 -23.46
CA ALA A 270 7.92 16.57 -23.30
C ALA A 270 9.32 16.85 -22.79
N TYR A 271 9.79 16.08 -21.79
CA TYR A 271 11.14 16.30 -21.27
C TYR A 271 12.19 16.00 -22.33
N ALA A 272 12.03 14.89 -23.06
CA ALA A 272 12.99 14.56 -24.12
C ALA A 272 13.02 15.64 -25.18
N SER A 273 11.86 16.16 -25.56
CA SER A 273 11.80 17.23 -26.55
C SER A 273 12.46 18.49 -26.02
N LEU A 274 12.29 18.79 -24.73
CA LEU A 274 12.97 19.95 -24.14
C LEU A 274 14.46 19.84 -24.32
N PHE A 275 15.03 18.67 -24.00
CA PHE A 275 16.48 18.55 -24.06
C PHE A 275 16.98 18.53 -25.50
N LYS A 276 16.22 17.93 -26.41
CA LYS A 276 16.59 18.00 -27.82
C LYS A 276 16.61 19.44 -28.31
N SER A 277 15.60 20.24 -27.92
CA SER A 277 15.58 21.64 -28.33
C SER A 277 16.74 22.41 -27.73
N ARG A 278 17.08 22.15 -26.47
CA ARG A 278 18.26 22.79 -25.88
C ARG A 278 19.50 22.49 -26.71
N LEU A 279 19.70 21.22 -27.05
CA LEU A 279 20.88 20.84 -27.82
C LEU A 279 20.91 21.52 -29.19
N SER A 280 19.78 21.50 -29.90
CA SER A 280 19.76 22.09 -31.23
C SER A 280 19.97 23.60 -31.19
N LYS A 281 19.42 24.27 -30.17
CA LYS A 281 19.57 25.71 -30.07
C LYS A 281 20.99 26.10 -29.70
N LEU A 282 21.62 25.36 -28.79
CA LEU A 282 22.97 25.70 -28.38
C LEU A 282 23.99 25.33 -29.45
N LYS A 283 23.73 24.31 -30.27
CA LYS A 283 24.68 23.92 -31.30
C LYS A 283 24.88 25.04 -32.32
N ARG A 284 23.78 25.70 -32.72
CA ARG A 284 23.88 26.77 -33.70
C ARG A 284 24.84 27.87 -33.25
N ILE A 285 24.85 28.17 -31.95
CA ILE A 285 25.76 29.21 -31.45
C ILE A 285 27.20 28.76 -31.59
N LEU A 286 27.49 27.49 -31.32
CA LEU A 286 28.86 27.00 -31.43
C LEU A 286 29.38 27.10 -32.86
N ARG A 287 28.55 26.78 -33.84
CA ARG A 287 28.97 26.87 -35.24
C ARG A 287 28.83 28.30 -35.73
N GLU A 288 29.46 29.23 -35.03
CA GLU A 288 29.50 30.64 -35.43
C GLU A 288 30.91 31.18 -35.53
N ASN A 289 31.79 30.81 -34.61
CA ASN A 289 33.19 31.20 -34.71
C ASN A 289 33.85 30.35 -35.79
N PRO A 290 34.55 30.95 -36.76
CA PRO A 290 35.09 30.14 -37.87
C PRO A 290 36.07 29.08 -37.42
N GLU A 291 36.64 29.21 -36.23
CA GLU A 291 37.63 28.25 -35.76
C GLU A 291 37.05 26.84 -35.63
N ILE A 292 35.72 26.70 -35.60
CA ILE A 292 35.08 25.40 -35.52
C ILE A 292 34.72 24.98 -36.94
N SER A 293 35.08 23.75 -37.30
CA SER A 293 34.68 23.21 -38.60
C SER A 293 34.79 21.70 -38.59
N ASN A 294 34.14 21.10 -39.59
CA ASN A 294 34.17 19.65 -39.83
C ASN A 294 33.61 18.89 -38.63
N VAL A 295 32.32 19.11 -38.40
CA VAL A 295 31.60 18.43 -37.33
C VAL A 295 31.10 17.07 -37.84
N VAL A 296 31.44 16.01 -37.12
CA VAL A 296 31.08 14.65 -37.49
C VAL A 296 30.06 14.13 -36.49
N ASP A 297 28.96 13.57 -37.02
CA ASP A 297 27.92 13.04 -36.16
C ASP A 297 28.46 11.89 -35.31
N ILE A 298 28.06 11.84 -34.05
CA ILE A 298 28.55 10.79 -33.16
C ILE A 298 28.08 9.44 -33.63
N GLY A 299 26.86 9.36 -34.18
CA GLY A 299 26.37 8.10 -34.71
C GLY A 299 27.21 7.53 -35.84
N LYS A 300 27.77 8.40 -36.68
CA LYS A 300 28.65 8.00 -37.77
C LYS A 300 30.12 8.21 -37.43
N LEU A 301 30.45 8.41 -36.16
CA LEU A 301 31.84 8.67 -35.79
C LEU A 301 32.73 7.48 -36.08
N ASN A 302 32.17 6.28 -36.14
CA ASN A 302 32.98 5.09 -36.34
C ASN A 302 33.67 5.06 -37.70
N TYR A 303 33.09 5.71 -38.71
CA TYR A 303 33.64 5.72 -40.06
C TYR A 303 34.69 6.81 -40.24
N VAL A 304 35.68 6.87 -39.35
CA VAL A 304 36.72 7.89 -39.41
C VAL A 304 38.07 7.21 -39.26
N SER A 305 39.02 7.62 -40.09
CA SER A 305 40.36 7.05 -40.05
C SER A 305 41.08 7.52 -38.79
N GLY A 306 42.25 6.96 -38.54
CA GLY A 306 43.05 7.30 -37.39
C GLY A 306 43.98 8.48 -37.58
N ASP A 307 43.89 9.17 -38.71
CA ASP A 307 44.78 10.28 -39.03
C ASP A 307 44.00 11.54 -39.42
N GLU A 308 42.70 11.58 -39.12
CA GLU A 308 41.87 12.75 -39.36
C GLU A 308 41.60 13.48 -38.06
N GLU A 309 41.37 14.78 -38.16
CA GLU A 309 40.99 15.61 -37.02
C GLU A 309 39.55 16.05 -37.23
N VAL A 310 38.69 15.75 -36.26
CA VAL A 310 37.27 16.07 -36.32
C VAL A 310 36.85 16.67 -34.98
N THR A 311 35.62 17.18 -34.95
CA THR A 311 35.05 17.76 -33.75
C THR A 311 33.66 17.21 -33.52
N ILE A 312 33.28 17.09 -32.24
CA ILE A 312 31.96 16.60 -31.84
C ILE A 312 31.33 17.62 -30.90
N ILE A 313 30.00 17.65 -30.89
CA ILE A 313 29.23 18.56 -30.06
C ILE A 313 28.09 17.79 -29.43
N GLY A 314 27.92 17.91 -28.12
CA GLY A 314 26.85 17.21 -27.44
C GLY A 314 26.81 17.54 -25.96
N LEU A 315 25.75 17.06 -25.32
CA LEU A 315 25.53 17.31 -23.90
C LEU A 315 26.55 16.55 -23.07
N VAL A 316 26.97 17.14 -21.95
CA VAL A 316 27.88 16.48 -21.03
C VAL A 316 27.09 15.61 -20.06
N ASN A 317 27.20 14.29 -20.19
CA ASN A 317 26.46 13.40 -19.31
C ASN A 317 27.02 13.43 -17.89
N SER A 318 28.34 13.38 -17.76
CA SER A 318 28.98 13.35 -16.45
C SER A 318 30.45 13.68 -16.63
N LYS A 319 31.21 13.58 -15.54
CA LYS A 319 32.63 13.90 -15.57
C LYS A 319 33.32 13.40 -14.30
N ARG A 320 34.51 12.82 -14.45
CA ARG A 320 35.32 12.39 -13.32
C ARG A 320 36.78 12.66 -13.62
N GLU A 321 37.56 12.90 -12.56
CA GLU A 321 38.94 13.34 -12.67
C GLU A 321 39.89 12.22 -12.26
N THR A 322 40.95 12.03 -13.05
CA THR A 322 42.00 11.08 -12.77
C THR A 322 43.35 11.76 -12.98
N ASN A 323 44.41 11.06 -12.59
CA ASN A 323 45.75 11.65 -12.67
C ASN A 323 46.11 12.02 -14.10
N ARG A 324 45.77 11.18 -15.07
CA ARG A 324 46.10 11.46 -16.45
C ARG A 324 45.33 12.67 -16.97
N GLY A 325 44.07 12.82 -16.56
CA GLY A 325 43.25 13.92 -17.05
C GLY A 325 41.81 13.81 -16.59
N LEU A 326 40.88 14.01 -17.53
CA LEU A 326 39.45 13.98 -17.24
C LEU A 326 38.76 12.98 -18.17
N ILE A 327 37.67 12.40 -17.69
CA ILE A 327 36.86 11.46 -18.46
C ILE A 327 35.47 12.07 -18.60
N PHE A 328 35.10 12.42 -19.83
CA PHE A 328 33.80 12.99 -20.14
C PHE A 328 32.97 12.00 -20.93
N GLU A 329 31.69 11.91 -20.61
CA GLU A 329 30.73 11.14 -21.39
C GLU A 329 29.80 12.11 -22.10
N VAL A 330 29.77 12.04 -23.42
CA VAL A 330 29.06 12.99 -24.26
C VAL A 330 27.99 12.25 -25.04
N GLU A 331 26.77 12.77 -25.01
CA GLU A 331 25.64 12.18 -25.71
C GLU A 331 25.14 13.15 -26.78
N ASP A 332 24.61 12.58 -27.86
CA ASP A 332 24.05 13.35 -28.95
C ASP A 332 22.75 12.68 -29.38
N LYS A 333 22.13 13.20 -30.43
CA LYS A 333 20.86 12.66 -30.88
C LYS A 333 21.00 11.27 -31.47
N THR A 334 22.22 10.79 -31.70
CA THR A 334 22.45 9.53 -32.40
C THR A 334 23.31 8.53 -31.66
N GLY A 335 24.00 8.93 -30.60
CA GLY A 335 24.83 7.99 -29.88
C GLY A 335 25.58 8.66 -28.74
N ILE A 336 26.42 7.86 -28.09
CA ILE A 336 27.20 8.28 -26.94
C ILE A 336 28.66 7.93 -27.18
N VAL A 337 29.57 8.67 -26.56
CA VAL A 337 31.00 8.47 -26.74
C VAL A 337 31.73 8.91 -25.48
N LYS A 338 32.92 8.33 -25.28
CA LYS A 338 33.79 8.70 -24.18
C LYS A 338 34.91 9.60 -24.70
N VAL A 339 35.32 10.56 -23.88
CA VAL A 339 36.33 11.54 -24.25
C VAL A 339 37.34 11.65 -23.13
N PHE A 340 38.58 11.99 -23.48
CA PHE A 340 39.66 12.19 -22.53
C PHE A 340 40.36 13.50 -22.84
N LEU A 341 40.78 14.20 -21.78
CA LEU A 341 41.47 15.48 -21.92
C LEU A 341 42.84 15.39 -21.26
N PRO A 342 43.94 15.52 -22.01
CA PRO A 342 45.26 15.47 -21.37
C PRO A 342 45.41 16.55 -20.32
N LYS A 343 46.09 16.20 -19.23
CA LYS A 343 46.30 17.15 -18.15
C LYS A 343 47.12 18.35 -18.59
N ASP A 344 47.96 18.21 -19.61
CA ASP A 344 48.81 19.28 -20.07
C ASP A 344 48.12 20.21 -21.05
N SER A 345 46.87 19.92 -21.43
CA SER A 345 46.16 20.77 -22.38
C SER A 345 45.87 22.13 -21.78
N GLU A 346 46.05 23.18 -22.59
CA GLU A 346 45.81 24.54 -22.10
C GLU A 346 44.35 24.77 -21.75
N ASP A 347 43.45 24.00 -22.35
CA ASP A 347 42.02 24.12 -22.06
C ASP A 347 41.56 23.19 -20.94
N TYR A 348 42.48 22.44 -20.32
CA TYR A 348 42.09 21.55 -19.24
C TYR A 348 41.55 22.32 -18.04
N ARG A 349 42.19 23.43 -17.68
CA ARG A 349 41.72 24.21 -16.55
C ARG A 349 40.33 24.77 -16.80
N GLU A 350 40.10 25.31 -18.01
CA GLU A 350 38.78 25.81 -18.35
C GLU A 350 37.73 24.70 -18.34
N ALA A 351 38.10 23.53 -18.88
CA ALA A 351 37.18 22.40 -18.93
C ALA A 351 36.95 21.78 -17.56
N PHE A 352 37.71 22.18 -16.54
CA PHE A 352 37.48 21.65 -15.20
C PHE A 352 36.18 22.16 -14.61
N LYS A 353 35.88 23.44 -14.79
CA LYS A 353 34.70 24.06 -14.17
C LYS A 353 33.50 24.00 -15.12
N VAL A 354 33.21 22.80 -15.59
CA VAL A 354 32.04 22.54 -16.43
C VAL A 354 31.21 21.48 -15.75
N LEU A 355 29.93 21.74 -15.59
CA LEU A 355 29.01 20.87 -14.88
C LEU A 355 28.00 20.27 -15.83
N PRO A 356 27.46 19.09 -15.50
CA PRO A 356 26.74 18.30 -16.50
C PRO A 356 25.56 19.05 -17.11
N ASP A 357 25.11 18.54 -18.24
CA ASP A 357 23.99 19.01 -19.04
C ASP A 357 24.36 20.23 -19.87
N ALA A 358 25.59 20.74 -19.76
CA ALA A 358 26.04 21.80 -20.66
C ALA A 358 26.34 21.23 -22.04
N VAL A 359 26.27 22.10 -23.05
CA VAL A 359 26.57 21.73 -24.42
C VAL A 359 27.94 22.28 -24.78
N VAL A 360 28.84 21.39 -25.21
CA VAL A 360 30.23 21.76 -25.47
C VAL A 360 30.68 21.07 -26.76
N ALA A 361 31.80 21.54 -27.30
CA ALA A 361 32.41 20.96 -28.48
C ALA A 361 33.78 20.42 -28.14
N PHE A 362 34.14 19.28 -28.74
CA PHE A 362 35.42 18.64 -28.50
C PHE A 362 36.06 18.29 -29.84
N LYS A 363 37.34 18.62 -29.99
CA LYS A 363 38.12 18.29 -31.18
C LYS A 363 39.23 17.33 -30.80
N GLY A 364 39.40 16.27 -31.58
CA GLY A 364 40.38 15.26 -31.24
C GLY A 364 40.49 14.21 -32.32
N PHE A 365 41.28 13.17 -31.99
CA PHE A 365 41.49 12.03 -32.86
C PHE A 365 40.71 10.84 -32.32
N TYR A 366 39.93 10.20 -33.18
CA TYR A 366 39.17 9.03 -32.77
C TYR A 366 40.00 7.76 -32.96
N SER A 367 39.98 6.91 -31.94
CA SER A 367 40.67 5.62 -31.96
C SER A 367 39.64 4.50 -31.95
N LYS A 368 39.93 3.43 -32.69
CA LYS A 368 39.06 2.27 -32.69
C LYS A 368 39.05 1.56 -31.35
N LYS A 369 39.97 1.91 -30.45
CA LYS A 369 40.02 1.34 -29.11
C LYS A 369 38.79 1.69 -28.28
N GLY A 370 38.02 2.68 -28.69
CA GLY A 370 36.76 3.01 -28.03
C GLY A 370 36.76 4.29 -27.21
N ILE A 371 37.74 5.16 -27.39
CA ILE A 371 37.82 6.43 -26.67
C ILE A 371 38.21 7.53 -27.63
N PHE A 372 37.57 8.69 -27.48
CA PHE A 372 37.86 9.85 -28.32
C PHE A 372 38.90 10.71 -27.62
N PHE A 373 40.16 10.58 -28.01
CA PHE A 373 41.23 11.37 -27.43
C PHE A 373 41.19 12.78 -28.02
N ALA A 374 41.15 13.80 -27.15
CA ALA A 374 40.90 15.16 -27.57
C ALA A 374 42.00 16.09 -27.07
N ASN A 375 42.18 17.20 -27.80
CA ASN A 375 43.18 18.19 -27.48
C ASN A 375 42.61 19.59 -27.26
N LYS A 376 41.39 19.87 -27.71
CA LYS A 376 40.80 21.19 -27.58
C LYS A 376 39.39 21.07 -27.02
N PHE A 377 38.94 22.14 -26.35
CA PHE A 377 37.61 22.18 -25.77
C PHE A 377 37.04 23.58 -25.93
N TYR A 378 35.76 23.66 -26.26
CA TYR A 378 35.11 24.92 -26.62
C TYR A 378 33.82 25.10 -25.84
N LEU A 379 33.66 26.27 -25.22
CA LEU A 379 32.39 26.71 -24.69
C LEU A 379 31.71 27.65 -25.68
N PRO A 380 30.38 27.77 -25.64
CA PRO A 380 29.73 28.76 -26.51
C PRO A 380 30.28 30.16 -26.31
N ASP A 381 30.54 30.56 -25.07
CA ASP A 381 31.31 31.77 -24.78
C ASP A 381 30.72 33.01 -25.43
N VAL A 382 31.45 34.12 -25.37
CA VAL A 382 31.01 35.41 -25.89
C VAL A 382 32.08 35.91 -26.86
N PRO A 383 31.73 36.53 -27.98
CA PRO A 383 32.76 36.99 -28.93
C PRO A 383 33.67 38.04 -28.30
N LEU A 384 34.93 38.03 -28.72
CA LEU A 384 35.90 39.00 -28.23
C LEU A 384 35.71 40.39 -28.83
N TYR A 385 35.11 40.49 -30.01
CA TYR A 385 34.98 41.75 -30.72
C TYR A 385 33.52 42.01 -31.05
N ARG A 386 33.09 43.26 -30.86
CA ARG A 386 31.73 43.66 -31.17
C ARG A 386 31.73 45.13 -31.58
N LYS A 387 30.67 45.52 -32.27
CA LYS A 387 30.55 46.87 -32.85
C LYS A 387 29.91 47.80 -31.83
N GLN A 388 30.59 48.90 -31.53
CA GLN A 388 30.04 49.90 -30.61
C GLN A 388 28.85 50.59 -31.25
N LYS A 389 27.86 50.90 -30.43
CA LYS A 389 26.64 51.56 -30.90
C LYS A 389 26.84 53.07 -30.94
N PRO A 390 26.00 53.78 -31.69
CA PRO A 390 26.12 55.24 -31.72
C PRO A 390 25.73 55.83 -30.39
N PRO A 391 26.23 57.02 -30.06
CA PRO A 391 25.98 57.59 -28.73
C PRO A 391 24.61 58.26 -28.65
N LEU A 392 24.23 58.59 -27.41
CA LEU A 392 22.97 59.24 -27.14
C LEU A 392 23.14 60.76 -27.13
N GLU A 393 22.03 61.47 -27.27
CA GLU A 393 22.06 62.93 -27.25
C GLU A 393 22.23 63.47 -25.83
N GLU A 394 21.66 62.78 -24.84
CA GLU A 394 21.77 63.20 -23.45
C GLU A 394 21.89 61.97 -22.56
N LYS A 395 22.46 62.17 -21.37
CA LYS A 395 22.62 61.08 -20.43
C LYS A 395 21.29 60.68 -19.80
N VAL A 396 21.12 59.39 -19.57
CA VAL A 396 19.95 58.83 -18.91
C VAL A 396 20.41 57.73 -17.97
N TYR A 397 19.73 57.59 -16.84
CA TYR A 397 20.12 56.66 -15.79
C TYR A 397 18.98 55.69 -15.48
N ALA A 398 19.35 54.52 -14.97
CA ALA A 398 18.40 53.51 -14.54
C ALA A 398 18.82 52.96 -13.19
N ILE A 399 17.82 52.60 -12.37
CA ILE A 399 18.03 52.12 -11.00
C ILE A 399 17.63 50.67 -10.94
N LEU A 400 18.48 49.84 -10.33
CA LEU A 400 18.27 48.40 -10.22
C LEU A 400 17.90 48.06 -8.77
N ILE A 401 16.84 47.26 -8.60
CA ILE A 401 16.34 46.87 -7.29
C ILE A 401 16.03 45.38 -7.35
N SER A 402 15.93 44.76 -6.17
CA SER A 402 15.57 43.34 -6.13
C SER A 402 15.31 42.91 -4.69
N ASP A 403 14.57 41.81 -4.56
CA ASP A 403 14.40 41.10 -3.29
C ASP A 403 13.88 42.01 -2.19
N ILE A 404 12.72 42.63 -2.42
CA ILE A 404 12.15 43.53 -1.44
C ILE A 404 11.66 42.77 -0.21
N HIS A 405 10.95 41.67 -0.43
CA HIS A 405 10.46 40.79 0.65
C HIS A 405 9.51 41.53 1.57
N VAL A 406 8.54 42.23 0.97
CA VAL A 406 7.53 42.92 1.77
C VAL A 406 6.70 41.89 2.53
N GLY A 407 6.39 42.21 3.78
CA GLY A 407 5.61 41.32 4.61
C GLY A 407 6.41 40.47 5.57
N SER A 408 7.69 40.75 5.74
CA SER A 408 8.55 40.00 6.64
C SER A 408 8.86 40.83 7.88
N ARG A 409 9.15 40.15 8.98
CA ARG A 409 9.53 40.85 10.20
C ARG A 409 10.86 41.58 10.03
N GLU A 410 11.70 41.14 9.10
CA GLU A 410 13.03 41.69 8.92
C GLU A 410 13.15 42.58 7.71
N PHE A 411 12.03 42.99 7.12
CA PHE A 411 12.04 43.96 6.02
C PHE A 411 12.20 45.35 6.62
N CYS A 412 13.35 45.97 6.39
CA CYS A 412 13.63 47.29 6.95
C CYS A 412 12.90 48.33 6.12
N GLU A 413 11.79 48.85 6.66
CA GLU A 413 10.94 49.75 5.89
C GLU A 413 11.47 51.17 5.89
N LYS A 414 12.14 51.60 6.97
CA LYS A 414 12.63 52.97 7.03
C LYS A 414 13.65 53.24 5.93
N ALA A 415 14.53 52.27 5.67
CA ALA A 415 15.48 52.44 4.58
C ALA A 415 14.76 52.59 3.25
N PHE A 416 13.72 51.79 3.02
CA PHE A 416 12.97 51.89 1.77
C PHE A 416 12.29 53.25 1.66
N LEU A 417 11.75 53.77 2.77
CA LEU A 417 11.13 55.08 2.73
C LEU A 417 12.14 56.17 2.43
N LYS A 418 13.34 56.07 3.00
CA LYS A 418 14.38 57.05 2.69
C LYS A 418 14.79 56.97 1.22
N PHE A 419 14.86 55.75 0.68
CA PHE A 419 15.16 55.61 -0.75
C PHE A 419 14.06 56.24 -1.60
N LEU A 420 12.80 56.03 -1.21
CA LEU A 420 11.69 56.62 -1.96
C LEU A 420 11.75 58.14 -1.90
N GLU A 421 12.08 58.70 -0.74
CA GLU A 421 12.25 60.15 -0.63
C GLU A 421 13.38 60.62 -1.53
N TRP A 422 14.49 59.87 -1.56
CA TRP A 422 15.59 60.22 -2.46
C TRP A 422 15.13 60.24 -3.90
N LEU A 423 14.32 59.27 -4.31
CA LEU A 423 13.84 59.24 -5.68
C LEU A 423 13.02 60.48 -6.02
N ASN A 424 12.48 61.18 -5.02
CA ASN A 424 11.63 62.33 -5.26
C ASN A 424 12.39 63.65 -5.26
N GLY A 425 13.72 63.62 -5.11
CA GLY A 425 14.53 64.81 -5.17
C GLY A 425 15.13 65.27 -3.87
N HIS A 426 14.98 64.51 -2.79
CA HIS A 426 15.53 64.89 -1.49
C HIS A 426 16.96 64.39 -1.40
N VAL A 427 17.88 65.13 -2.03
CA VAL A 427 19.29 64.79 -2.03
C VAL A 427 20.07 65.89 -1.33
N GLU A 428 21.37 65.64 -1.16
CA GLU A 428 22.25 66.56 -0.43
C GLU A 428 23.14 67.38 -1.36
N SER A 429 23.88 66.73 -2.25
CA SER A 429 24.86 67.41 -3.08
C SER A 429 24.25 67.81 -4.42
N LYS A 430 25.04 68.52 -5.22
CA LYS A 430 24.55 69.01 -6.51
C LYS A 430 24.53 67.89 -7.55
N GLU A 431 25.53 67.02 -7.54
CA GLU A 431 25.57 65.93 -8.51
C GLU A 431 24.39 64.98 -8.30
N GLU A 432 24.04 64.71 -7.04
CA GLU A 432 22.88 63.84 -6.78
C GLU A 432 21.61 64.49 -7.32
N GLU A 433 21.44 65.79 -7.11
CA GLU A 433 20.27 66.48 -7.63
C GLU A 433 20.23 66.41 -9.15
N GLU A 434 21.37 66.61 -9.80
CA GLU A 434 21.42 66.55 -11.26
C GLU A 434 21.07 65.15 -11.76
N ILE A 435 21.57 64.11 -11.09
CA ILE A 435 21.31 62.74 -11.52
C ILE A 435 19.82 62.43 -11.40
N VAL A 436 19.21 62.78 -10.26
CA VAL A 436 17.82 62.42 -10.02
C VAL A 436 16.91 63.02 -11.07
N SER A 437 17.29 64.19 -11.61
CA SER A 437 16.49 64.80 -12.66
C SER A 437 16.54 64.01 -13.97
N ARG A 438 17.48 63.06 -14.08
CA ARG A 438 17.63 62.27 -15.29
C ARG A 438 17.21 60.81 -15.13
N VAL A 439 17.12 60.30 -13.90
CA VAL A 439 16.73 58.91 -13.68
C VAL A 439 15.38 58.68 -14.33
N LYS A 440 15.30 57.64 -15.17
CA LYS A 440 14.12 57.39 -15.99
C LYS A 440 13.47 56.04 -15.69
N TYR A 441 14.26 54.98 -15.55
CA TYR A 441 13.73 53.63 -15.45
C TYR A 441 14.14 52.98 -14.14
N LEU A 442 13.24 52.17 -13.59
CA LEU A 442 13.48 51.40 -12.37
C LEU A 442 13.11 49.95 -12.65
N ILE A 443 13.96 49.01 -12.25
CA ILE A 443 13.81 47.60 -12.60
C ILE A 443 13.91 46.77 -11.32
N ILE A 444 12.94 45.86 -11.14
CA ILE A 444 12.91 44.94 -10.00
C ILE A 444 12.98 43.52 -10.53
N ALA A 445 13.72 42.68 -9.82
CA ALA A 445 14.11 41.35 -10.31
C ALA A 445 13.68 40.25 -9.35
N GLY A 446 12.43 40.31 -8.88
CA GLY A 446 11.81 39.18 -8.24
C GLY A 446 11.76 39.27 -6.72
N ASP A 447 11.04 38.30 -6.14
CA ASP A 447 10.91 38.17 -4.69
C ASP A 447 10.41 39.45 -4.05
N VAL A 448 9.39 40.06 -4.67
CA VAL A 448 8.85 41.31 -4.18
C VAL A 448 8.01 41.14 -2.93
N VAL A 449 7.64 39.92 -2.57
CA VAL A 449 6.93 39.63 -1.33
C VAL A 449 7.53 38.40 -0.69
N ASP A 450 7.24 38.21 0.60
CA ASP A 450 7.83 37.14 1.37
C ASP A 450 7.13 35.80 1.20
N GLY A 451 5.93 35.77 0.61
CA GLY A 451 5.27 34.53 0.30
C GLY A 451 4.52 33.94 1.47
N ILE A 452 3.84 32.83 1.20
CA ILE A 452 3.02 32.15 2.18
C ILE A 452 3.39 30.66 2.17
N GLY A 453 3.74 30.13 3.33
CA GLY A 453 4.07 28.72 3.44
C GLY A 453 5.30 28.30 2.66
N ILE A 454 6.33 29.14 2.63
CA ILE A 454 7.53 28.81 1.87
C ILE A 454 8.31 27.70 2.57
N TYR A 455 8.48 27.79 3.88
CA TYR A 455 9.19 26.80 4.66
C TYR A 455 8.42 26.50 5.93
N PRO A 456 8.67 25.35 6.56
CA PRO A 456 7.93 25.01 7.78
C PRO A 456 8.14 26.03 8.89
N GLY A 457 7.07 26.34 9.60
CA GLY A 457 7.14 27.32 10.66
C GLY A 457 7.42 28.74 10.20
N GLN A 458 6.79 29.17 9.11
CA GLN A 458 6.95 30.54 8.64
C GLN A 458 5.88 31.48 9.18
N TYR A 459 4.79 30.96 9.73
CA TYR A 459 3.71 31.81 10.19
C TYR A 459 4.15 32.73 11.32
N SER A 460 5.12 32.30 12.12
CA SER A 460 5.61 33.12 13.22
C SER A 460 6.59 34.19 12.77
N ASP A 461 7.07 34.13 11.54
CA ASP A 461 8.03 35.09 11.01
C ASP A 461 7.38 36.18 10.18
N LEU A 462 6.07 36.14 10.00
CA LEU A 462 5.38 37.03 9.08
C LEU A 462 4.67 38.12 9.85
N VAL A 463 4.94 39.37 9.49
CA VAL A 463 4.16 40.49 10.01
C VAL A 463 2.85 40.60 9.24
N ILE A 464 2.83 40.18 7.98
CA ILE A 464 1.65 40.23 7.13
C ILE A 464 1.36 38.81 6.66
N PRO A 465 0.69 37.98 7.46
CA PRO A 465 0.42 36.59 7.07
C PRO A 465 -0.77 36.46 6.14
N ASP A 466 -0.70 37.12 5.00
CA ASP A 466 -1.79 37.09 4.02
C ASP A 466 -1.23 37.54 2.67
N ILE A 467 -1.30 36.66 1.67
CA ILE A 467 -0.68 36.94 0.38
C ILE A 467 -1.33 38.17 -0.26
N PHE A 468 -2.67 38.24 -0.22
CA PHE A 468 -3.37 39.39 -0.77
C PHE A 468 -2.88 40.69 -0.13
N ASP A 469 -2.80 40.71 1.20
CA ASP A 469 -2.38 41.91 1.90
C ASP A 469 -0.92 42.24 1.64
N GLN A 470 -0.08 41.23 1.47
CA GLN A 470 1.31 41.49 1.11
C GLN A 470 1.39 42.25 -0.21
N TYR A 471 0.62 41.79 -1.20
CA TYR A 471 0.65 42.48 -2.48
C TYR A 471 0.03 43.86 -2.39
N GLU A 472 -1.02 44.03 -1.58
CA GLU A 472 -1.62 45.35 -1.41
C GLU A 472 -0.63 46.33 -0.77
N ALA A 473 0.08 45.88 0.27
CA ALA A 473 1.07 46.73 0.91
C ALA A 473 2.19 47.10 -0.06
N LEU A 474 2.66 46.13 -0.84
CA LEU A 474 3.69 46.43 -1.82
C LEU A 474 3.20 47.46 -2.84
N ALA A 475 1.96 47.29 -3.32
CA ALA A 475 1.42 48.24 -4.29
C ALA A 475 1.31 49.64 -3.70
N ASN A 476 0.83 49.75 -2.46
CA ASN A 476 0.74 51.05 -1.81
C ASN A 476 2.10 51.69 -1.66
N LEU A 477 3.11 50.90 -1.31
CA LEU A 477 4.45 51.44 -1.11
C LEU A 477 5.01 52.05 -2.39
N LEU A 478 4.80 51.40 -3.53
CA LEU A 478 5.39 51.83 -4.78
C LEU A 478 4.61 52.93 -5.48
N ALA A 479 3.46 53.34 -4.93
CA ALA A 479 2.69 54.42 -5.53
C ALA A 479 3.41 55.76 -5.46
N ASN A 480 4.44 55.89 -4.64
CA ASN A 480 5.18 57.13 -4.50
C ASN A 480 6.29 57.30 -5.52
N VAL A 481 6.44 56.36 -6.45
CA VAL A 481 7.43 56.52 -7.51
C VAL A 481 6.97 57.63 -8.46
N PRO A 482 7.83 58.58 -8.84
CA PRO A 482 7.38 59.66 -9.71
C PRO A 482 6.81 59.13 -11.01
N GLU A 483 5.77 59.81 -11.51
CA GLU A 483 5.07 59.35 -12.71
C GLU A 483 5.90 59.53 -13.97
N HIS A 484 7.02 60.24 -13.91
CA HIS A 484 7.92 60.33 -15.05
C HIS A 484 8.92 59.18 -15.10
N ILE A 485 8.76 58.20 -14.22
CA ILE A 485 9.61 57.02 -14.16
C ILE A 485 8.76 55.79 -14.43
N THR A 486 9.30 54.84 -15.18
CA THR A 486 8.60 53.61 -15.52
C THR A 486 9.26 52.43 -14.83
N MET A 487 8.44 51.48 -14.37
CA MET A 487 8.89 50.36 -13.54
C MET A 487 8.61 49.05 -14.25
N PHE A 488 9.61 48.17 -14.31
CA PHE A 488 9.48 46.82 -14.83
C PHE A 488 9.63 45.84 -13.67
N ILE A 489 8.65 44.96 -13.49
CA ILE A 489 8.61 44.05 -12.35
C ILE A 489 8.54 42.62 -12.87
N GLY A 490 9.38 41.75 -12.29
CA GLY A 490 9.39 40.34 -12.63
C GLY A 490 9.29 39.47 -11.39
N PRO A 491 8.82 38.25 -11.54
CA PRO A 491 8.60 37.38 -10.37
C PRO A 491 9.87 36.67 -9.90
N GLY A 492 9.74 35.99 -8.76
CA GLY A 492 10.82 35.24 -8.16
C GLY A 492 10.34 33.94 -7.54
N ASN A 493 11.12 33.37 -6.63
CA ASN A 493 10.82 32.04 -6.10
C ASN A 493 9.98 32.07 -4.83
N ALA A 494 9.59 33.24 -4.34
CA ALA A 494 8.73 33.36 -3.18
C ALA A 494 7.39 33.99 -3.49
N ASP A 495 7.18 34.46 -4.71
CA ASP A 495 5.97 35.16 -5.09
C ASP A 495 4.85 34.16 -5.40
N ALA A 496 3.71 34.70 -5.79
CA ALA A 496 2.61 33.90 -6.34
C ALA A 496 2.85 33.78 -7.84
N ALA A 497 3.64 32.80 -8.23
CA ALA A 497 3.97 32.57 -9.63
C ALA A 497 4.37 31.10 -9.78
N ARG A 498 4.46 30.67 -11.03
CA ARG A 498 4.63 29.26 -11.39
C ARG A 498 5.63 28.55 -10.48
N PRO A 499 5.38 27.29 -10.11
CA PRO A 499 6.30 26.60 -9.20
C PRO A 499 7.72 26.46 -9.74
N ALA A 500 7.88 26.32 -11.06
CA ALA A 500 9.18 26.03 -11.65
C ALA A 500 9.45 27.04 -12.75
N ILE A 501 10.73 27.25 -13.05
CA ILE A 501 11.14 28.22 -14.07
C ILE A 501 11.03 27.58 -15.44
N PRO A 502 10.74 28.34 -16.50
CA PRO A 502 10.47 29.78 -16.55
C PRO A 502 9.07 30.16 -16.08
N GLN A 503 8.91 31.33 -15.48
CA GLN A 503 7.63 31.79 -14.97
C GLN A 503 7.07 32.85 -15.90
N PRO A 504 5.96 32.60 -16.60
CA PRO A 504 5.47 33.62 -17.54
C PRO A 504 5.18 34.97 -16.88
N GLU A 505 4.60 34.97 -15.69
CA GLU A 505 4.13 36.19 -15.04
C GLU A 505 3.65 35.83 -13.64
N PHE A 506 3.14 36.83 -12.94
CA PHE A 506 2.45 36.60 -11.68
C PHE A 506 1.09 35.96 -11.93
N TYR A 507 0.52 35.40 -10.87
CA TYR A 507 -0.89 35.01 -10.91
C TYR A 507 -1.75 36.26 -10.81
N LYS A 508 -2.54 36.54 -11.85
CA LYS A 508 -3.27 37.81 -11.92
C LYS A 508 -4.25 37.96 -10.76
N GLU A 509 -4.98 36.90 -10.44
CA GLU A 509 -6.02 37.00 -9.43
C GLU A 509 -5.48 37.20 -8.01
N TYR A 510 -4.17 37.00 -7.80
CA TYR A 510 -3.54 37.22 -6.51
C TYR A 510 -2.72 38.49 -6.46
N ALA A 511 -2.11 38.88 -7.58
CA ALA A 511 -1.20 40.01 -7.65
C ALA A 511 -1.81 41.22 -8.34
N LYS A 512 -3.13 41.32 -8.40
CA LYS A 512 -3.78 42.37 -9.16
C LYS A 512 -3.37 43.78 -8.75
N PRO A 513 -3.23 44.11 -7.46
CA PRO A 513 -2.95 45.50 -7.08
C PRO A 513 -1.74 46.10 -7.76
N ILE A 514 -0.67 45.32 -7.98
CA ILE A 514 0.48 45.85 -8.69
C ILE A 514 0.27 45.90 -10.20
N TYR A 515 -0.60 45.06 -10.74
CA TYR A 515 -0.99 45.20 -12.14
C TYR A 515 -1.75 46.50 -12.35
N LYS A 516 -2.51 46.94 -11.34
CA LYS A 516 -3.33 48.15 -11.45
C LYS A 516 -2.53 49.44 -11.40
N LEU A 517 -1.23 49.39 -11.16
CA LEU A 517 -0.43 50.61 -11.18
C LEU A 517 -0.43 51.21 -12.58
N LYS A 518 -0.20 52.52 -12.65
CA LYS A 518 -0.30 53.22 -13.93
C LYS A 518 0.98 53.13 -14.75
N ASN A 519 2.14 53.23 -14.10
CA ASN A 519 3.43 53.20 -14.77
C ASN A 519 4.24 51.97 -14.40
N ALA A 520 3.55 50.83 -14.26
CA ALA A 520 4.20 49.56 -13.94
C ALA A 520 3.99 48.60 -15.10
N ILE A 521 5.09 48.03 -15.58
CA ILE A 521 5.06 47.04 -16.66
C ILE A 521 5.53 45.72 -16.06
N ILE A 522 4.72 44.67 -16.25
CA ILE A 522 5.01 43.36 -15.68
C ILE A 522 5.72 42.51 -16.73
N ILE A 523 6.95 42.10 -16.41
CA ILE A 523 7.75 41.31 -17.32
C ILE A 523 7.82 39.88 -16.79
N SER A 524 8.39 38.99 -17.58
CA SER A 524 8.46 37.57 -17.27
C SER A 524 9.81 37.22 -16.66
N ASN A 525 10.11 35.95 -16.56
CA ASN A 525 11.36 35.48 -15.98
C ASN A 525 11.91 34.30 -16.79
N PRO A 526 12.96 34.48 -17.61
CA PRO A 526 13.74 35.69 -17.89
C PRO A 526 13.13 36.56 -18.97
N ALA A 527 13.52 37.82 -19.06
CA ALA A 527 13.04 38.72 -20.10
C ALA A 527 14.15 39.66 -20.51
N VAL A 528 14.10 40.11 -21.76
CA VAL A 528 15.10 41.01 -22.32
C VAL A 528 14.40 42.33 -22.65
N ILE A 529 14.98 43.43 -22.17
CA ILE A 529 14.40 44.77 -22.33
C ILE A 529 15.41 45.63 -23.08
N ARG A 530 14.91 46.45 -23.99
CA ARG A 530 15.75 47.32 -24.81
C ARG A 530 15.46 48.78 -24.45
N LEU A 531 16.50 49.52 -24.07
CA LEU A 531 16.38 50.92 -23.68
C LEU A 531 17.39 51.73 -24.48
N HIS A 532 16.90 52.49 -25.46
CA HIS A 532 17.76 53.34 -26.29
C HIS A 532 18.82 52.50 -27.01
N GLY A 533 18.44 51.32 -27.47
CA GLY A 533 19.33 50.48 -28.26
C GLY A 533 20.28 49.62 -27.47
N ARG A 534 20.15 49.57 -26.15
CA ARG A 534 21.01 48.74 -25.31
C ARG A 534 20.17 47.60 -24.72
N ASP A 535 20.64 46.37 -24.91
CA ASP A 535 19.88 45.19 -24.50
C ASP A 535 20.16 44.86 -23.05
N PHE A 536 19.10 44.76 -22.25
CA PHE A 536 19.17 44.42 -20.84
C PHE A 536 18.55 43.04 -20.67
N LEU A 537 19.26 42.14 -19.98
CA LEU A 537 18.73 40.83 -19.65
C LEU A 537 18.47 40.78 -18.15
N ILE A 538 17.25 40.42 -17.77
CA ILE A 538 16.81 40.44 -16.38
C ILE A 538 16.37 39.03 -16.02
N ALA A 539 16.98 38.48 -14.96
CA ALA A 539 16.62 37.17 -14.44
C ALA A 539 16.75 37.19 -12.93
N HIS A 540 16.04 36.29 -12.26
CA HIS A 540 16.09 36.27 -10.81
C HIS A 540 17.48 35.84 -10.32
N GLY A 541 17.91 34.65 -10.72
CA GLY A 541 19.24 34.19 -10.37
C GLY A 541 19.25 32.92 -9.54
N ARG A 542 18.25 32.06 -9.75
CA ARG A 542 18.24 30.79 -9.04
C ARG A 542 19.34 29.86 -9.51
N GLY A 543 19.94 30.13 -10.67
CA GLY A 543 20.95 29.24 -11.20
C GLY A 543 22.30 29.38 -10.52
N ILE A 544 22.52 30.46 -9.78
CA ILE A 544 23.82 30.69 -9.16
C ILE A 544 24.12 29.61 -8.13
N GLU A 545 23.09 29.11 -7.43
CA GLU A 545 23.30 28.12 -6.40
C GLU A 545 23.93 26.85 -6.95
N ASP A 546 23.45 26.37 -8.10
CA ASP A 546 24.02 25.16 -8.68
C ASP A 546 25.49 25.35 -9.03
N VAL A 547 25.85 26.50 -9.58
CA VAL A 547 27.24 26.77 -9.93
C VAL A 547 28.10 26.78 -8.67
N VAL A 548 27.63 27.46 -7.62
CA VAL A 548 28.40 27.55 -6.39
C VAL A 548 28.56 26.17 -5.76
N SER A 549 27.55 25.33 -5.88
CA SER A 549 27.64 23.99 -5.31
C SER A 549 28.54 23.09 -6.13
N PHE A 550 28.62 23.30 -7.44
CA PHE A 550 29.36 22.42 -8.32
C PHE A 550 30.76 22.93 -8.65
N VAL A 551 31.13 24.12 -8.22
CA VAL A 551 32.44 24.69 -8.48
C VAL A 551 33.07 25.08 -7.13
N PRO A 552 33.96 24.25 -6.59
CA PRO A 552 34.60 24.62 -5.32
C PRO A 552 35.39 25.91 -5.46
N GLY A 553 35.41 26.68 -4.38
CA GLY A 553 36.12 27.94 -4.34
C GLY A 553 35.26 29.17 -4.57
N LEU A 554 34.03 28.99 -5.05
CA LEU A 554 33.10 30.09 -5.24
C LEU A 554 32.13 30.16 -4.08
N THR A 555 31.79 31.39 -3.68
CA THR A 555 30.99 31.63 -2.50
C THR A 555 29.90 32.66 -2.80
N HIS A 556 28.91 32.71 -1.91
CA HIS A 556 27.81 33.66 -2.07
C HIS A 556 28.27 35.10 -1.90
N HIS A 557 29.45 35.31 -1.32
CA HIS A 557 29.92 36.66 -1.04
C HIS A 557 30.54 37.35 -2.26
N LYS A 558 30.77 36.61 -3.34
CA LYS A 558 31.21 37.20 -4.60
C LYS A 558 30.40 36.58 -5.74
N PRO A 559 29.10 36.89 -5.80
CA PRO A 559 28.23 36.23 -6.79
C PRO A 559 28.56 36.56 -8.23
N GLY A 560 29.35 37.60 -8.50
CA GLY A 560 29.60 37.98 -9.88
C GLY A 560 30.26 36.89 -10.71
N LEU A 561 31.18 36.13 -10.12
CA LEU A 561 31.90 35.13 -10.88
C LEU A 561 30.98 33.99 -11.32
N PRO A 562 30.09 33.48 -10.46
CA PRO A 562 29.10 32.50 -10.95
C PRO A 562 28.24 33.02 -12.09
N MET A 563 27.82 34.30 -12.05
CA MET A 563 27.04 34.83 -13.16
C MET A 563 27.88 34.88 -14.43
N VAL A 564 29.16 35.23 -14.32
CA VAL A 564 30.04 35.21 -15.49
C VAL A 564 30.13 33.79 -16.05
N GLU A 565 30.19 32.80 -15.17
CA GLU A 565 30.23 31.41 -15.61
C GLU A 565 28.96 31.05 -16.38
N LEU A 566 27.80 31.41 -15.83
CA LEU A 566 26.54 31.12 -16.51
C LEU A 566 26.50 31.81 -17.87
N LEU A 567 27.02 33.02 -17.96
CA LEU A 567 27.09 33.70 -19.25
C LEU A 567 27.99 32.95 -20.22
N LYS A 568 29.13 32.45 -19.74
CA LYS A 568 30.05 31.73 -20.61
C LYS A 568 29.43 30.44 -21.12
N MET A 569 28.54 29.82 -20.33
CA MET A 569 27.81 28.65 -20.80
C MET A 569 26.59 29.00 -21.65
N ARG A 570 26.22 30.28 -21.69
CA ARG A 570 25.04 30.74 -22.45
C ARG A 570 23.78 29.98 -22.02
N HIS A 571 23.58 29.88 -20.71
CA HIS A 571 22.40 29.23 -20.16
C HIS A 571 22.22 29.70 -18.72
N LEU A 572 20.96 29.83 -18.31
CA LEU A 572 20.64 30.41 -17.01
C LEU A 572 20.47 29.36 -15.91
N ALA A 573 20.30 28.09 -16.26
CA ALA A 573 20.21 27.03 -15.26
C ALA A 573 20.44 25.69 -15.93
N PRO A 574 21.70 25.30 -16.19
CA PRO A 574 21.96 24.10 -16.99
C PRO A 574 21.60 22.80 -16.29
N THR A 575 22.04 22.62 -15.05
CA THR A 575 21.92 21.33 -14.40
C THR A 575 20.46 20.97 -14.17
N PHE A 576 20.16 19.68 -14.24
CA PHE A 576 18.83 19.15 -14.00
C PHE A 576 18.86 18.27 -12.75
N GLY A 577 17.79 18.33 -11.96
CA GLY A 577 17.69 17.50 -10.79
C GLY A 577 18.53 17.95 -9.61
N GLY A 578 18.89 19.22 -9.54
CA GLY A 578 19.70 19.72 -8.45
C GLY A 578 18.91 20.57 -7.47
N LYS A 579 19.24 21.86 -7.38
CA LYS A 579 18.59 22.79 -6.48
C LYS A 579 17.56 23.67 -7.18
N VAL A 580 17.30 23.44 -8.46
CA VAL A 580 16.38 24.27 -9.24
C VAL A 580 15.30 23.38 -9.84
N PRO A 581 14.04 23.81 -9.88
CA PRO A 581 13.02 23.04 -10.59
C PRO A 581 12.84 23.51 -12.02
N ILE A 582 12.73 22.54 -12.93
CA ILE A 582 12.60 22.82 -14.37
C ILE A 582 11.28 22.23 -14.83
N ALA A 583 10.44 23.08 -15.42
CA ALA A 583 9.11 22.66 -15.86
C ALA A 583 9.20 21.87 -17.16
N PRO A 584 8.28 20.92 -17.38
CA PRO A 584 8.32 20.14 -18.64
C PRO A 584 7.69 20.87 -19.82
N ASP A 585 8.48 21.70 -20.46
CA ASP A 585 8.07 22.42 -21.64
C ASP A 585 8.66 21.77 -22.89
N PRO A 586 7.97 21.81 -24.04
CA PRO A 586 8.52 21.23 -25.26
C PRO A 586 9.54 22.11 -25.98
N GLU A 587 10.09 23.11 -25.32
CA GLU A 587 11.13 23.96 -25.91
C GLU A 587 11.87 24.66 -24.79
N ASP A 588 13.16 24.86 -24.96
CA ASP A 588 14.00 25.49 -23.93
C ASP A 588 14.02 27.00 -24.16
N LEU A 589 13.63 27.76 -23.13
CA LEU A 589 13.59 29.21 -23.20
C LEU A 589 14.63 29.87 -22.30
N LEU A 590 15.54 29.10 -21.70
CA LEU A 590 16.53 29.65 -20.80
C LEU A 590 17.86 29.96 -21.46
N VAL A 591 18.06 29.55 -22.71
CA VAL A 591 19.35 29.82 -23.38
C VAL A 591 19.45 31.30 -23.69
N ILE A 592 20.69 31.79 -23.74
CA ILE A 592 20.97 33.19 -24.03
C ILE A 592 21.27 33.27 -25.53
N GLU A 593 20.22 33.48 -26.33
CA GLU A 593 20.40 33.47 -27.77
C GLU A 593 21.26 34.64 -28.24
N GLU A 594 20.93 35.85 -27.81
CA GLU A 594 21.64 37.05 -28.22
C GLU A 594 22.40 37.63 -27.04
N VAL A 595 23.64 38.06 -27.29
CA VAL A 595 24.51 38.56 -26.24
C VAL A 595 24.06 39.95 -25.83
N PRO A 596 23.78 40.21 -24.55
CA PRO A 596 23.29 41.52 -24.14
C PRO A 596 24.41 42.46 -23.71
N ASP A 597 24.01 43.68 -23.36
CA ASP A 597 24.94 44.69 -22.86
C ASP A 597 24.87 44.85 -21.35
N LEU A 598 23.99 44.12 -20.67
CA LEU A 598 23.92 44.14 -19.22
C LEU A 598 23.11 42.94 -18.76
N VAL A 599 23.52 42.36 -17.63
CA VAL A 599 22.83 41.22 -17.03
C VAL A 599 22.58 41.55 -15.56
N GLN A 600 21.36 41.34 -15.11
CA GLN A 600 20.97 41.59 -13.73
C GLN A 600 20.52 40.29 -13.09
N MET A 601 20.71 40.18 -11.77
CA MET A 601 20.29 38.98 -11.07
C MET A 601 20.05 39.32 -9.60
N GLY A 602 19.49 38.35 -8.88
CA GLY A 602 19.27 38.49 -7.45
C GLY A 602 19.35 37.15 -6.72
N HIS A 603 18.49 36.95 -5.73
CA HIS A 603 18.33 35.68 -5.04
C HIS A 603 19.41 35.39 -4.01
N VAL A 604 20.50 36.18 -3.99
CA VAL A 604 21.59 35.92 -3.06
C VAL A 604 21.75 37.00 -2.01
N HIS A 605 21.03 38.12 -2.13
CA HIS A 605 21.01 39.16 -1.11
C HIS A 605 22.38 39.79 -0.89
N VAL A 606 23.28 39.70 -1.87
CA VAL A 606 24.61 40.27 -1.77
C VAL A 606 24.88 41.07 -3.04
N TYR A 607 25.49 42.24 -2.89
CA TYR A 607 25.76 43.08 -4.04
C TYR A 607 27.08 42.68 -4.69
N ASP A 608 27.18 42.93 -6.00
CA ASP A 608 28.39 42.64 -6.74
C ASP A 608 28.28 43.25 -8.13
N ALA A 609 29.41 43.38 -8.80
CA ALA A 609 29.42 43.90 -10.16
C ALA A 609 30.78 43.62 -10.79
N VAL A 610 30.77 43.12 -12.03
CA VAL A 610 31.98 42.81 -12.77
C VAL A 610 31.72 43.07 -14.25
N VAL A 611 32.79 43.00 -15.04
CA VAL A 611 32.74 43.15 -16.48
C VAL A 611 33.47 41.97 -17.12
N TYR A 612 32.85 41.36 -18.12
CA TYR A 612 33.42 40.22 -18.83
C TYR A 612 33.23 40.41 -20.33
N ARG A 613 34.30 40.82 -21.02
CA ARG A 613 34.29 40.96 -22.46
C ARG A 613 33.20 41.93 -22.93
N GLY A 614 33.02 43.02 -22.19
CA GLY A 614 32.19 44.12 -22.63
C GLY A 614 30.74 44.08 -22.22
N VAL A 615 30.33 43.12 -21.40
CA VAL A 615 28.97 43.03 -20.89
C VAL A 615 29.03 43.10 -19.36
N GLN A 616 28.27 44.02 -18.79
CA GLN A 616 28.27 44.24 -17.35
C GLN A 616 27.32 43.26 -16.67
N LEU A 617 27.76 42.69 -15.56
CA LEU A 617 26.98 41.75 -14.76
C LEU A 617 26.83 42.32 -13.36
N VAL A 618 25.59 42.63 -12.98
CA VAL A 618 25.30 43.31 -11.72
C VAL A 618 24.33 42.47 -10.90
N ASN A 619 24.66 42.26 -9.64
CA ASN A 619 23.78 41.58 -8.70
C ASN A 619 23.26 42.61 -7.70
N SER A 620 21.96 42.88 -7.73
CA SER A 620 21.34 43.89 -6.90
C SER A 620 21.01 43.29 -5.54
N ALA A 621 21.40 43.98 -4.48
CA ALA A 621 21.25 43.44 -3.14
C ALA A 621 19.77 43.42 -2.73
N THR A 622 19.55 43.06 -1.47
CA THR A 622 18.20 42.92 -0.95
C THR A 622 17.79 44.13 -0.12
N TRP A 623 16.56 44.07 0.39
CA TRP A 623 16.07 45.00 1.40
C TRP A 623 15.60 44.26 2.65
N GLN A 624 16.05 43.02 2.85
CA GLN A 624 15.68 42.22 4.00
C GLN A 624 16.91 41.96 4.86
N ALA A 625 16.79 42.22 6.16
CA ALA A 625 17.91 42.02 7.06
C ALA A 625 18.18 40.54 7.26
N GLN A 626 19.35 40.23 7.80
CA GLN A 626 19.76 38.84 7.98
C GLN A 626 18.77 38.10 8.88
N THR A 627 18.37 36.92 8.45
CA THR A 627 17.40 36.09 9.16
C THR A 627 18.11 34.98 9.92
N GLU A 628 17.32 34.16 10.62
CA GLU A 628 17.90 33.08 11.41
C GLU A 628 18.60 32.06 10.52
N PHE A 629 17.99 31.72 9.38
CA PHE A 629 18.63 30.78 8.47
C PHE A 629 19.96 31.30 7.97
N GLN A 630 20.01 32.57 7.60
CA GLN A 630 21.26 33.15 7.14
C GLN A 630 22.31 33.21 8.24
N LYS A 631 21.89 33.24 9.50
CA LYS A 631 22.84 33.09 10.60
C LYS A 631 23.35 31.66 10.68
N MET A 632 22.44 30.68 10.63
CA MET A 632 22.84 29.28 10.76
C MET A 632 23.71 28.86 9.59
N VAL A 633 23.34 29.25 8.37
CA VAL A 633 24.14 28.92 7.19
C VAL A 633 25.30 29.88 6.99
N ASN A 634 25.38 30.95 7.78
CA ASN A 634 26.45 31.93 7.70
C ASN A 634 26.46 32.63 6.34
N ILE A 635 25.37 33.35 6.07
CA ILE A 635 25.26 34.23 4.91
C ILE A 635 25.14 35.65 5.41
N VAL A 636 25.98 36.54 4.90
CA VAL A 636 25.99 37.94 5.33
C VAL A 636 25.31 38.78 4.24
N PRO A 637 24.03 39.09 4.37
CA PRO A 637 23.39 39.95 3.38
C PRO A 637 23.91 41.37 3.43
N THR A 638 23.74 42.08 2.33
CA THR A 638 24.22 43.46 2.18
C THR A 638 23.06 44.33 1.74
N PRO A 639 22.10 44.58 2.63
CA PRO A 639 20.87 45.27 2.22
C PRO A 639 21.09 46.74 1.93
N ALA A 640 20.16 47.31 1.16
CA ALA A 640 20.05 48.74 0.91
C ALA A 640 21.08 49.25 -0.09
N LYS A 641 21.69 48.37 -0.88
CA LYS A 641 22.56 48.81 -1.96
C LYS A 641 21.76 48.95 -3.25
N VAL A 642 21.92 50.08 -3.93
CA VAL A 642 21.14 50.39 -5.11
C VAL A 642 22.06 50.83 -6.24
N PRO A 643 22.37 49.97 -7.21
CA PRO A 643 23.25 50.39 -8.31
C PRO A 643 22.60 51.45 -9.17
N VAL A 644 23.44 52.30 -9.77
CA VAL A 644 23.01 53.29 -10.76
C VAL A 644 23.82 53.04 -12.02
N VAL A 645 23.12 52.88 -13.14
CA VAL A 645 23.73 52.51 -14.41
C VAL A 645 23.44 53.58 -15.45
N ASP A 646 24.44 53.87 -16.28
CA ASP A 646 24.26 54.78 -17.41
C ASP A 646 23.72 53.99 -18.59
N VAL A 647 22.61 54.46 -19.16
CA VAL A 647 22.00 53.76 -20.28
C VAL A 647 22.84 53.85 -21.55
N GLU A 648 23.50 54.98 -21.79
CA GLU A 648 24.29 55.12 -23.02
C GLU A 648 25.43 54.11 -23.07
N SER A 649 26.13 53.92 -21.95
CA SER A 649 27.26 53.00 -21.91
C SER A 649 26.90 51.65 -21.30
N ALA A 650 25.77 51.55 -20.61
CA ALA A 650 25.38 50.33 -19.91
C ALA A 650 26.48 49.90 -18.95
N ARG A 651 26.85 50.80 -18.06
CA ARG A 651 27.86 50.55 -17.05
C ARG A 651 27.44 51.19 -15.74
N VAL A 652 27.85 50.58 -14.63
CA VAL A 652 27.50 51.06 -13.30
C VAL A 652 28.43 52.23 -12.96
N VAL A 653 27.86 53.42 -12.84
CA VAL A 653 28.67 54.61 -12.59
C VAL A 653 28.66 55.02 -11.13
N LYS A 654 27.60 54.69 -10.39
CA LYS A 654 27.48 55.12 -9.00
C LYS A 654 26.64 54.11 -8.24
N VAL A 655 26.95 53.95 -6.95
CA VAL A 655 26.22 53.05 -6.06
C VAL A 655 25.70 53.87 -4.89
N LEU A 656 24.39 53.86 -4.69
CA LEU A 656 23.82 54.48 -3.50
C LEU A 656 23.94 53.53 -2.32
N ASP A 657 23.65 54.05 -1.13
CA ASP A 657 23.75 53.25 0.09
C ASP A 657 22.86 53.89 1.15
N PHE A 658 21.69 53.27 1.38
CA PHE A 658 20.77 53.70 2.42
C PHE A 658 20.70 52.69 3.56
N SER A 659 21.83 52.06 3.90
CA SER A 659 21.86 51.03 4.92
C SER A 659 21.90 51.58 6.33
N GLY A 660 22.01 52.91 6.49
CA GLY A 660 22.12 53.46 7.83
C GLY A 660 20.95 53.10 8.73
N TRP A 661 19.74 53.20 8.20
CA TRP A 661 18.53 52.97 8.97
C TRP A 661 18.01 51.53 8.87
N CYS A 662 18.66 50.68 8.08
CA CYS A 662 18.22 49.30 7.90
C CYS A 662 18.83 48.38 8.97
N PRO B 4 4.07 -24.51 46.63
CA PRO B 4 4.88 -25.42 47.43
C PRO B 4 5.12 -26.75 46.71
N LYS B 5 4.04 -27.51 46.52
CA LYS B 5 4.10 -28.80 45.85
C LYS B 5 3.30 -28.85 44.56
N GLU B 6 2.22 -28.08 44.45
CA GLU B 6 1.47 -28.01 43.20
C GLU B 6 2.33 -27.42 42.10
N MET B 7 3.13 -26.41 42.43
CA MET B 7 4.04 -25.83 41.44
C MET B 7 5.05 -26.86 40.96
N GLU B 8 5.59 -27.66 41.87
CA GLU B 8 6.56 -28.67 41.47
C GLU B 8 5.90 -29.74 40.59
N GLU B 9 4.69 -30.15 40.93
CA GLU B 9 3.98 -31.09 40.07
C GLU B 9 3.73 -30.51 38.69
N TYR B 10 3.37 -29.23 38.63
CA TYR B 10 3.13 -28.57 37.35
C TYR B 10 4.38 -28.58 36.49
N PHE B 11 5.51 -28.20 37.07
CA PHE B 11 6.76 -28.15 36.31
C PHE B 11 7.20 -29.54 35.90
N GLU B 12 6.96 -30.54 36.75
CA GLU B 12 7.29 -31.91 36.39
C GLU B 12 6.47 -32.38 35.19
N MET B 13 5.18 -32.06 35.16
CA MET B 13 4.35 -32.42 34.01
C MET B 13 4.84 -31.73 32.74
N LEU B 14 5.19 -30.45 32.84
CA LEU B 14 5.72 -29.75 31.68
C LEU B 14 6.97 -30.43 31.14
N GLN B 15 7.90 -30.79 32.04
CA GLN B 15 9.12 -31.45 31.60
C GLN B 15 8.81 -32.82 30.99
N ARG B 16 7.82 -33.52 31.53
CA ARG B 16 7.45 -34.82 31.00
C ARG B 16 6.97 -34.70 29.56
N GLU B 17 6.09 -33.74 29.29
CA GLU B 17 5.60 -33.55 27.93
C GLU B 17 6.71 -33.13 26.97
N ILE B 18 7.60 -32.26 27.45
CA ILE B 18 8.72 -31.82 26.61
C ILE B 18 9.60 -33.01 26.24
N ASP B 19 9.89 -33.89 27.21
CA ASP B 19 10.66 -35.10 26.91
C ASP B 19 9.93 -35.97 25.91
N LYS B 20 8.60 -36.10 26.06
CA LYS B 20 7.83 -36.94 25.16
C LYS B 20 7.97 -36.46 23.72
N ALA B 21 7.94 -35.15 23.49
CA ALA B 21 8.13 -34.64 22.13
C ALA B 21 9.58 -34.79 21.67
N TYR B 22 10.54 -34.53 22.56
CA TYR B 22 11.94 -34.57 22.18
C TYR B 22 12.36 -35.97 21.74
N GLU B 23 11.80 -37.00 22.37
CA GLU B 23 12.20 -38.37 22.00
C GLU B 23 11.85 -38.66 20.54
N ILE B 24 10.65 -38.28 20.11
CA ILE B 24 10.25 -38.50 18.73
C ILE B 24 11.10 -37.64 17.78
N ALA B 25 11.34 -36.39 18.16
CA ALA B 25 12.18 -35.55 17.31
C ALA B 25 13.57 -36.14 17.13
N LYS B 26 14.16 -36.68 18.20
CA LYS B 26 15.46 -37.33 18.10
C LYS B 26 15.39 -38.59 17.24
N LYS B 27 14.32 -39.37 17.38
CA LYS B 27 14.20 -40.61 16.61
C LYS B 27 14.11 -40.32 15.11
N ALA B 28 13.35 -39.29 14.73
CA ALA B 28 13.20 -38.97 13.32
C ALA B 28 14.51 -38.47 12.72
N ARG B 29 15.22 -37.61 13.44
CA ARG B 29 16.38 -36.92 12.88
C ARG B 29 17.59 -37.82 12.70
N ALA B 30 17.58 -39.03 13.26
CA ALA B 30 18.73 -39.91 13.20
C ALA B 30 18.77 -40.77 11.94
N GLN B 31 17.77 -40.64 11.06
CA GLN B 31 17.72 -41.40 9.83
C GLN B 31 18.54 -40.78 8.70
N GLY B 32 19.06 -39.58 8.89
CA GLY B 32 19.94 -38.99 7.91
C GLY B 32 19.28 -38.32 6.74
N LYS B 33 18.05 -37.82 6.92
CA LYS B 33 17.34 -37.11 5.86
C LYS B 33 17.39 -35.60 6.05
N ASP B 34 18.20 -35.11 6.96
CA ASP B 34 18.25 -33.71 7.35
C ASP B 34 19.69 -33.24 7.45
N PRO B 35 19.92 -31.93 7.50
CA PRO B 35 21.30 -31.42 7.52
C PRO B 35 22.12 -31.93 8.69
N SER B 36 21.49 -32.30 9.80
CA SER B 36 22.18 -32.78 10.99
C SER B 36 21.53 -34.07 11.46
N LEU B 37 22.30 -34.85 12.21
CA LEU B 37 21.84 -36.12 12.76
C LEU B 37 21.31 -35.98 14.18
N ASP B 38 20.94 -34.77 14.59
CA ASP B 38 20.39 -34.56 15.92
C ASP B 38 19.64 -33.23 15.94
N VAL B 39 18.80 -33.06 16.96
CA VAL B 39 18.03 -31.83 17.08
C VAL B 39 18.97 -30.66 17.31
N GLU B 40 18.57 -29.49 16.82
CA GLU B 40 19.41 -28.30 16.85
C GLU B 40 18.79 -27.20 17.70
N ILE B 41 18.13 -27.59 18.80
CA ILE B 41 17.59 -26.63 19.76
C ILE B 41 17.80 -27.19 21.17
N PRO B 42 18.90 -26.88 21.84
CA PRO B 42 19.08 -27.35 23.21
C PRO B 42 18.11 -26.68 24.16
N GLN B 43 17.85 -27.34 25.28
CA GLN B 43 16.96 -26.81 26.30
C GLN B 43 17.76 -26.36 27.52
N ALA B 44 17.41 -25.19 28.04
CA ALA B 44 18.04 -24.59 29.22
C ALA B 44 17.08 -24.67 30.40
N THR B 45 17.54 -24.16 31.54
CA THR B 45 16.71 -24.11 32.74
C THR B 45 16.84 -22.79 33.51
N ASP B 46 17.90 -22.02 33.28
CA ASP B 46 18.11 -20.77 34.00
C ASP B 46 19.01 -19.89 33.17
N MET B 47 19.32 -18.71 33.72
CA MET B 47 20.12 -17.74 32.97
C MET B 47 21.49 -18.27 32.63
N ALA B 48 22.12 -18.99 33.57
CA ALA B 48 23.48 -19.49 33.34
C ALA B 48 23.52 -20.43 32.14
N GLY B 49 22.53 -21.33 32.04
CA GLY B 49 22.48 -22.23 30.89
C GLY B 49 22.33 -21.49 29.58
N ARG B 50 21.43 -20.50 29.54
CA ARG B 50 21.24 -19.72 28.33
C ARG B 50 22.51 -19.01 27.93
N VAL B 51 23.21 -18.41 28.89
CA VAL B 51 24.45 -17.70 28.59
C VAL B 51 25.51 -18.67 28.08
N GLU B 52 25.67 -19.80 28.77
CA GLU B 52 26.69 -20.76 28.35
C GLU B 52 26.42 -21.27 26.95
N SER B 53 25.14 -21.52 26.62
CA SER B 53 24.81 -21.99 25.29
C SER B 53 25.07 -20.91 24.24
N LEU B 54 24.60 -19.69 24.50
CA LEU B 54 24.59 -18.68 23.45
C LEU B 54 26.00 -18.17 23.14
N VAL B 55 26.81 -17.88 24.16
CA VAL B 55 28.10 -17.24 23.95
C VAL B 55 29.25 -18.08 24.51
N GLY B 56 28.98 -18.89 25.52
CA GLY B 56 30.01 -19.65 26.18
C GLY B 56 30.90 -18.76 27.02
N PRO B 57 32.11 -19.22 27.38
CA PRO B 57 32.76 -20.50 27.05
C PRO B 57 32.31 -21.67 27.94
N PRO B 58 32.70 -22.89 27.58
CA PRO B 58 32.18 -24.06 28.31
C PRO B 58 32.57 -24.04 29.77
N GLY B 59 31.65 -24.54 30.60
CA GLY B 59 31.88 -24.67 32.02
C GLY B 59 31.63 -23.40 32.83
N VAL B 60 31.29 -22.29 32.18
CA VAL B 60 31.05 -21.05 32.90
C VAL B 60 29.74 -21.05 33.67
N ALA B 61 28.88 -22.05 33.43
CA ALA B 61 27.58 -22.08 34.08
C ALA B 61 27.72 -22.18 35.60
N LYS B 62 28.60 -23.08 36.08
CA LYS B 62 28.75 -23.25 37.51
C LYS B 62 29.28 -21.98 38.17
N ARG B 63 30.28 -21.35 37.56
CA ARG B 63 30.82 -20.12 38.11
C ARG B 63 29.77 -19.03 38.14
N ILE B 64 28.99 -18.90 37.07
CA ILE B 64 27.92 -17.90 37.05
C ILE B 64 26.94 -18.15 38.18
N ARG B 65 26.53 -19.40 38.35
CA ARG B 65 25.55 -19.72 39.39
C ARG B 65 26.08 -19.34 40.77
N GLU B 66 27.30 -19.79 41.09
CA GLU B 66 27.82 -19.55 42.43
C GLU B 66 28.04 -18.06 42.68
N LEU B 67 28.61 -17.34 41.71
CA LEU B 67 28.82 -15.90 41.92
C LEU B 67 27.50 -15.18 42.07
N VAL B 68 26.48 -15.56 41.29
CA VAL B 68 25.19 -14.89 41.40
C VAL B 68 24.58 -15.15 42.77
N LYS B 69 24.65 -16.39 43.25
CA LYS B 69 24.08 -16.68 44.56
C LYS B 69 24.84 -15.96 45.67
N GLU B 70 26.13 -15.72 45.48
CA GLU B 70 26.91 -15.05 46.52
C GLU B 70 26.68 -13.55 46.54
N TYR B 71 26.98 -12.86 45.43
CA TYR B 71 27.00 -11.40 45.40
C TYR B 71 25.72 -10.80 44.85
N GLY B 72 25.28 -11.24 43.67
CA GLY B 72 24.13 -10.63 43.02
C GLY B 72 24.11 -10.90 41.52
N LYS B 73 23.97 -9.85 40.71
CA LYS B 73 24.08 -9.97 39.26
C LYS B 73 25.22 -9.14 38.69
N GLU B 74 25.32 -7.87 39.07
CA GLU B 74 26.36 -7.00 38.51
C GLU B 74 27.73 -7.40 39.01
N ILE B 75 27.86 -7.60 40.33
CA ILE B 75 29.13 -8.01 40.89
C ILE B 75 29.56 -9.35 40.32
N ALA B 76 28.61 -10.26 40.16
CA ALA B 76 28.91 -11.56 39.57
C ALA B 76 29.39 -11.41 38.13
N ALA B 77 28.74 -10.54 37.36
CA ALA B 77 29.16 -10.32 35.98
C ALA B 77 30.59 -9.81 35.91
N LEU B 78 30.93 -8.82 36.74
CA LEU B 78 32.27 -8.25 36.69
C LEU B 78 33.31 -9.24 37.20
N LYS B 79 32.97 -10.02 38.22
CA LYS B 79 33.90 -11.04 38.70
C LYS B 79 34.14 -12.09 37.63
N ILE B 80 33.12 -12.45 36.86
CA ILE B 80 33.32 -13.38 35.75
C ILE B 80 34.22 -12.74 34.70
N VAL B 81 34.04 -11.44 34.44
CA VAL B 81 34.92 -10.75 33.52
C VAL B 81 36.37 -10.92 33.95
N ASP B 82 36.64 -10.67 35.24
CA ASP B 82 38.00 -10.79 35.75
C ASP B 82 38.51 -12.23 35.64
N GLU B 83 37.67 -13.20 35.98
CA GLU B 83 38.09 -14.59 35.95
C GLU B 83 38.47 -15.01 34.54
N ILE B 84 37.69 -14.58 33.54
CA ILE B 84 38.02 -14.91 32.16
C ILE B 84 39.28 -14.18 31.72
N ILE B 85 39.43 -12.92 32.13
CA ILE B 85 40.61 -12.15 31.74
C ILE B 85 41.88 -12.81 32.26
N GLU B 86 41.86 -13.26 33.52
CA GLU B 86 43.03 -13.95 34.06
C GLU B 86 43.37 -15.20 33.26
N GLY B 87 42.37 -15.82 32.63
CA GLY B 87 42.61 -16.95 31.75
C GLY B 87 42.67 -18.29 32.44
N LYS B 88 41.64 -18.64 33.19
CA LYS B 88 41.54 -19.94 33.84
C LYS B 88 40.60 -20.90 33.14
N PHE B 89 40.03 -20.50 31.99
CA PHE B 89 39.15 -21.36 31.22
C PHE B 89 39.83 -21.92 29.98
N GLY B 90 41.15 -21.83 29.90
CA GLY B 90 41.90 -22.33 28.77
C GLY B 90 42.48 -21.18 27.97
N ASP B 91 43.68 -21.41 27.41
CA ASP B 91 44.32 -20.38 26.59
C ASP B 91 43.52 -20.16 25.31
N LEU B 92 43.35 -18.89 24.95
CA LEU B 92 42.61 -18.50 23.76
C LEU B 92 43.50 -17.94 22.67
N GLY B 93 44.30 -16.93 22.97
CA GLY B 93 45.16 -16.32 21.98
C GLY B 93 45.48 -14.86 22.24
N SER B 94 45.26 -14.02 21.24
CA SER B 94 45.68 -12.63 21.33
C SER B 94 44.87 -11.87 22.38
N ARG B 95 45.28 -10.63 22.63
CA ARG B 95 44.57 -9.79 23.59
C ARG B 95 43.16 -9.50 23.13
N GLU B 96 42.98 -9.20 21.84
CA GLU B 96 41.65 -8.88 21.34
C GLU B 96 40.70 -10.05 21.52
N LYS B 97 41.19 -11.29 21.38
CA LYS B 97 40.33 -12.44 21.62
C LYS B 97 39.82 -12.46 23.05
N TYR B 98 40.71 -12.21 24.02
CA TYR B 98 40.30 -12.17 25.41
C TYR B 98 39.27 -11.07 25.65
N ALA B 99 39.53 -9.88 25.09
CA ALA B 99 38.60 -8.77 25.29
C ALA B 99 37.24 -9.09 24.70
N GLU B 100 37.20 -9.65 23.49
CA GLU B 100 35.93 -9.98 22.85
C GLU B 100 35.17 -11.02 23.65
N GLN B 101 35.86 -12.09 24.07
CA GLN B 101 35.17 -13.13 24.83
C GLN B 101 34.62 -12.57 26.14
N ALA B 102 35.41 -11.76 26.84
CA ALA B 102 34.96 -11.22 28.11
C ALA B 102 33.76 -10.31 27.93
N VAL B 103 33.79 -9.42 26.93
CA VAL B 103 32.67 -8.51 26.74
C VAL B 103 31.41 -9.28 26.37
N ARG B 104 31.54 -10.29 25.49
CA ARG B 104 30.36 -11.06 25.10
C ARG B 104 29.76 -11.77 26.30
N THR B 105 30.58 -12.50 27.06
CA THR B 105 30.04 -13.22 28.21
C THR B 105 29.40 -12.27 29.21
N ALA B 106 30.04 -11.13 29.47
CA ALA B 106 29.53 -10.21 30.48
C ALA B 106 28.21 -9.58 30.04
N LEU B 107 28.12 -9.13 28.79
CA LEU B 107 26.88 -8.51 28.34
C LEU B 107 25.76 -9.55 28.22
N ALA B 108 26.10 -10.82 28.01
CA ALA B 108 25.08 -11.86 28.09
C ALA B 108 24.62 -12.06 29.53
N ILE B 109 25.54 -11.99 30.49
CA ILE B 109 25.17 -12.20 31.88
C ILE B 109 24.28 -11.07 32.38
N LEU B 110 24.57 -9.84 31.97
CA LEU B 110 23.86 -8.70 32.55
C LEU B 110 22.46 -8.55 31.99
N THR B 111 22.20 -9.00 30.76
CA THR B 111 20.90 -8.89 30.13
C THR B 111 20.08 -10.16 30.25
N GLU B 112 20.49 -11.09 31.11
CA GLU B 112 19.83 -12.38 31.34
C GLU B 112 19.96 -13.34 30.18
N GLY B 113 20.70 -12.99 29.14
CA GLY B 113 20.90 -13.91 28.04
C GLY B 113 19.67 -14.21 27.22
N ILE B 114 18.84 -13.20 26.95
CA ILE B 114 17.68 -13.35 26.07
C ILE B 114 17.87 -12.59 24.77
N VAL B 115 18.09 -11.27 24.86
CA VAL B 115 18.26 -10.47 23.64
C VAL B 115 19.50 -10.93 22.89
N SER B 116 19.56 -10.54 21.63
CA SER B 116 20.62 -10.95 20.72
C SER B 116 21.73 -9.92 20.60
N ALA B 117 21.77 -8.92 21.48
CA ALA B 117 22.84 -7.92 21.41
C ALA B 117 24.23 -8.54 21.52
N PRO B 118 24.51 -9.42 22.49
CA PRO B 118 25.87 -9.98 22.58
C PRO B 118 26.34 -10.67 21.31
N ILE B 119 25.42 -11.24 20.52
CA ILE B 119 25.77 -12.03 19.34
C ILE B 119 25.68 -11.21 18.06
N GLU B 120 24.61 -10.43 17.91
CA GLU B 120 24.40 -9.66 16.70
C GLU B 120 24.87 -8.21 16.79
N GLY B 121 24.60 -7.53 17.91
CA GLY B 121 24.91 -6.11 17.96
C GLY B 121 26.40 -5.84 17.88
N ILE B 122 27.19 -6.59 18.63
CA ILE B 122 28.64 -6.39 18.67
C ILE B 122 29.25 -7.19 17.52
N ALA B 123 29.82 -6.47 16.55
CA ALA B 123 30.40 -7.11 15.37
C ALA B 123 31.88 -7.41 15.55
N ASN B 124 32.62 -6.54 16.23
CA ASN B 124 34.05 -6.75 16.42
C ASN B 124 34.59 -5.73 17.41
N VAL B 125 35.59 -6.15 18.18
CA VAL B 125 36.33 -5.29 19.08
C VAL B 125 37.79 -5.30 18.65
N LYS B 126 38.38 -4.11 18.51
CA LYS B 126 39.75 -3.96 18.05
C LYS B 126 40.45 -2.89 18.85
N ILE B 127 41.79 -2.94 18.81
CA ILE B 127 42.64 -1.98 19.50
C ILE B 127 43.22 -1.04 18.44
N LYS B 128 43.05 0.27 18.65
CA LYS B 128 43.53 1.28 17.73
C LYS B 128 44.41 2.28 18.46
N ARG B 129 45.31 2.90 17.71
CA ARG B 129 46.27 3.86 18.26
C ARG B 129 45.84 5.28 17.93
N ASN B 130 45.95 6.16 18.93
CA ASN B 130 45.61 7.57 18.75
C ASN B 130 46.69 8.25 17.91
N THR B 131 46.77 7.89 16.63
CA THR B 131 47.90 8.30 15.80
C THR B 131 48.05 9.81 15.71
N TRP B 132 46.95 10.55 15.59
CA TRP B 132 47.06 11.97 15.32
C TRP B 132 47.77 12.73 16.43
N ALA B 133 47.52 12.41 17.70
CA ALA B 133 48.04 13.24 18.79
C ALA B 133 49.15 12.54 19.57
N ASP B 134 48.87 11.35 20.10
CA ASP B 134 49.83 10.70 20.99
C ASP B 134 50.22 9.30 20.52
N ASN B 135 49.43 8.67 19.66
CA ASN B 135 49.67 7.32 19.16
C ASN B 135 49.38 6.25 20.20
N SER B 136 48.79 6.62 21.34
CA SER B 136 48.52 5.65 22.39
C SER B 136 47.35 4.76 22.03
N GLU B 137 47.31 3.58 22.64
CA GLU B 137 46.31 2.58 22.32
C GLU B 137 44.96 2.93 22.94
N TYR B 138 43.88 2.50 22.29
CA TYR B 138 42.54 2.57 22.85
C TYR B 138 41.68 1.50 22.21
N LEU B 139 40.54 1.22 22.83
CA LEU B 139 39.65 0.14 22.43
C LEU B 139 38.48 0.69 21.61
N ALA B 140 38.12 -0.03 20.56
CA ALA B 140 37.03 0.35 19.67
C ALA B 140 36.06 -0.82 19.54
N LEU B 141 34.76 -0.52 19.57
CA LEU B 141 33.70 -1.52 19.44
C LEU B 141 32.94 -1.27 18.14
N TYR B 142 32.85 -2.30 17.31
CA TYR B 142 32.12 -2.24 16.06
C TYR B 142 30.69 -2.71 16.29
N TYR B 143 29.72 -1.88 15.92
CA TYR B 143 28.30 -2.17 16.16
C TYR B 143 27.59 -2.30 14.82
N ALA B 144 26.83 -3.37 14.65
CA ALA B 144 26.12 -3.63 13.41
C ALA B 144 24.71 -3.06 13.47
N GLY B 145 23.90 -3.42 12.46
CA GLY B 145 22.52 -2.98 12.39
C GLY B 145 21.61 -3.51 13.48
N PRO B 146 21.68 -4.80 13.81
CA PRO B 146 20.75 -5.35 14.82
C PRO B 146 20.92 -4.75 16.22
N ILE B 147 21.87 -3.85 16.44
CA ILE B 147 21.93 -3.14 17.72
C ILE B 147 20.81 -2.12 17.84
N ARG B 148 20.16 -1.76 16.73
CA ARG B 148 19.09 -0.78 16.78
C ARG B 148 17.84 -1.32 17.49
N SER B 149 17.79 -2.63 17.76
CA SER B 149 16.62 -3.25 18.37
C SER B 149 16.84 -3.69 19.81
N SER B 150 18.08 -3.77 20.27
CA SER B 150 18.34 -4.37 21.57
C SER B 150 17.65 -3.60 22.70
N GLY B 151 17.86 -2.29 22.76
CA GLY B 151 17.28 -1.48 23.82
C GLY B 151 18.29 -0.56 24.48
N GLY B 152 17.78 0.50 25.11
CA GLY B 152 18.67 1.48 25.72
C GLY B 152 19.53 0.88 26.80
N THR B 153 18.93 0.05 27.66
CA THR B 153 19.70 -0.56 28.74
C THR B 153 20.79 -1.47 28.18
N ALA B 154 20.46 -2.25 27.14
CA ALA B 154 21.46 -3.13 26.56
C ALA B 154 22.62 -2.33 25.97
N GLN B 155 22.31 -1.26 25.24
CA GLN B 155 23.38 -0.43 24.67
C GLN B 155 24.24 0.20 25.76
N ALA B 156 23.60 0.73 26.81
CA ALA B 156 24.35 1.36 27.88
C ALA B 156 25.25 0.36 28.58
N LEU B 157 24.75 -0.84 28.86
CA LEU B 157 25.56 -1.84 29.53
C LEU B 157 26.69 -2.33 28.63
N SER B 158 26.46 -2.40 27.32
CA SER B 158 27.55 -2.73 26.41
C SER B 158 28.67 -1.70 26.50
N VAL B 159 28.30 -0.42 26.47
CA VAL B 159 29.31 0.64 26.58
C VAL B 159 30.04 0.53 27.91
N LEU B 160 29.31 0.32 29.00
CA LEU B 160 29.92 0.26 30.32
C LEU B 160 30.88 -0.91 30.43
N VAL B 161 30.49 -2.09 29.94
CA VAL B 161 31.35 -3.26 30.05
C VAL B 161 32.56 -3.11 29.15
N GLY B 162 32.41 -2.50 27.98
CA GLY B 162 33.58 -2.21 27.17
C GLY B 162 34.55 -1.29 27.89
N ASP B 163 34.02 -0.25 28.55
CA ASP B 163 34.87 0.65 29.32
C ASP B 163 35.57 -0.08 30.45
N TYR B 164 34.86 -0.97 31.16
CA TYR B 164 35.49 -1.73 32.23
C TYR B 164 36.60 -2.63 31.70
N VAL B 165 36.36 -3.29 30.57
CA VAL B 165 37.36 -4.20 30.02
C VAL B 165 38.59 -3.43 29.56
N ARG B 166 38.38 -2.29 28.88
CA ARG B 166 39.52 -1.51 28.42
C ARG B 166 40.29 -0.91 29.58
N ARG B 167 39.60 -0.53 30.65
CA ARG B 167 40.31 -0.09 31.86
C ARG B 167 41.14 -1.23 32.44
N LYS B 168 40.58 -2.44 32.48
CA LYS B 168 41.31 -3.58 33.02
C LYS B 168 42.46 -4.00 32.12
N LEU B 169 42.42 -3.66 30.84
CA LEU B 169 43.44 -4.07 29.90
C LEU B 169 44.61 -3.08 29.82
N GLY B 170 44.60 -2.02 30.63
CA GLY B 170 45.68 -1.06 30.60
C GLY B 170 45.79 -0.31 29.29
N LEU B 171 44.67 0.19 28.77
CA LEU B 171 44.65 0.97 27.55
C LEU B 171 44.29 2.42 27.88
N ASP B 172 44.84 3.34 27.09
CA ASP B 172 44.62 4.76 27.34
C ASP B 172 43.24 5.19 26.88
N ARG B 173 42.81 6.34 27.39
CA ARG B 173 41.52 6.89 27.03
C ARG B 173 41.50 7.29 25.56
N PHE B 174 40.34 7.12 24.92
CA PHE B 174 40.18 7.61 23.56
C PHE B 174 40.23 9.13 23.54
N LYS B 175 40.89 9.69 22.53
CA LYS B 175 41.14 11.13 22.46
C LYS B 175 40.86 11.62 21.04
N PRO B 176 39.67 12.16 20.80
CA PRO B 176 39.31 12.58 19.44
C PRO B 176 39.83 13.96 19.10
N SER B 177 39.68 14.31 17.81
CA SER B 177 39.96 15.64 17.33
C SER B 177 38.68 16.45 17.28
N GLU B 178 38.81 17.73 16.90
CA GLU B 178 37.63 18.58 16.77
C GLU B 178 36.81 18.19 15.55
N LYS B 179 37.49 17.80 14.47
CA LYS B 179 36.77 17.34 13.29
C LYS B 179 35.97 16.07 13.59
N HIS B 180 36.45 15.24 14.52
CA HIS B 180 35.68 14.08 14.93
C HIS B 180 34.35 14.52 15.53
N ILE B 181 34.39 15.51 16.44
CA ILE B 181 33.17 15.98 17.08
C ILE B 181 32.23 16.58 16.03
N GLU B 182 32.78 17.37 15.11
CA GLU B 182 31.94 18.00 14.09
C GLU B 182 31.30 16.94 13.19
N ARG B 183 32.06 15.92 12.80
CA ARG B 183 31.50 14.87 11.95
C ARG B 183 30.43 14.10 12.70
N MET B 184 30.63 13.84 13.99
CA MET B 184 29.61 13.13 14.75
C MET B 184 28.33 13.94 14.85
N VAL B 185 28.45 15.25 15.08
CA VAL B 185 27.26 16.10 15.13
C VAL B 185 26.54 16.09 13.78
N GLU B 186 27.30 16.21 12.69
CA GLU B 186 26.66 16.18 11.37
C GLU B 186 26.00 14.84 11.11
N GLU B 187 26.63 13.74 11.54
CA GLU B 187 26.02 12.43 11.37
C GLU B 187 24.72 12.32 12.13
N VAL B 188 24.69 12.82 13.37
CA VAL B 188 23.45 12.80 14.13
C VAL B 188 22.36 13.58 13.40
N ASP B 189 22.71 14.78 12.92
CA ASP B 189 21.72 15.60 12.22
C ASP B 189 21.23 14.91 10.96
N LEU B 190 22.15 14.32 10.18
CA LEU B 190 21.77 13.66 8.94
C LEU B 190 20.87 12.47 9.21
N TYR B 191 21.21 11.66 10.21
CA TYR B 191 20.36 10.54 10.56
C TYR B 191 18.98 11.01 10.97
N HIS B 192 18.91 12.06 11.78
CA HIS B 192 17.60 12.56 12.22
C HIS B 192 16.78 13.05 11.05
N ARG B 193 17.40 13.74 10.10
CA ARG B 193 16.63 14.37 9.02
C ARG B 193 16.46 13.47 7.80
N ALA B 194 17.09 12.30 7.76
CA ALA B 194 17.02 11.46 6.57
C ALA B 194 16.64 10.00 6.83
N VAL B 195 16.69 9.53 8.08
CA VAL B 195 16.46 8.12 8.36
C VAL B 195 15.31 7.93 9.34
N THR B 196 15.48 8.43 10.57
CA THR B 196 14.50 8.21 11.61
C THR B 196 14.56 9.36 12.62
N ARG B 197 13.46 9.53 13.36
CA ARG B 197 13.39 10.58 14.36
C ARG B 197 14.08 10.19 15.66
N LEU B 198 14.43 8.90 15.83
CA LEU B 198 15.21 8.42 16.96
C LEU B 198 14.42 8.44 18.27
N GLN B 199 13.18 8.96 18.25
CA GLN B 199 12.38 9.07 19.45
C GLN B 199 13.09 9.87 20.54
N TYR B 200 14.13 10.61 20.15
CA TYR B 200 15.00 11.32 21.09
C TYR B 200 15.98 12.13 20.26
N HIS B 201 16.37 13.29 20.80
CA HIS B 201 17.27 14.21 20.08
C HIS B 201 18.04 15.02 21.11
N PRO B 202 19.22 14.55 21.52
CA PRO B 202 20.04 15.32 22.45
C PRO B 202 20.56 16.59 21.81
N SER B 203 20.83 17.59 22.65
CA SER B 203 21.36 18.86 22.17
C SER B 203 22.83 18.70 21.76
N PRO B 204 23.31 19.56 20.86
CA PRO B 204 24.72 19.45 20.44
C PRO B 204 25.70 19.55 21.59
N GLU B 205 25.42 20.37 22.60
CA GLU B 205 26.32 20.46 23.75
C GLU B 205 26.35 19.15 24.54
N GLU B 206 25.19 18.52 24.74
CA GLU B 206 25.17 17.25 25.46
C GLU B 206 25.96 16.19 24.71
N VAL B 207 25.77 16.10 23.39
CA VAL B 207 26.50 15.13 22.60
C VAL B 207 27.98 15.44 22.62
N ARG B 208 28.35 16.72 22.61
CA ARG B 208 29.76 17.08 22.67
C ARG B 208 30.37 16.63 23.99
N LEU B 209 29.66 16.87 25.10
CA LEU B 209 30.12 16.39 26.39
C LEU B 209 30.34 14.88 26.35
N ALA B 210 29.34 14.13 25.88
CA ALA B 210 29.43 12.68 25.85
C ALA B 210 30.62 12.23 25.02
N MET B 211 30.74 12.76 23.80
CA MET B 211 31.79 12.33 22.89
C MET B 211 33.17 12.64 23.45
N ARG B 212 33.34 13.83 24.04
CA ARG B 212 34.61 14.21 24.63
C ARG B 212 34.90 13.51 25.94
N ASN B 213 33.89 12.87 26.55
CA ASN B 213 34.09 12.18 27.82
C ASN B 213 33.98 10.67 27.74
N ILE B 214 33.54 10.12 26.60
CA ILE B 214 33.39 8.68 26.45
C ILE B 214 34.76 8.04 26.25
N PRO B 215 35.18 7.09 27.08
CA PRO B 215 36.56 6.58 27.00
C PRO B 215 36.82 5.56 25.90
N ILE B 216 35.84 5.24 25.06
CA ILE B 216 36.02 4.20 24.03
C ILE B 216 35.61 4.76 22.68
N GLU B 217 36.00 4.02 21.64
CA GLU B 217 35.64 4.37 20.25
C GLU B 217 34.38 3.61 19.89
N ILE B 218 33.28 4.36 19.74
CA ILE B 218 32.00 3.80 19.37
C ILE B 218 31.85 3.96 17.85
N THR B 219 32.15 2.89 17.11
CA THR B 219 32.21 2.97 15.66
C THR B 219 31.59 1.71 15.08
N GLY B 220 31.63 1.62 13.75
CA GLY B 220 31.04 0.49 13.05
C GLY B 220 30.98 0.77 11.56
N GLU B 221 30.53 -0.24 10.83
CA GLU B 221 30.47 -0.13 9.38
C GLU B 221 29.26 0.70 8.94
N ALA B 222 29.25 1.05 7.67
CA ALA B 222 28.17 1.87 7.12
C ALA B 222 26.86 1.07 7.09
N THR B 223 25.74 1.78 7.22
CA THR B 223 24.42 1.16 7.20
C THR B 223 23.42 1.87 6.30
N ASP B 224 23.70 3.09 5.85
CA ASP B 224 22.76 3.85 5.05
C ASP B 224 23.48 4.49 3.87
N ASP B 225 22.72 4.87 2.85
CA ASP B 225 23.28 5.44 1.63
C ASP B 225 23.31 6.96 1.68
N VAL B 226 24.01 7.53 2.65
CA VAL B 226 24.18 8.97 2.77
C VAL B 226 25.63 9.25 3.13
N GLU B 227 26.21 10.26 2.48
CA GLU B 227 27.61 10.61 2.67
C GLU B 227 27.72 11.96 3.37
N VAL B 228 28.64 12.05 4.32
CA VAL B 228 28.83 13.26 5.11
C VAL B 228 29.68 14.26 4.32
N SER B 229 29.68 15.50 4.79
CA SER B 229 30.53 16.54 4.22
C SER B 229 31.93 16.55 4.80
N HIS B 230 32.07 16.31 6.11
CA HIS B 230 33.37 16.24 6.76
C HIS B 230 34.04 14.92 6.38
N ARG B 231 34.53 14.89 5.14
CA ARG B 231 35.05 13.66 4.57
C ARG B 231 36.48 13.39 5.04
N ASP B 232 36.89 12.14 4.87
CA ASP B 232 38.29 11.72 5.05
C ASP B 232 38.82 12.04 6.44
N VAL B 233 37.99 11.89 7.45
CA VAL B 233 38.46 12.08 8.83
C VAL B 233 39.38 10.92 9.21
N PRO B 234 40.55 11.19 9.80
CA PRO B 234 41.49 10.09 10.06
C PRO B 234 40.94 9.06 11.03
N GLY B 235 41.39 7.81 10.86
CA GLY B 235 41.01 6.73 11.73
C GLY B 235 39.70 6.05 11.38
N VAL B 236 39.03 6.47 10.32
CA VAL B 236 37.75 5.92 9.92
C VAL B 236 37.83 5.48 8.47
N GLU B 237 37.35 4.26 8.18
CA GLU B 237 37.48 3.65 6.87
C GLU B 237 36.19 3.75 6.05
N THR B 238 35.36 4.76 6.33
CA THR B 238 34.14 4.95 5.57
C THR B 238 33.72 6.41 5.67
N ASN B 239 33.03 6.88 4.64
CA ASN B 239 32.52 8.24 4.60
C ASN B 239 30.99 8.28 4.57
N GLN B 240 30.33 7.22 5.02
CA GLN B 240 28.87 7.13 5.00
C GLN B 240 28.32 7.13 6.43
N LEU B 241 27.00 7.07 6.52
CA LEU B 241 26.35 7.09 7.84
C LEU B 241 26.53 5.76 8.55
N ARG B 242 27.08 5.81 9.75
CA ARG B 242 27.27 4.65 10.61
C ARG B 242 26.17 4.66 11.68
N GLY B 243 24.97 4.25 11.28
CA GLY B 243 23.82 4.37 12.18
C GLY B 243 23.98 3.58 13.47
N GLY B 244 24.50 2.36 13.37
CA GLY B 244 24.66 1.54 14.55
C GLY B 244 25.62 2.13 15.56
N ALA B 245 26.58 2.93 15.09
CA ALA B 245 27.53 3.55 16.01
C ALA B 245 26.89 4.72 16.76
N ILE B 246 25.99 5.45 16.09
CA ILE B 246 25.43 6.65 16.71
C ILE B 246 24.21 6.31 17.57
N LEU B 247 23.50 5.23 17.24
CA LEU B 247 22.35 4.85 18.05
C LEU B 247 22.76 4.51 19.48
N VAL B 248 23.85 3.75 19.63
CA VAL B 248 24.32 3.39 20.96
C VAL B 248 24.69 4.64 21.75
N LEU B 249 25.27 5.63 21.08
CA LEU B 249 25.61 6.89 21.75
C LEU B 249 24.36 7.64 22.18
N ALA B 250 23.38 7.76 21.29
CA ALA B 250 22.24 8.62 21.55
C ALA B 250 21.26 7.98 22.52
N GLU B 251 20.70 6.83 22.16
CA GLU B 251 19.65 6.19 22.94
C GLU B 251 20.19 5.27 24.02
N GLY B 252 21.51 5.20 24.16
CA GLY B 252 22.13 4.29 25.10
C GLY B 252 22.58 4.99 26.36
N VAL B 253 23.85 5.38 26.40
CA VAL B 253 24.38 6.11 27.55
C VAL B 253 23.62 7.41 27.76
N LEU B 254 23.35 8.14 26.67
CA LEU B 254 22.78 9.48 26.80
C LEU B 254 21.32 9.46 27.23
N GLN B 255 20.50 8.58 26.66
CA GLN B 255 19.08 8.54 26.96
C GLN B 255 18.75 7.76 28.22
N LYS B 256 19.69 6.99 28.76
CA LYS B 256 19.48 6.17 29.95
C LYS B 256 20.53 6.51 31.01
N ALA B 257 20.76 7.81 31.21
CA ALA B 257 21.79 8.25 32.13
C ALA B 257 21.48 7.80 33.56
N LYS B 258 20.22 7.94 33.99
CA LYS B 258 19.88 7.61 35.36
C LYS B 258 20.11 6.14 35.66
N LYS B 259 19.56 5.25 34.83
CA LYS B 259 19.73 3.82 35.06
C LYS B 259 21.19 3.42 34.93
N LEU B 260 21.90 4.00 33.97
CA LEU B 260 23.31 3.67 33.79
C LEU B 260 24.13 4.04 35.02
N VAL B 261 23.89 5.23 35.57
CA VAL B 261 24.66 5.66 36.74
C VAL B 261 24.28 4.83 37.96
N LYS B 262 22.99 4.46 38.08
CA LYS B 262 22.60 3.56 39.16
C LYS B 262 23.36 2.23 39.04
N TYR B 263 23.45 1.69 37.83
CA TYR B 263 24.19 0.46 37.63
C TYR B 263 25.66 0.64 38.00
N ILE B 264 26.26 1.76 37.58
CA ILE B 264 27.66 2.01 37.88
C ILE B 264 27.88 2.04 39.38
N ASP B 265 27.00 2.75 40.09
CA ASP B 265 27.11 2.81 41.55
C ASP B 265 26.98 1.42 42.17
N LYS B 266 26.09 0.60 41.63
CA LYS B 266 25.94 -0.77 42.13
C LYS B 266 27.22 -1.57 41.89
N MET B 267 27.87 -1.38 40.74
CA MET B 267 29.09 -2.11 40.43
C MET B 267 30.29 -1.57 41.21
N GLY B 268 30.23 -0.34 41.72
CA GLY B 268 31.36 0.23 42.41
C GLY B 268 32.53 0.50 41.49
N ILE B 269 32.26 1.06 40.32
CA ILE B 269 33.29 1.49 39.38
C ILE B 269 33.17 3.01 39.21
N GLU B 270 34.31 3.70 39.26
CA GLU B 270 34.35 5.15 39.20
C GLU B 270 34.82 5.61 37.82
N GLY B 271 34.88 6.93 37.65
CA GLY B 271 35.26 7.53 36.39
C GLY B 271 34.12 8.09 35.58
N TRP B 272 32.88 7.80 35.97
CA TRP B 272 31.70 8.29 35.27
C TRP B 272 31.00 9.42 36.03
N GLU B 273 31.71 10.08 36.95
CA GLU B 273 31.09 11.13 37.75
C GLU B 273 30.51 12.24 36.89
N TRP B 274 31.10 12.47 35.71
CA TRP B 274 30.55 13.48 34.81
C TRP B 274 29.13 13.14 34.40
N LEU B 275 28.85 11.87 34.10
CA LEU B 275 27.49 11.48 33.77
C LEU B 275 26.55 11.71 34.95
N LYS B 276 26.99 11.39 36.16
CA LYS B 276 26.15 11.61 37.33
C LYS B 276 25.84 13.09 37.51
N GLU B 277 26.85 13.94 37.33
CA GLU B 277 26.61 15.38 37.42
C GLU B 277 25.66 15.86 36.33
N PHE B 278 25.77 15.27 35.14
CA PHE B 278 24.83 15.60 34.08
C PHE B 278 23.40 15.24 34.48
N VAL B 279 23.22 14.07 35.10
CA VAL B 279 21.89 13.67 35.54
C VAL B 279 21.37 14.62 36.61
N GLU B 280 22.24 14.99 37.56
CA GLU B 280 21.82 15.92 38.60
C GLU B 280 21.41 17.27 38.01
N ALA B 281 22.16 17.76 37.03
CA ALA B 281 21.77 18.99 36.34
C ALA B 281 20.43 18.81 35.64
N LYS B 282 20.24 17.66 34.98
CA LYS B 282 18.96 17.38 34.33
C LYS B 282 17.81 17.40 35.33
N GLU B 283 18.05 16.99 36.56
CA GLU B 283 17.02 17.01 37.60
C GLU B 283 16.41 18.40 37.73
N ASP B 309 -12.30 33.96 52.08
CA ASP B 309 -11.95 32.55 52.22
C ASP B 309 -12.14 31.82 50.90
N MET B 310 -11.88 30.51 50.91
CA MET B 310 -12.00 29.69 49.71
C MET B 310 -12.64 28.36 50.08
N GLY B 311 -13.15 27.67 49.06
CA GLY B 311 -13.70 26.35 49.26
C GLY B 311 -12.66 25.26 49.11
N PHE B 312 -12.98 24.08 49.64
CA PHE B 312 -12.03 22.97 49.58
C PHE B 312 -11.77 22.56 48.14
N TYR B 313 -12.83 22.45 47.33
CA TYR B 313 -12.66 22.00 45.95
C TYR B 313 -12.13 23.09 45.04
N TYR B 314 -12.45 24.36 45.30
CA TYR B 314 -11.81 25.46 44.58
C TYR B 314 -10.29 25.39 44.72
N SER B 315 -9.82 25.29 45.96
CA SER B 315 -8.39 25.19 46.21
C SER B 315 -7.81 23.92 45.62
N LEU B 316 -8.52 22.80 45.73
CA LEU B 316 -8.00 21.55 45.20
C LEU B 316 -7.82 21.64 43.69
N TYR B 317 -8.80 22.22 42.99
CA TYR B 317 -8.66 22.40 41.55
C TYR B 317 -7.49 23.30 41.22
N GLN B 318 -7.32 24.40 41.96
CA GLN B 318 -6.20 25.29 41.69
C GLN B 318 -4.86 24.57 41.84
N LYS B 319 -4.68 23.87 42.96
CA LYS B 319 -3.42 23.16 43.20
C LYS B 319 -3.20 22.07 42.15
N PHE B 320 -4.25 21.34 41.81
CA PHE B 320 -4.15 20.28 40.81
C PHE B 320 -3.69 20.83 39.48
N LYS B 321 -4.24 21.97 39.07
CA LYS B 321 -3.79 22.61 37.83
C LYS B 321 -2.34 23.07 37.94
N GLU B 322 -1.93 23.55 39.12
CA GLU B 322 -0.57 24.04 39.30
C GLU B 322 0.45 22.91 39.15
N GLU B 323 0.21 21.79 39.82
CA GLU B 323 1.23 20.73 39.88
C GLU B 323 1.21 19.85 38.64
N ILE B 324 0.09 19.19 38.38
CA ILE B 324 -0.03 18.29 37.23
C ILE B 324 -0.59 19.09 36.07
N ALA B 325 0.27 19.51 35.18
CA ALA B 325 -0.16 20.31 34.04
C ALA B 325 -0.58 19.42 32.88
N PRO B 326 -1.56 19.84 32.07
CA PRO B 326 -1.96 19.01 30.93
C PRO B 326 -0.78 18.74 30.00
N SER B 327 -0.77 17.53 29.44
CA SER B 327 0.24 17.13 28.47
C SER B 327 -0.41 16.98 27.11
N ASP B 328 0.35 17.34 26.07
CA ASP B 328 -0.17 17.35 24.72
C ASP B 328 0.66 16.53 23.75
N LYS B 329 1.78 15.95 24.19
CA LYS B 329 2.71 15.32 23.26
C LYS B 329 2.07 14.16 22.50
N TYR B 330 0.97 13.60 23.01
CA TYR B 330 0.34 12.48 22.33
C TYR B 330 -0.48 12.91 21.13
N ALA B 331 -1.01 14.14 21.14
CA ALA B 331 -1.90 14.62 20.08
C ALA B 331 -1.22 15.61 19.16
N LYS B 332 0.12 15.57 19.06
CA LYS B 332 0.82 16.49 18.19
C LYS B 332 0.64 16.15 16.72
N GLU B 333 0.10 14.98 16.40
CA GLU B 333 -0.13 14.61 15.01
C GLU B 333 -1.26 13.59 14.95
N VAL B 334 -2.24 13.84 14.08
CA VAL B 334 -3.36 12.93 13.86
C VAL B 334 -3.34 12.53 12.40
N ILE B 335 -3.38 11.22 12.15
CA ILE B 335 -3.38 10.69 10.80
C ILE B 335 -4.83 10.57 10.32
N GLY B 336 -5.00 10.41 9.01
CA GLY B 336 -6.32 10.23 8.46
C GLY B 336 -6.90 8.85 8.69
N GLY B 337 -8.04 8.78 9.35
CA GLY B 337 -8.70 7.52 9.65
C GLY B 337 -8.51 7.04 11.08
N ARG B 338 -7.60 7.66 11.84
CA ARG B 338 -7.33 7.27 13.22
C ARG B 338 -7.86 8.35 14.15
N PRO B 339 -9.02 8.17 14.76
CA PRO B 339 -9.67 9.28 15.47
C PRO B 339 -8.98 9.65 16.78
N LEU B 340 -9.28 10.86 17.23
CA LEU B 340 -8.90 11.35 18.54
C LEU B 340 -10.12 11.29 19.44
N PHE B 341 -9.99 10.63 20.59
CA PHE B 341 -11.14 10.34 21.44
C PHE B 341 -11.33 11.33 22.58
N SER B 342 -10.38 12.24 22.80
CA SER B 342 -10.52 13.22 23.87
C SER B 342 -9.39 14.23 23.79
N ASP B 343 -9.69 15.45 24.19
CA ASP B 343 -8.69 16.51 24.29
C ASP B 343 -7.93 16.39 25.60
N PRO B 344 -6.73 16.98 25.69
CA PRO B 344 -5.92 16.80 26.90
C PRO B 344 -6.63 17.25 28.17
N SER B 345 -6.94 16.29 29.03
CA SER B 345 -7.49 16.55 30.36
C SER B 345 -8.74 17.42 30.29
N LYS B 346 -9.63 17.11 29.36
CA LYS B 346 -10.86 17.87 29.20
C LYS B 346 -12.01 17.14 29.87
N PRO B 347 -12.81 17.80 30.72
CA PRO B 347 -13.98 17.11 31.28
C PRO B 347 -14.89 16.60 30.19
N GLY B 348 -15.48 15.44 30.42
CA GLY B 348 -16.24 14.72 29.42
C GLY B 348 -15.45 13.66 28.67
N GLY B 349 -14.20 13.44 29.02
CA GLY B 349 -13.39 12.44 28.37
C GLY B 349 -13.38 11.13 29.13
N PHE B 350 -12.20 10.54 29.35
CA PHE B 350 -12.08 9.27 30.04
C PHE B 350 -11.95 9.52 31.54
N ARG B 351 -12.85 8.94 32.31
CA ARG B 351 -12.84 9.10 33.76
C ARG B 351 -11.86 8.11 34.37
N LEU B 352 -10.89 8.62 35.13
CA LEU B 352 -9.84 7.79 35.69
C LEU B 352 -10.38 6.97 36.86
N ARG B 353 -10.07 5.67 36.86
CA ARG B 353 -10.36 4.78 37.99
C ARG B 353 -9.11 3.99 38.30
N TYR B 354 -8.81 3.83 39.58
CA TYR B 354 -7.63 3.11 40.03
C TYR B 354 -8.02 1.66 40.27
N GLY B 355 -7.43 0.75 39.50
CA GLY B 355 -7.69 -0.66 39.72
C GLY B 355 -7.03 -1.50 38.65
N ARG B 356 -7.14 -2.81 38.85
CA ARG B 356 -6.60 -3.80 37.94
C ARG B 356 -7.64 -4.90 37.76
N SER B 357 -8.03 -5.14 36.51
CA SER B 357 -9.05 -6.14 36.20
C SER B 357 -8.42 -7.53 36.10
N ARG B 358 -9.26 -8.50 35.74
CA ARG B 358 -8.75 -9.87 35.57
C ARG B 358 -7.74 -9.93 34.44
N ALA B 359 -8.01 -9.24 33.33
CA ALA B 359 -7.19 -9.30 32.13
C ALA B 359 -6.61 -7.95 31.76
N SER B 360 -6.09 -7.22 32.74
CA SER B 360 -5.42 -5.96 32.50
C SER B 360 -4.43 -5.71 33.63
N GLY B 361 -3.53 -4.75 33.43
CA GLY B 361 -2.66 -4.32 34.49
C GLY B 361 -1.21 -4.15 34.07
N PHE B 362 -0.73 -4.99 33.17
CA PHE B 362 0.66 -4.89 32.77
C PHE B 362 0.95 -3.54 32.14
N ALA B 363 0.30 -3.21 31.02
CA ALA B 363 0.32 -1.85 30.51
C ALA B 363 -1.01 -1.49 29.85
N THR B 364 -2.04 -2.29 30.08
CA THR B 364 -3.30 -2.18 29.37
C THR B 364 -4.34 -1.40 30.19
N TRP B 365 -5.40 -0.98 29.50
CA TRP B 365 -6.49 -0.22 30.08
C TRP B 365 -7.75 -1.10 30.11
N GLY B 366 -8.66 -0.81 31.04
CA GLY B 366 -9.94 -1.48 31.05
C GLY B 366 -11.03 -0.55 30.59
N ILE B 367 -11.82 -1.00 29.62
CA ILE B 367 -12.82 -0.17 28.96
C ILE B 367 -14.14 -0.94 28.93
N ASN B 368 -15.25 -0.20 28.97
CA ASN B 368 -16.57 -0.82 28.85
C ASN B 368 -16.87 -1.09 27.37
N PRO B 369 -17.43 -2.25 27.03
CA PRO B 369 -17.76 -2.51 25.62
C PRO B 369 -18.80 -1.55 25.05
N ALA B 370 -19.63 -0.94 25.88
CA ALA B 370 -20.61 0.01 25.36
C ALA B 370 -19.93 1.22 24.74
N THR B 371 -18.81 1.67 25.30
CA THR B 371 -18.09 2.78 24.71
C THR B 371 -17.42 2.37 23.40
N MET B 372 -16.99 1.10 23.33
CA MET B 372 -16.48 0.58 22.07
C MET B 372 -17.56 0.61 20.99
N ILE B 373 -18.78 0.23 21.35
CA ILE B 373 -19.87 0.20 20.37
C ILE B 373 -20.25 1.61 19.94
N LEU B 374 -20.39 2.52 20.90
CA LEU B 374 -20.97 3.84 20.62
C LEU B 374 -19.97 4.82 20.00
N VAL B 375 -18.77 4.37 19.64
CA VAL B 375 -17.83 5.21 18.88
C VAL B 375 -17.67 4.60 17.50
N ASP B 376 -18.72 3.93 17.01
CA ASP B 376 -18.75 3.34 15.68
C ASP B 376 -17.75 2.20 15.53
N GLU B 377 -17.44 1.53 16.65
CA GLU B 377 -16.60 0.34 16.63
C GLU B 377 -15.21 0.61 16.07
N PHE B 378 -14.72 1.84 16.24
CA PHE B 378 -13.32 2.12 15.97
C PHE B 378 -12.41 1.46 16.99
N LEU B 379 -12.92 1.17 18.18
CA LEU B 379 -12.19 0.46 19.21
C LEU B 379 -12.65 -0.99 19.25
N ALA B 380 -11.68 -1.90 19.29
CA ALA B 380 -11.96 -3.33 19.38
C ALA B 380 -11.02 -3.94 20.40
N ILE B 381 -11.35 -5.14 20.86
CA ILE B 381 -10.51 -5.80 21.86
C ILE B 381 -9.12 -5.96 21.29
N GLY B 382 -8.14 -5.32 21.92
CA GLY B 382 -6.76 -5.39 21.48
C GLY B 382 -6.28 -4.22 20.67
N THR B 383 -7.09 -3.17 20.51
CA THR B 383 -6.68 -2.02 19.74
C THR B 383 -5.83 -1.10 20.60
N GLN B 384 -4.72 -0.62 20.04
CA GLN B 384 -3.81 0.25 20.75
C GLN B 384 -4.30 1.69 20.67
N LEU B 385 -3.98 2.47 21.70
CA LEU B 385 -4.30 3.90 21.68
C LEU B 385 -3.20 4.64 22.41
N LYS B 386 -2.85 5.82 21.89
CA LYS B 386 -1.76 6.63 22.46
C LYS B 386 -2.33 7.49 23.58
N THR B 387 -2.00 7.15 24.81
CA THR B 387 -2.58 7.77 25.98
C THR B 387 -1.75 8.97 26.42
N GLU B 388 -2.20 9.65 27.48
CA GLU B 388 -1.57 10.88 27.93
C GLU B 388 -0.90 10.74 29.29
N ARG B 389 -1.63 10.37 30.33
CA ARG B 389 -1.10 10.55 31.68
C ARG B 389 -0.03 9.55 32.06
N PRO B 390 -0.35 8.26 32.27
CA PRO B 390 0.61 7.38 32.93
C PRO B 390 1.82 7.09 32.05
N GLY B 391 1.57 6.64 30.82
CA GLY B 391 2.62 6.29 29.88
C GLY B 391 2.32 6.88 28.52
N LYS B 392 2.69 6.13 27.49
CA LYS B 392 2.38 6.50 26.11
C LYS B 392 2.05 5.22 25.37
N GLY B 393 0.77 4.86 25.35
CA GLY B 393 0.34 3.67 24.65
C GLY B 393 -0.23 2.66 25.62
N ALA B 394 -1.26 1.95 25.16
CA ALA B 394 -1.91 0.91 25.95
C ALA B 394 -2.84 0.13 25.04
N VAL B 395 -3.32 -1.00 25.54
CA VAL B 395 -4.23 -1.88 24.83
C VAL B 395 -5.52 -1.97 25.63
N VAL B 396 -6.65 -1.98 24.93
CA VAL B 396 -7.96 -1.92 25.58
C VAL B 396 -8.52 -3.32 25.75
N THR B 397 -9.18 -3.54 26.89
CA THR B 397 -9.79 -4.80 27.28
C THR B 397 -11.19 -4.52 27.82
N PRO B 398 -12.15 -5.42 27.66
CA PRO B 398 -13.51 -5.17 28.15
C PRO B 398 -13.62 -5.38 29.65
N VAL B 399 -14.19 -4.39 30.34
CA VAL B 399 -14.54 -4.49 31.75
C VAL B 399 -15.98 -4.03 31.89
N THR B 400 -16.86 -4.93 32.35
CA THR B 400 -18.29 -4.66 32.43
C THR B 400 -18.75 -4.19 33.80
N THR B 401 -17.84 -4.05 34.76
CA THR B 401 -18.18 -3.59 36.10
C THR B 401 -17.97 -2.09 36.29
N ILE B 402 -17.58 -1.37 35.25
CA ILE B 402 -17.42 0.08 35.31
C ILE B 402 -18.48 0.72 34.42
N GLU B 403 -18.52 2.04 34.39
CA GLU B 403 -19.62 2.76 33.76
C GLU B 403 -19.33 3.06 32.30
N GLY B 404 -20.42 3.23 31.53
CA GLY B 404 -20.33 3.53 30.13
C GLY B 404 -20.69 4.98 29.85
N PRO B 405 -20.96 5.30 28.59
CA PRO B 405 -21.25 6.70 28.24
C PRO B 405 -22.65 7.14 28.65
N ILE B 406 -22.83 8.46 28.67
CA ILE B 406 -24.13 9.09 28.81
C ILE B 406 -24.39 9.84 27.51
N VAL B 407 -25.48 9.49 26.83
CA VAL B 407 -25.74 9.96 25.48
C VAL B 407 -27.01 10.80 25.46
N LYS B 408 -27.14 11.60 24.41
CA LYS B 408 -28.32 12.41 24.17
C LYS B 408 -28.93 12.00 22.84
N LEU B 409 -30.17 11.53 22.87
CA LEU B 409 -30.81 10.97 21.69
C LEU B 409 -31.36 12.09 20.80
N LYS B 410 -31.90 11.70 19.65
CA LYS B 410 -32.34 12.68 18.66
C LYS B 410 -33.61 13.42 19.07
N ASP B 411 -34.38 12.87 20.02
CA ASP B 411 -35.58 13.52 20.50
C ASP B 411 -35.35 14.34 21.76
N GLY B 412 -34.12 14.39 22.27
CA GLY B 412 -33.79 15.22 23.40
C GLY B 412 -33.74 14.53 24.74
N SER B 413 -33.83 13.20 24.78
CA SER B 413 -33.76 12.45 26.02
C SER B 413 -32.31 12.11 26.36
N VAL B 414 -32.04 11.94 27.64
CA VAL B 414 -30.72 11.57 28.15
C VAL B 414 -30.78 10.16 28.71
N LEU B 415 -29.76 9.37 28.41
CA LEU B 415 -29.69 7.96 28.79
C LEU B 415 -28.33 7.65 29.38
N ARG B 416 -28.29 6.63 30.23
CA ARG B 416 -27.04 6.09 30.76
C ARG B 416 -26.86 4.70 30.17
N VAL B 417 -25.95 4.57 29.20
CA VAL B 417 -25.79 3.31 28.47
C VAL B 417 -24.66 2.56 29.17
N ASP B 418 -25.01 1.89 30.26
CA ASP B 418 -24.05 1.09 31.01
C ASP B 418 -24.05 -0.37 30.60
N ASP B 419 -24.80 -0.73 29.55
CA ASP B 419 -25.00 -2.11 29.15
C ASP B 419 -24.66 -2.27 27.68
N TYR B 420 -24.22 -3.47 27.31
CA TYR B 420 -23.81 -3.74 25.92
C TYR B 420 -25.03 -3.84 25.00
N ASN B 421 -26.06 -4.56 25.44
CA ASN B 421 -27.24 -4.74 24.61
C ASN B 421 -27.96 -3.42 24.39
N LEU B 422 -28.08 -2.60 25.42
CA LEU B 422 -28.72 -1.30 25.26
C LEU B 422 -27.95 -0.43 24.28
N ALA B 423 -26.62 -0.48 24.33
CA ALA B 423 -25.81 0.26 23.37
C ALA B 423 -26.07 -0.21 21.96
N LEU B 424 -26.18 -1.52 21.76
CA LEU B 424 -26.51 -2.03 20.44
C LEU B 424 -27.88 -1.53 19.99
N LYS B 425 -28.83 -1.45 20.92
CA LYS B 425 -30.20 -1.10 20.56
C LYS B 425 -30.33 0.38 20.20
N VAL B 426 -29.74 1.28 20.98
CA VAL B 426 -29.99 2.71 20.86
C VAL B 426 -28.89 3.41 20.06
N ARG B 427 -28.12 2.68 19.28
CA ARG B 427 -26.97 3.29 18.60
C ARG B 427 -27.41 4.25 17.51
N GLU B 428 -28.57 4.02 16.90
CA GLU B 428 -28.96 4.80 15.72
C GLU B 428 -29.43 6.20 16.10
N ASP B 429 -30.10 6.33 17.24
CA ASP B 429 -30.69 7.60 17.65
C ASP B 429 -29.73 8.54 18.34
N VAL B 430 -28.47 8.13 18.54
CA VAL B 430 -27.55 8.93 19.32
C VAL B 430 -27.20 10.21 18.56
N GLU B 431 -27.26 11.34 19.26
CA GLU B 431 -26.93 12.64 18.69
C GLU B 431 -25.70 13.27 19.32
N GLU B 432 -25.40 12.96 20.57
CA GLU B 432 -24.21 13.48 21.23
C GLU B 432 -23.83 12.56 22.37
N ILE B 433 -22.53 12.42 22.59
CA ILE B 433 -21.98 11.63 23.68
C ILE B 433 -21.59 12.62 24.77
N LEU B 434 -22.46 12.78 25.76
CA LEU B 434 -22.19 13.75 26.82
C LEU B 434 -20.97 13.35 27.65
N TYR B 435 -20.85 12.06 27.97
CA TYR B 435 -19.70 11.52 28.67
C TYR B 435 -19.24 10.25 27.99
N LEU B 436 -17.96 9.94 28.12
CA LEU B 436 -17.34 8.87 27.34
C LEU B 436 -17.19 7.56 28.07
N GLY B 437 -17.08 7.58 29.40
CA GLY B 437 -16.99 6.37 30.20
C GLY B 437 -15.74 6.40 31.05
N ASP B 438 -15.47 5.28 31.70
CA ASP B 438 -14.33 5.15 32.60
C ASP B 438 -13.17 4.41 31.93
N ALA B 439 -12.02 4.47 32.60
CA ALA B 439 -10.84 3.72 32.21
C ALA B 439 -10.17 3.27 33.50
N VAL B 440 -9.88 1.97 33.60
CA VAL B 440 -9.28 1.40 34.80
C VAL B 440 -7.78 1.29 34.55
N ILE B 441 -6.99 2.01 35.34
CA ILE B 441 -5.54 2.08 35.18
C ILE B 441 -4.91 1.65 36.50
N ALA B 442 -3.93 0.76 36.41
CA ALA B 442 -3.35 0.14 37.61
C ALA B 442 -2.43 1.12 38.34
N PHE B 443 -2.28 0.88 39.65
CA PHE B 443 -1.34 1.67 40.43
C PHE B 443 0.10 1.39 40.02
N GLY B 444 0.40 0.17 39.58
CA GLY B 444 1.74 -0.18 39.15
C GLY B 444 2.17 0.50 37.86
N ASP B 445 1.23 1.07 37.11
CA ASP B 445 1.59 1.86 35.94
C ASP B 445 2.10 3.23 36.34
N PHE B 446 1.57 3.78 37.43
CA PHE B 446 2.05 5.07 37.92
C PHE B 446 3.43 4.94 38.57
N VAL B 447 3.70 3.82 39.23
CA VAL B 447 5.01 3.60 39.84
C VAL B 447 6.08 3.44 38.77
N GLU B 448 5.74 2.76 37.67
CA GLU B 448 6.74 2.51 36.62
C GLU B 448 7.16 3.79 35.94
N ASN B 449 6.20 4.63 35.55
CA ASN B 449 6.46 5.84 34.80
C ASN B 449 6.79 7.03 35.69
N ASN B 450 6.69 6.87 37.01
CA ASN B 450 6.98 7.95 37.96
C ASN B 450 6.09 9.16 37.68
N GLN B 451 4.79 8.96 37.86
CA GLN B 451 3.78 9.99 37.64
C GLN B 451 3.12 10.33 38.97
N THR B 452 3.01 11.62 39.26
CA THR B 452 2.36 12.07 40.48
C THR B 452 0.91 11.62 40.48
N LEU B 453 0.42 11.19 41.64
CA LEU B 453 -0.93 10.66 41.74
C LEU B 453 -1.95 11.76 41.55
N LEU B 454 -2.88 11.57 40.62
CA LEU B 454 -3.99 12.47 40.41
C LEU B 454 -5.12 12.17 41.40
N PRO B 455 -5.90 13.17 41.79
CA PRO B 455 -6.98 12.91 42.76
C PRO B 455 -7.97 11.89 42.23
N ALA B 456 -8.49 11.08 43.15
CA ALA B 456 -9.35 9.95 42.80
C ALA B 456 -10.81 10.37 42.80
N ASN B 457 -11.52 10.02 41.73
CA ASN B 457 -12.96 10.24 41.68
C ASN B 457 -13.66 9.31 42.66
N TYR B 458 -14.80 9.75 43.18
CA TYR B 458 -15.54 8.93 44.12
C TYR B 458 -16.12 7.71 43.40
N CYS B 459 -16.04 6.55 44.07
CA CYS B 459 -16.46 5.29 43.49
C CYS B 459 -17.00 4.40 44.59
N GLU B 460 -17.43 3.19 44.21
CA GLU B 460 -18.05 2.27 45.14
C GLU B 460 -17.04 1.59 46.07
N GLU B 461 -15.82 1.36 45.58
CA GLU B 461 -14.79 0.72 46.39
C GLU B 461 -14.24 1.62 47.48
N TRP B 462 -14.46 2.94 47.37
CA TRP B 462 -14.16 3.90 48.43
C TRP B 462 -15.35 4.07 49.37
N TRP B 463 -16.56 4.12 48.81
CA TRP B 463 -17.75 4.23 49.63
C TRP B 463 -17.87 3.04 50.58
N ILE B 464 -17.53 1.84 50.11
CA ILE B 464 -17.68 0.66 50.96
C ILE B 464 -16.72 0.70 52.13
N LEU B 465 -15.49 1.17 51.91
CA LEU B 465 -14.54 1.31 53.00
C LEU B 465 -15.02 2.33 54.02
N GLU B 466 -15.53 3.48 53.56
CA GLU B 466 -16.07 4.47 54.48
C GLU B 466 -17.24 3.90 55.26
N PHE B 467 -18.13 3.17 54.59
CA PHE B 467 -19.29 2.57 55.23
C PHE B 467 -18.87 1.61 56.35
N VAL B 468 -17.92 0.72 56.05
CA VAL B 468 -17.46 -0.26 57.04
C VAL B 468 -16.81 0.44 58.21
N LYS B 469 -15.94 1.42 57.94
CA LYS B 469 -15.27 2.13 59.03
C LYS B 469 -16.27 2.84 59.93
N ALA B 470 -17.26 3.51 59.34
CA ALA B 470 -18.25 4.22 60.16
C ALA B 470 -19.07 3.24 60.99
N LEU B 471 -19.44 2.10 60.41
CA LEU B 471 -20.19 1.10 61.15
C LEU B 471 -19.41 0.63 62.36
N LYS B 472 -18.10 0.36 62.17
CA LYS B 472 -17.28 -0.08 63.28
C LYS B 472 -17.12 1.01 64.33
N GLU B 473 -16.96 2.27 63.91
CA GLU B 473 -16.71 3.34 64.86
C GLU B 473 -17.95 3.72 65.65
N ILE B 474 -19.14 3.50 65.09
CA ILE B 474 -20.37 3.89 65.79
C ILE B 474 -20.94 2.72 66.59
N TYR B 475 -20.93 1.50 66.05
CA TYR B 475 -21.56 0.36 66.70
C TYR B 475 -20.58 -0.70 67.19
N GLU B 476 -19.29 -0.59 66.86
CA GLU B 476 -18.29 -1.57 67.30
C GLU B 476 -18.56 -2.94 66.69
N VAL B 477 -18.84 -2.97 65.40
CA VAL B 477 -19.06 -4.20 64.65
C VAL B 477 -18.01 -4.27 63.55
N HIS B 478 -17.34 -5.42 63.46
CA HIS B 478 -16.23 -5.60 62.52
C HIS B 478 -16.71 -6.37 61.30
N LEU B 479 -16.48 -5.80 60.12
CA LEU B 479 -16.83 -6.43 58.85
C LEU B 479 -15.75 -6.11 57.84
N GLU B 480 -15.70 -6.92 56.77
CA GLU B 480 -14.68 -6.75 55.74
C GLU B 480 -15.32 -6.87 54.36
N PRO B 481 -14.92 -6.02 53.40
CA PRO B 481 -15.50 -6.12 52.07
C PRO B 481 -14.70 -7.04 51.14
N PHE B 482 -15.41 -7.56 50.16
CA PHE B 482 -14.88 -8.47 49.13
C PHE B 482 -14.54 -9.85 49.68
N THR B 483 -14.96 -10.18 50.89
CA THR B 483 -14.69 -11.48 51.48
C THR B 483 -15.95 -11.96 52.18
N GLU B 484 -15.80 -12.97 53.03
CA GLU B 484 -16.89 -13.53 53.80
C GLU B 484 -16.71 -13.20 55.27
N ASN B 485 -17.80 -12.83 55.93
CA ASN B 485 -17.80 -12.41 57.32
C ASN B 485 -18.53 -13.45 58.17
N GLU B 486 -18.29 -13.37 59.48
CA GLU B 486 -19.01 -14.22 60.42
C GLU B 486 -20.48 -13.84 60.46
N GLU B 487 -21.33 -14.85 60.69
CA GLU B 487 -22.76 -14.62 60.71
C GLU B 487 -23.17 -13.69 61.85
N GLU B 488 -22.56 -13.83 63.03
CA GLU B 488 -22.97 -13.03 64.16
C GLU B 488 -22.85 -11.53 63.88
N SER B 489 -21.73 -11.13 63.26
CA SER B 489 -21.55 -9.73 62.92
C SER B 489 -22.61 -9.27 61.93
N ILE B 490 -22.96 -10.11 60.96
CA ILE B 490 -23.98 -9.74 59.98
C ILE B 490 -25.32 -9.54 60.66
N GLU B 491 -25.69 -10.42 61.58
CA GLU B 491 -26.95 -10.24 62.31
C GLU B 491 -26.92 -8.96 63.15
N GLU B 492 -25.82 -8.71 63.84
CA GLU B 492 -25.74 -7.48 64.65
C GLU B 492 -25.91 -6.24 63.76
N ALA B 493 -25.17 -6.18 62.66
CA ALA B 493 -25.25 -5.02 61.78
C ALA B 493 -26.64 -4.86 61.20
N SER B 494 -27.25 -5.96 60.76
CA SER B 494 -28.59 -5.86 60.18
C SER B 494 -29.61 -5.40 61.20
N ASP B 495 -29.51 -5.90 62.44
CA ASP B 495 -30.44 -5.45 63.48
C ASP B 495 -30.25 -3.97 63.77
N TYR B 496 -28.99 -3.51 63.83
CA TYR B 496 -28.75 -2.09 64.09
C TYR B 496 -29.28 -1.21 62.95
N LEU B 497 -29.06 -1.62 61.70
CA LEU B 497 -29.50 -0.85 60.56
C LEU B 497 -30.92 -1.20 60.11
N GLU B 498 -31.48 -2.30 60.62
CA GLU B 498 -32.84 -2.72 60.28
C GLU B 498 -32.99 -2.95 58.77
N ILE B 499 -32.26 -3.95 58.28
CA ILE B 499 -32.28 -4.35 56.88
C ILE B 499 -32.15 -5.87 56.80
N ASP B 500 -32.29 -6.38 55.60
CA ASP B 500 -32.22 -7.82 55.38
C ASP B 500 -30.77 -8.30 55.50
N PRO B 501 -30.48 -9.28 56.36
CA PRO B 501 -29.09 -9.79 56.42
C PRO B 501 -28.58 -10.31 55.09
N GLU B 502 -29.44 -10.95 54.28
CA GLU B 502 -29.00 -11.43 52.98
C GLU B 502 -28.58 -10.29 52.07
N PHE B 503 -29.32 -9.17 52.10
CA PHE B 503 -28.92 -8.01 51.31
C PHE B 503 -27.58 -7.48 51.76
N LEU B 504 -27.34 -7.44 53.07
CA LEU B 504 -26.06 -6.95 53.57
C LEU B 504 -24.92 -7.85 53.11
N LYS B 505 -25.11 -9.17 53.19
CA LYS B 505 -24.08 -10.09 52.72
C LYS B 505 -23.81 -9.88 51.23
N GLU B 506 -24.87 -9.75 50.43
CA GLU B 506 -24.69 -9.58 48.99
C GLU B 506 -23.96 -8.27 48.68
N MET B 507 -24.34 -7.18 49.36
CA MET B 507 -23.70 -5.89 49.07
C MET B 507 -22.24 -5.89 49.48
N LEU B 508 -21.91 -6.48 50.62
CA LEU B 508 -20.51 -6.54 51.03
C LEU B 508 -19.71 -7.48 50.14
N ARG B 509 -20.34 -8.50 49.57
CA ARG B 509 -19.62 -9.44 48.73
C ARG B 509 -19.19 -8.81 47.41
N ASP B 510 -20.12 -8.12 46.73
CA ASP B 510 -19.86 -7.48 45.44
C ASP B 510 -20.43 -6.07 45.48
N PRO B 511 -19.71 -5.11 46.07
CA PRO B 511 -20.22 -3.73 46.10
C PRO B 511 -20.33 -3.09 44.72
N LEU B 512 -19.63 -3.61 43.71
CA LEU B 512 -19.63 -3.00 42.39
C LEU B 512 -20.86 -3.38 41.57
N ARG B 513 -21.60 -4.41 41.97
CA ARG B 513 -22.78 -4.86 41.24
C ARG B 513 -24.07 -4.70 42.03
N VAL B 514 -24.02 -4.74 43.36
CA VAL B 514 -25.18 -4.63 44.21
C VAL B 514 -25.16 -3.25 44.87
N LYS B 515 -26.23 -2.48 44.64
CA LYS B 515 -26.34 -1.13 45.16
C LYS B 515 -27.67 -0.97 45.87
N PRO B 516 -27.71 -0.21 46.97
CA PRO B 516 -28.98 -0.03 47.66
C PRO B 516 -29.89 0.91 46.88
N PRO B 517 -31.20 0.82 47.08
CA PRO B 517 -32.10 1.82 46.49
C PRO B 517 -31.84 3.20 47.08
N VAL B 518 -32.25 4.23 46.34
CA VAL B 518 -31.84 5.59 46.67
C VAL B 518 -32.27 5.93 48.09
N GLU B 519 -33.47 5.53 48.50
CA GLU B 519 -33.93 5.83 49.84
C GLU B 519 -33.06 5.16 50.89
N LEU B 520 -32.62 3.93 50.63
CA LEU B 520 -31.75 3.26 51.58
C LEU B 520 -30.39 3.94 51.65
N ALA B 521 -29.86 4.41 50.52
CA ALA B 521 -28.60 5.14 50.55
C ALA B 521 -28.72 6.42 51.36
N ILE B 522 -29.83 7.14 51.19
CA ILE B 522 -30.06 8.33 52.01
C ILE B 522 -30.14 7.96 53.48
N HIS B 523 -30.80 6.84 53.81
CA HIS B 523 -30.90 6.42 55.20
C HIS B 523 -29.52 6.11 55.78
N PHE B 524 -28.67 5.44 55.00
CA PHE B 524 -27.30 5.15 55.46
C PHE B 524 -26.56 6.45 55.71
N SER B 525 -26.68 7.43 54.80
CA SER B 525 -25.98 8.69 54.98
C SER B 525 -26.52 9.46 56.19
N GLU B 526 -27.80 9.27 56.53
CA GLU B 526 -28.34 9.92 57.71
C GLU B 526 -27.86 9.26 58.99
N VAL B 527 -27.83 7.92 59.01
CA VAL B 527 -27.51 7.21 60.25
C VAL B 527 -26.01 7.24 60.52
N LEU B 528 -25.23 6.71 59.59
CA LEU B 528 -23.79 6.57 59.83
C LEU B 528 -23.06 7.90 59.67
N GLY B 529 -23.48 8.72 58.73
CA GLY B 529 -22.81 9.99 58.50
C GLY B 529 -21.70 9.87 57.47
N ILE B 530 -22.05 9.38 56.28
CA ILE B 530 -21.10 9.21 55.19
C ILE B 530 -21.69 9.87 53.94
N PRO B 531 -20.84 10.23 52.98
CA PRO B 531 -21.36 10.87 51.76
C PRO B 531 -22.39 10.00 51.07
N LEU B 532 -23.11 10.62 50.14
CA LEU B 532 -24.13 9.89 49.38
C LEU B 532 -23.46 8.87 48.45
N HIS B 533 -24.18 7.78 48.18
CA HIS B 533 -23.65 6.71 47.37
C HIS B 533 -23.20 7.26 46.03
N PRO B 534 -22.01 6.90 45.53
CA PRO B 534 -21.51 7.53 44.29
C PRO B 534 -22.35 7.24 43.07
N TYR B 535 -23.32 6.32 43.14
CA TYR B 535 -24.17 6.04 41.99
C TYR B 535 -25.19 7.15 41.80
N TYR B 536 -25.68 7.73 42.89
CA TYR B 536 -26.71 8.76 42.84
C TYR B 536 -26.13 10.16 42.97
N THR B 537 -24.84 10.33 42.77
CA THR B 537 -24.19 11.63 42.72
C THR B 537 -24.11 12.08 41.27
N LEU B 538 -24.58 13.29 40.99
CA LEU B 538 -24.48 13.85 39.65
C LEU B 538 -23.20 14.67 39.55
N TYR B 539 -22.91 15.13 38.33
CA TYR B 539 -21.69 15.90 38.08
C TYR B 539 -21.94 17.36 38.45
N TRP B 540 -22.03 17.60 39.77
CA TRP B 540 -22.37 18.92 40.26
C TRP B 540 -21.28 19.95 39.95
N ASN B 541 -20.02 19.55 40.05
CA ASN B 541 -18.91 20.48 39.82
C ASN B 541 -18.61 20.69 38.34
N SER B 542 -19.47 20.23 37.44
CA SER B 542 -19.34 20.50 36.02
C SER B 542 -20.17 21.70 35.58
N VAL B 543 -20.82 22.39 36.51
CA VAL B 543 -21.63 23.56 36.22
C VAL B 543 -21.27 24.64 37.24
N GLU B 544 -21.62 25.90 36.90
CA GLU B 544 -21.31 27.00 37.78
C GLU B 544 -22.42 27.23 38.80
N PRO B 545 -22.11 27.78 39.97
CA PRO B 545 -23.17 28.00 40.97
C PRO B 545 -24.28 28.92 40.49
N LYS B 546 -24.02 29.80 39.53
CA LYS B 546 -25.07 30.67 39.01
C LYS B 546 -26.09 29.88 38.21
N ASP B 547 -25.64 28.90 37.42
CA ASP B 547 -26.56 28.06 36.67
C ASP B 547 -27.46 27.27 37.62
N VAL B 548 -26.88 26.74 38.70
CA VAL B 548 -27.68 26.02 39.67
C VAL B 548 -28.63 26.96 40.39
N GLU B 549 -28.23 28.22 40.59
CA GLU B 549 -29.16 29.19 41.18
C GLU B 549 -30.37 29.41 40.28
N LYS B 550 -30.13 29.63 38.98
CA LYS B 550 -31.23 29.77 38.03
C LYS B 550 -32.14 28.54 38.05
N LEU B 551 -31.53 27.36 38.00
CA LEU B 551 -32.32 26.12 37.98
C LEU B 551 -33.14 25.97 39.26
N TRP B 552 -32.54 26.30 40.40
CA TRP B 552 -33.27 26.25 41.66
C TRP B 552 -34.49 27.16 41.61
N ARG B 553 -34.32 28.37 41.06
CA ARG B 553 -35.45 29.28 40.97
C ARG B 553 -36.56 28.69 40.10
N LEU B 554 -36.19 28.13 38.95
CA LEU B 554 -37.20 27.56 38.06
C LEU B 554 -37.93 26.41 38.74
N LEU B 555 -37.19 25.52 39.41
CA LEU B 555 -37.83 24.38 40.07
C LEU B 555 -38.76 24.84 41.20
N LYS B 556 -38.33 25.85 41.94
CA LYS B 556 -39.15 26.36 43.04
C LYS B 556 -40.43 27.00 42.52
N ASN B 557 -40.37 27.68 41.37
CA ASN B 557 -41.52 28.41 40.87
C ASN B 557 -42.47 27.54 40.05
N TYR B 558 -41.97 26.95 38.96
CA TYR B 558 -42.83 26.33 37.96
C TYR B 558 -42.64 24.82 37.82
N ALA B 559 -42.57 24.09 38.92
CA ALA B 559 -42.41 22.64 38.87
C ALA B 559 -43.44 21.96 39.75
N GLU B 560 -43.90 20.79 39.29
CA GLU B 560 -44.84 19.96 40.04
C GLU B 560 -44.12 18.68 40.44
N ILE B 561 -44.07 18.41 41.74
CA ILE B 561 -43.28 17.31 42.28
C ILE B 561 -44.18 16.44 43.15
N GLU B 562 -43.85 15.15 43.22
CA GLU B 562 -44.57 14.18 44.04
C GLU B 562 -43.61 13.60 45.07
N TRP B 563 -44.01 13.61 46.33
CA TRP B 563 -43.15 13.23 47.43
C TRP B 563 -43.48 11.83 47.94
N SER B 564 -42.58 11.29 48.75
CA SER B 564 -42.75 9.98 49.36
C SER B 564 -42.20 10.03 50.78
N ASN B 565 -42.23 8.88 51.45
CA ASN B 565 -41.70 8.77 52.81
C ASN B 565 -41.03 7.42 52.98
N PHE B 566 -39.98 7.39 53.81
CA PHE B 566 -39.26 6.16 54.08
C PHE B 566 -38.52 6.34 55.40
N ARG B 567 -39.02 5.70 56.47
CA ARG B 567 -38.41 5.81 57.79
C ARG B 567 -38.26 7.28 58.20
N GLY B 568 -39.26 8.09 57.89
CA GLY B 568 -39.22 9.49 58.22
C GLY B 568 -38.39 10.35 57.29
N ILE B 569 -38.04 9.83 56.12
CA ILE B 569 -37.27 10.56 55.11
C ILE B 569 -38.17 10.82 53.94
N LYS B 570 -38.26 12.08 53.52
CA LYS B 570 -39.06 12.47 52.37
C LYS B 570 -38.14 12.67 51.17
N PHE B 571 -38.51 12.06 50.04
CA PHE B 571 -37.75 12.19 48.81
C PHE B 571 -38.72 12.39 47.66
N ALA B 572 -38.23 13.00 46.59
CA ALA B 572 -39.05 13.22 45.41
C ALA B 572 -39.23 11.92 44.64
N LYS B 573 -40.33 11.84 43.89
CA LYS B 573 -40.62 10.70 43.06
C LYS B 573 -40.81 11.04 41.59
N LYS B 574 -41.04 12.30 41.25
CA LYS B 574 -41.27 12.69 39.86
C LYS B 574 -41.27 14.21 39.78
N ILE B 575 -40.68 14.74 38.70
CA ILE B 575 -40.67 16.17 38.42
C ILE B 575 -41.19 16.36 37.00
N VAL B 576 -42.17 17.24 36.84
CA VAL B 576 -42.73 17.59 35.54
C VAL B 576 -42.67 19.10 35.39
N ILE B 577 -41.96 19.58 34.37
CA ILE B 577 -41.81 21.01 34.11
C ILE B 577 -41.91 21.24 32.62
N SER B 578 -42.67 22.25 32.22
CA SER B 578 -42.87 22.53 30.81
C SER B 578 -41.58 23.00 30.15
N GLN B 579 -41.43 22.66 28.87
CA GLN B 579 -40.20 23.01 28.17
C GLN B 579 -40.03 24.52 28.04
N GLU B 580 -41.12 25.25 27.79
CA GLU B 580 -41.04 26.69 27.64
C GLU B 580 -40.61 27.36 28.94
N LYS B 581 -41.18 26.93 30.07
CA LYS B 581 -40.80 27.51 31.36
C LYS B 581 -39.35 27.17 31.71
N LEU B 582 -38.92 25.94 31.42
CA LEU B 582 -37.56 25.54 31.74
C LEU B 582 -36.56 26.41 30.99
N GLY B 583 -36.80 26.68 29.71
CA GLY B 583 -35.96 27.61 28.99
C GLY B 583 -34.61 27.01 28.65
N ASP B 584 -33.57 27.84 28.72
CA ASP B 584 -32.21 27.43 28.39
C ASP B 584 -31.50 26.77 29.56
N SER B 585 -32.22 26.40 30.60
CA SER B 585 -31.65 25.62 31.70
C SER B 585 -31.67 24.12 31.41
N LYS B 586 -32.18 23.70 30.27
CA LYS B 586 -32.13 22.30 29.90
C LYS B 586 -30.71 21.82 29.65
N ARG B 587 -29.79 22.74 29.33
CA ARG B 587 -28.40 22.34 29.18
C ARG B 587 -27.76 22.00 30.51
N THR B 588 -28.22 22.64 31.60
CA THR B 588 -27.71 22.29 32.92
C THR B 588 -28.06 20.85 33.26
N LEU B 589 -29.27 20.41 32.94
CA LEU B 589 -29.67 19.04 33.20
C LEU B 589 -28.83 18.06 32.40
N GLU B 590 -28.45 18.44 31.17
CA GLU B 590 -27.64 17.56 30.33
C GLU B 590 -26.20 17.49 30.82
N LEU B 591 -25.66 18.61 31.30
CA LEU B 591 -24.29 18.62 31.81
C LEU B 591 -24.17 18.02 33.21
N LEU B 592 -25.27 17.88 33.94
CA LEU B 592 -25.26 17.17 35.20
C LEU B 592 -25.33 15.66 35.04
N GLY B 593 -25.55 15.17 33.83
CA GLY B 593 -25.74 13.74 33.62
C GLY B 593 -27.02 13.21 34.22
N LEU B 594 -28.14 13.91 34.03
CA LEU B 594 -29.42 13.54 34.63
C LEU B 594 -30.31 12.90 33.58
N PRO B 595 -30.68 11.62 33.70
CA PRO B 595 -31.59 11.01 32.71
C PRO B 595 -33.01 11.53 32.84
N HIS B 596 -33.54 12.05 31.74
CA HIS B 596 -34.91 12.54 31.68
C HIS B 596 -35.49 12.20 30.30
N THR B 597 -36.74 12.59 30.08
CA THR B 597 -37.39 12.36 28.79
C THR B 597 -38.33 13.53 28.49
N VAL B 598 -38.66 13.69 27.22
CA VAL B 598 -39.51 14.77 26.74
C VAL B 598 -40.77 14.15 26.15
N ARG B 599 -41.93 14.62 26.61
CA ARG B 599 -43.21 14.13 26.13
C ARG B 599 -44.24 15.24 26.19
N ASP B 600 -44.91 15.51 25.08
CA ASP B 600 -45.99 16.49 25.01
C ASP B 600 -45.52 17.87 25.49
N GLY B 601 -44.30 18.23 25.13
CA GLY B 601 -43.79 19.53 25.54
C GLY B 601 -43.47 19.64 27.01
N ASN B 602 -43.19 18.52 27.68
CA ASN B 602 -42.80 18.51 29.08
C ASN B 602 -41.50 17.72 29.21
N VAL B 603 -40.77 17.99 30.29
CA VAL B 603 -39.56 17.26 30.64
C VAL B 603 -39.79 16.56 31.97
N ILE B 604 -39.64 15.25 31.99
CA ILE B 604 -39.99 14.41 33.13
C ILE B 604 -38.73 13.74 33.67
N VAL B 605 -38.55 13.81 34.99
CA VAL B 605 -37.47 13.13 35.69
C VAL B 605 -38.09 12.09 36.63
N ASP B 606 -37.64 10.86 36.51
CA ASP B 606 -38.34 9.71 37.09
C ASP B 606 -37.68 9.25 38.39
N TYR B 607 -38.19 8.15 38.96
CA TYR B 607 -38.06 7.83 40.37
C TYR B 607 -36.62 7.88 40.89
N PRO B 608 -35.71 7.03 40.42
CA PRO B 608 -34.37 7.03 41.02
C PRO B 608 -33.64 8.35 40.84
N TRP B 609 -34.03 9.17 39.86
CA TRP B 609 -33.27 10.34 39.47
C TRP B 609 -33.97 11.64 39.81
N ALA B 610 -35.05 11.60 40.59
CA ALA B 610 -35.64 12.82 41.13
C ALA B 610 -35.03 13.16 42.49
N ALA B 611 -34.84 12.14 43.33
CA ALA B 611 -34.12 12.33 44.59
C ALA B 611 -32.64 12.59 44.35
N ALA B 612 -32.08 12.02 43.26
CA ALA B 612 -30.69 12.29 42.95
C ALA B 612 -30.42 13.77 42.77
N LEU B 613 -31.41 14.51 42.28
CA LEU B 613 -31.29 15.95 42.02
C LEU B 613 -31.81 16.80 43.17
N LEU B 614 -32.91 16.41 43.80
CA LEU B 614 -33.56 17.29 44.77
C LEU B 614 -33.04 17.10 46.19
N THR B 615 -32.53 15.93 46.55
CA THR B 615 -32.04 15.74 47.91
C THR B 615 -30.83 16.60 48.23
N PRO B 616 -29.80 16.68 47.39
CA PRO B 616 -28.67 17.57 47.70
C PRO B 616 -29.08 19.01 47.91
N LEU B 617 -30.06 19.50 47.17
CA LEU B 617 -30.56 20.85 47.32
C LEU B 617 -31.53 21.00 48.49
N GLY B 618 -31.58 20.02 49.39
CA GLY B 618 -32.38 20.16 50.58
C GLY B 618 -33.86 20.11 50.35
N ASN B 619 -34.30 19.50 49.24
CA ASN B 619 -35.72 19.44 48.90
C ASN B 619 -36.32 20.84 48.79
N LEU B 620 -35.51 21.79 48.32
CA LEU B 620 -35.94 23.19 48.18
C LEU B 620 -36.38 23.76 49.53
N ASN B 621 -35.55 23.57 50.55
CA ASN B 621 -35.79 24.14 51.87
C ASN B 621 -34.83 25.26 52.23
N TRP B 622 -33.62 25.25 51.66
CA TRP B 622 -32.69 26.36 51.77
C TRP B 622 -32.35 26.86 50.39
N GLU B 623 -32.36 28.18 50.21
CA GLU B 623 -32.12 28.77 48.91
C GLU B 623 -30.66 28.58 48.50
N PHE B 624 -30.45 28.35 47.21
CA PHE B 624 -29.11 28.20 46.65
C PHE B 624 -28.66 29.55 46.13
N MET B 625 -27.51 30.02 46.60
CA MET B 625 -26.96 31.30 46.19
C MET B 625 -25.49 31.13 45.86
N ALA B 626 -25.07 31.75 44.76
CA ALA B 626 -23.67 31.67 44.34
C ALA B 626 -22.78 32.48 45.27
N LYS B 627 -21.51 32.11 45.29
CA LYS B 627 -20.50 32.79 46.09
C LYS B 627 -19.22 32.89 45.28
N PRO B 628 -18.37 33.87 45.57
CA PRO B 628 -17.06 33.92 44.90
C PRO B 628 -16.04 33.07 45.61
N LEU B 629 -15.18 32.44 44.82
CA LEU B 629 -14.17 31.51 45.33
C LEU B 629 -14.79 30.28 45.96
N TYR B 630 -15.89 29.79 45.39
CA TYR B 630 -16.57 28.59 45.84
C TYR B 630 -16.97 27.76 44.63
N ALA B 631 -17.17 26.47 44.86
CA ALA B 631 -17.68 25.54 43.87
C ALA B 631 -19.06 25.04 44.29
N THR B 632 -19.75 24.36 43.37
CA THR B 632 -21.09 23.90 43.66
C THR B 632 -21.11 22.93 44.83
N ILE B 633 -20.20 21.96 44.83
CA ILE B 633 -20.17 20.99 45.92
C ILE B 633 -19.84 21.67 47.24
N ASP B 634 -19.01 22.72 47.21
CA ASP B 634 -18.69 23.43 48.44
C ASP B 634 -19.93 24.06 49.06
N ILE B 635 -20.75 24.71 48.24
CA ILE B 635 -21.98 25.33 48.76
C ILE B 635 -22.93 24.25 49.26
N ILE B 636 -23.06 23.15 48.50
CA ILE B 636 -23.95 22.06 48.93
C ILE B 636 -23.52 21.52 50.28
N ASN B 637 -22.22 21.30 50.46
CA ASN B 637 -21.73 20.73 51.72
C ASN B 637 -21.81 21.73 52.86
N GLU B 638 -21.62 23.02 52.57
CA GLU B 638 -21.68 24.03 53.62
C GLU B 638 -23.10 24.21 54.13
N ASN B 639 -24.10 24.06 53.25
CA ASN B 639 -25.49 24.30 53.64
C ASN B 639 -26.28 23.03 53.94
N ASN B 640 -25.98 21.92 53.28
CA ASN B 640 -26.78 20.72 53.41
C ASN B 640 -26.28 19.83 54.54
N GLU B 641 -27.13 18.89 54.96
CA GLU B 641 -26.80 17.97 56.04
C GLU B 641 -26.33 16.61 55.55
N ILE B 642 -26.59 16.27 54.30
CA ILE B 642 -26.07 15.05 53.68
C ILE B 642 -24.95 15.48 52.74
N LYS B 643 -23.75 14.97 52.98
CA LYS B 643 -22.57 15.46 52.28
C LYS B 643 -22.37 14.73 50.96
N LEU B 644 -21.55 15.33 50.09
CA LEU B 644 -21.30 14.85 48.76
C LEU B 644 -19.80 14.91 48.48
N ARG B 645 -19.34 14.05 47.57
CA ARG B 645 -17.96 14.03 47.14
C ARG B 645 -17.89 14.17 45.62
N ASP B 646 -16.82 14.79 45.13
CA ASP B 646 -16.71 15.04 43.70
C ASP B 646 -16.64 13.72 42.93
N ARG B 647 -17.69 13.45 42.15
CA ARG B 647 -17.78 12.22 41.40
C ARG B 647 -16.82 12.18 40.22
N GLY B 648 -16.49 13.33 39.65
CA GLY B 648 -15.49 13.38 38.59
C GLY B 648 -14.59 14.59 38.68
N ILE B 649 -13.30 14.37 38.93
CA ILE B 649 -12.33 15.45 39.00
C ILE B 649 -11.10 15.22 38.13
N SER B 650 -10.82 13.98 37.72
CA SER B 650 -9.64 13.66 36.92
C SER B 650 -10.07 13.00 35.62
N TRP B 651 -9.54 13.50 34.50
CA TRP B 651 -9.85 12.99 33.18
C TRP B 651 -8.55 12.74 32.42
N ILE B 652 -8.62 11.88 31.42
CA ILE B 652 -7.45 11.49 30.63
C ILE B 652 -7.77 11.67 29.16
N GLY B 653 -6.73 11.80 28.35
CA GLY B 653 -6.87 11.92 26.92
C GLY B 653 -6.21 10.75 26.20
N ALA B 654 -6.78 10.38 25.05
CA ALA B 654 -6.27 9.24 24.30
C ALA B 654 -6.60 9.41 22.83
N ARG B 655 -5.92 8.63 22.00
CA ARG B 655 -6.05 8.72 20.56
C ARG B 655 -5.75 7.36 19.95
N MET B 656 -6.37 7.07 18.82
CA MET B 656 -6.28 5.74 18.22
C MET B 656 -4.97 5.57 17.46
N GLY B 657 -4.49 4.34 17.45
CA GLY B 657 -3.35 3.95 16.63
C GLY B 657 -3.15 2.45 16.60
N ARG B 658 -2.69 1.92 15.48
CA ARG B 658 -2.25 0.53 15.42
C ARG B 658 -3.35 -0.46 15.79
N PRO B 659 -4.30 -0.74 14.88
CA PRO B 659 -5.31 -1.77 15.17
C PRO B 659 -4.71 -3.11 15.57
N GLU B 660 -5.54 -4.00 16.12
CA GLU B 660 -5.07 -5.30 16.57
C GLU B 660 -4.67 -6.17 15.38
N LYS B 661 -4.25 -7.40 15.66
CA LYS B 661 -3.74 -8.28 14.61
C LYS B 661 -3.64 -9.70 15.14
N ALA B 662 -4.12 -10.66 14.36
CA ALA B 662 -3.95 -12.08 14.65
C ALA B 662 -3.70 -12.85 13.35
N LYS B 663 -2.77 -12.37 12.54
CA LYS B 663 -2.51 -12.93 11.22
C LYS B 663 -1.25 -13.80 11.23
N GLU B 664 -1.06 -14.53 10.13
CA GLU B 664 0.03 -15.47 9.96
C GLU B 664 1.32 -14.72 9.61
N ARG B 665 2.35 -15.46 9.22
CA ARG B 665 3.63 -14.89 8.82
C ARG B 665 4.03 -15.45 7.47
N LYS B 666 4.30 -14.57 6.52
CA LYS B 666 4.75 -14.96 5.19
C LYS B 666 5.88 -14.05 4.75
N MET B 667 6.74 -14.58 3.88
CA MET B 667 7.83 -13.79 3.33
C MET B 667 7.26 -12.79 2.33
N LYS B 668 8.12 -11.87 1.87
CA LYS B 668 7.62 -10.81 0.99
C LYS B 668 6.96 -11.38 -0.26
N PRO B 669 7.60 -12.25 -1.05
CA PRO B 669 6.84 -13.19 -1.86
C PRO B 669 6.67 -14.51 -1.12
N PRO B 670 5.44 -15.00 -0.96
CA PRO B 670 5.24 -16.20 -0.14
C PRO B 670 6.08 -17.37 -0.63
N VAL B 671 6.61 -18.13 0.32
CA VAL B 671 7.49 -19.25 0.04
C VAL B 671 6.93 -20.49 0.74
N GLN B 672 7.18 -21.65 0.15
CA GLN B 672 6.77 -22.93 0.74
C GLN B 672 7.89 -23.94 0.87
N VAL B 673 9.01 -23.76 0.18
CA VAL B 673 10.17 -24.62 0.33
C VAL B 673 11.42 -23.78 0.12
N LEU B 674 12.47 -24.06 0.90
CA LEU B 674 13.73 -23.32 0.81
C LEU B 674 14.65 -23.99 -0.21
N PHE B 675 14.27 -23.87 -1.48
CA PHE B 675 14.98 -24.46 -2.60
C PHE B 675 15.21 -23.38 -3.65
N PRO B 676 16.45 -23.17 -4.11
CA PRO B 676 16.69 -22.12 -5.09
C PRO B 676 16.20 -22.51 -6.47
N ILE B 677 15.60 -21.56 -7.18
CA ILE B 677 15.11 -21.80 -8.53
C ILE B 677 15.63 -20.79 -9.54
N GLY B 678 16.00 -19.57 -9.14
CA GLY B 678 16.41 -18.58 -10.10
C GLY B 678 15.23 -17.97 -10.83
N LEU B 679 15.44 -17.66 -12.11
CA LEU B 679 14.40 -17.10 -12.96
C LEU B 679 13.68 -18.14 -13.80
N ALA B 680 14.00 -19.42 -13.61
CA ALA B 680 13.37 -20.49 -14.37
C ALA B 680 11.92 -20.72 -13.98
N GLY B 681 11.44 -20.10 -12.90
CA GLY B 681 10.08 -20.31 -12.46
C GLY B 681 9.16 -19.12 -12.72
N GLY B 682 9.73 -18.00 -13.14
CA GLY B 682 8.97 -16.79 -13.35
C GLY B 682 9.08 -15.84 -12.19
N SER B 683 8.17 -14.87 -12.17
CA SER B 683 8.15 -13.88 -11.10
C SER B 683 7.77 -14.52 -9.77
N SER B 684 6.91 -15.54 -9.80
CA SER B 684 6.42 -16.18 -8.59
C SER B 684 7.25 -17.38 -8.17
N ARG B 685 8.37 -17.63 -8.84
CA ARG B 685 9.30 -18.68 -8.44
C ARG B 685 8.59 -20.02 -8.26
N ASP B 686 7.75 -20.36 -9.24
CA ASP B 686 7.00 -21.61 -9.20
C ASP B 686 7.90 -22.75 -9.66
N ILE B 687 8.23 -23.66 -8.75
CA ILE B 687 9.07 -24.80 -9.09
C ILE B 687 8.32 -25.78 -9.98
N LYS B 688 7.04 -26.00 -9.70
CA LYS B 688 6.28 -26.98 -10.48
C LYS B 688 6.17 -26.55 -11.94
N LYS B 689 5.88 -25.27 -12.18
CA LYS B 689 5.78 -24.79 -13.55
C LYS B 689 7.10 -24.96 -14.29
N ALA B 690 8.21 -24.64 -13.64
CA ALA B 690 9.52 -24.83 -14.26
C ALA B 690 9.77 -26.30 -14.55
N ALA B 691 9.35 -27.18 -13.65
CA ALA B 691 9.53 -28.62 -13.88
C ALA B 691 8.73 -29.09 -15.08
N GLU B 692 7.51 -28.58 -15.23
CA GLU B 692 6.63 -29.05 -16.30
C GLU B 692 7.21 -28.75 -17.67
N GLU B 693 7.76 -27.55 -17.85
CA GLU B 693 8.27 -27.13 -19.16
C GLU B 693 9.66 -27.68 -19.46
N GLY B 694 10.15 -28.65 -18.70
CA GLY B 694 11.44 -29.25 -19.00
C GLY B 694 12.58 -28.27 -19.04
N LYS B 695 12.47 -27.16 -18.32
CA LYS B 695 13.52 -26.16 -18.31
C LYS B 695 14.75 -26.66 -17.58
N VAL B 696 15.86 -25.96 -17.78
CA VAL B 696 17.10 -26.20 -17.06
C VAL B 696 17.47 -24.93 -16.31
N ALA B 697 17.75 -25.05 -15.02
CA ALA B 697 18.02 -23.92 -14.15
C ALA B 697 19.45 -23.95 -13.67
N GLU B 698 20.09 -22.79 -13.68
CA GLU B 698 21.46 -22.63 -13.19
C GLU B 698 21.43 -21.74 -11.95
N VAL B 699 21.91 -22.27 -10.83
CA VAL B 699 21.81 -21.58 -9.54
C VAL B 699 22.94 -22.08 -8.65
N GLU B 700 23.27 -21.27 -7.64
CA GLU B 700 24.29 -21.64 -6.67
C GLU B 700 23.66 -22.55 -5.62
N ILE B 701 24.15 -23.78 -5.52
CA ILE B 701 23.59 -24.80 -4.65
C ILE B 701 24.73 -25.66 -4.15
N ALA B 702 24.45 -26.47 -3.14
CA ALA B 702 25.42 -27.40 -2.59
C ALA B 702 25.08 -28.82 -3.02
N PHE B 703 26.09 -29.54 -3.50
CA PHE B 703 25.94 -30.92 -3.91
C PHE B 703 26.57 -31.84 -2.87
N PHE B 704 26.08 -33.07 -2.81
CA PHE B 704 26.62 -34.10 -1.94
C PHE B 704 26.97 -35.31 -2.79
N LYS B 705 27.96 -36.09 -2.37
CA LYS B 705 28.45 -37.22 -3.14
C LYS B 705 28.36 -38.50 -2.31
N CYS B 706 27.84 -39.56 -2.91
CA CYS B 706 27.73 -40.84 -2.22
C CYS B 706 29.09 -41.53 -2.21
N PRO B 707 29.62 -41.92 -1.05
CA PRO B 707 30.95 -42.58 -1.03
C PRO B 707 31.00 -43.88 -1.80
N LYS B 708 29.92 -44.65 -1.83
CA LYS B 708 29.99 -46.02 -2.35
C LYS B 708 29.97 -46.05 -3.88
N CYS B 709 28.89 -45.56 -4.50
CA CYS B 709 28.74 -45.69 -5.94
C CYS B 709 29.22 -44.44 -6.69
N GLY B 710 28.81 -43.25 -6.24
CA GLY B 710 29.29 -42.03 -6.86
C GLY B 710 28.19 -41.10 -7.36
N HIS B 711 26.98 -41.26 -6.83
CA HIS B 711 25.90 -40.34 -7.17
C HIS B 711 26.20 -38.95 -6.61
N VAL B 712 25.89 -37.92 -7.40
CA VAL B 712 26.15 -36.53 -7.02
C VAL B 712 24.90 -35.71 -7.29
N GLY B 713 24.47 -34.95 -6.29
CA GLY B 713 23.31 -34.09 -6.42
C GLY B 713 23.00 -33.37 -5.12
N PRO B 714 21.94 -32.55 -5.12
CA PRO B 714 21.56 -31.79 -3.92
C PRO B 714 20.68 -32.58 -2.96
N GLU B 715 21.20 -33.70 -2.46
CA GLU B 715 20.41 -34.58 -1.61
C GLU B 715 21.28 -35.12 -0.49
N HIS B 716 20.62 -35.56 0.58
CA HIS B 716 21.31 -36.10 1.75
C HIS B 716 21.34 -37.62 1.79
N LEU B 717 20.52 -38.29 0.97
CA LEU B 717 20.50 -39.75 0.87
C LEU B 717 20.57 -40.15 -0.59
N CYS B 718 21.39 -41.17 -0.88
CA CYS B 718 21.57 -41.62 -2.25
C CYS B 718 20.40 -42.49 -2.68
N PRO B 719 19.68 -42.15 -3.74
CA PRO B 719 18.50 -42.94 -4.12
C PRO B 719 18.80 -44.40 -4.42
N ASN B 720 19.96 -44.70 -5.02
CA ASN B 720 20.24 -46.07 -5.42
C ASN B 720 20.40 -46.99 -4.22
N CYS B 721 21.23 -46.59 -3.25
CA CYS B 721 21.54 -47.44 -2.10
C CYS B 721 21.01 -46.90 -0.79
N GLY B 722 20.58 -45.64 -0.73
CA GLY B 722 20.03 -45.08 0.49
C GLY B 722 21.01 -44.99 1.64
N THR B 723 22.21 -44.47 1.37
CA THR B 723 23.22 -44.24 2.39
C THR B 723 23.59 -42.76 2.40
N ARG B 724 23.89 -42.24 3.59
CA ARG B 724 24.16 -40.83 3.73
C ARG B 724 25.39 -40.42 2.93
N LYS B 725 25.29 -39.27 2.26
CA LYS B 725 26.33 -38.77 1.38
C LYS B 725 27.22 -37.79 2.14
N GLU B 726 28.22 -37.25 1.44
CA GLU B 726 29.19 -36.32 2.01
C GLU B 726 29.22 -35.03 1.19
N LEU B 727 29.38 -33.91 1.89
CA LEU B 727 29.37 -32.60 1.22
C LEU B 727 30.63 -32.41 0.38
N LEU B 728 30.47 -31.77 -0.78
CA LEU B 728 31.58 -31.55 -1.70
C LEU B 728 32.12 -30.13 -1.51
N TRP B 729 33.41 -30.03 -1.24
CA TRP B 729 34.09 -28.74 -1.12
C TRP B 729 34.83 -28.45 -2.43
N VAL B 730 34.68 -27.25 -2.95
CA VAL B 730 35.13 -26.90 -4.28
C VAL B 730 36.06 -25.69 -4.22
N CYS B 731 37.20 -25.78 -4.88
CA CYS B 731 38.16 -24.68 -4.93
C CYS B 731 37.68 -23.64 -5.94
N PRO B 732 37.48 -22.37 -5.54
CA PRO B 732 36.98 -21.38 -6.49
C PRO B 732 37.91 -21.16 -7.68
N ARG B 733 39.21 -21.40 -7.53
CA ARG B 733 40.18 -21.06 -8.55
C ARG B 733 40.31 -22.12 -9.63
N CYS B 734 40.42 -23.39 -9.26
CA CYS B 734 40.59 -24.46 -10.23
C CYS B 734 39.43 -25.45 -10.27
N ASN B 735 38.38 -25.24 -9.48
CA ASN B 735 37.17 -26.06 -9.51
C ASN B 735 37.45 -27.53 -9.20
N ALA B 736 38.43 -27.81 -8.35
CA ALA B 736 38.65 -29.18 -7.92
C ALA B 736 37.65 -29.55 -6.83
N GLU B 737 37.08 -30.75 -6.93
CA GLU B 737 36.08 -31.23 -5.99
C GLU B 737 36.73 -32.15 -4.97
N TYR B 738 36.47 -31.90 -3.69
CA TYR B 738 37.02 -32.70 -2.61
C TYR B 738 35.91 -33.12 -1.65
N PRO B 739 35.74 -34.40 -1.36
CA PRO B 739 34.75 -34.80 -0.35
C PRO B 739 35.09 -34.23 1.02
N GLU B 740 34.14 -34.39 1.94
CA GLU B 740 34.32 -33.86 3.29
C GLU B 740 35.51 -34.52 3.99
N SER B 741 35.66 -35.84 3.84
CA SER B 741 36.77 -36.52 4.48
C SER B 741 38.11 -36.01 3.96
N GLN B 742 38.21 -35.81 2.64
CA GLN B 742 39.47 -35.35 2.07
C GLN B 742 39.76 -33.91 2.49
N ALA B 743 38.77 -33.02 2.36
CA ALA B 743 39.01 -31.62 2.67
C ALA B 743 39.48 -31.43 4.11
N GLU B 744 39.04 -32.28 5.02
CA GLU B 744 39.50 -32.18 6.41
C GLU B 744 41.01 -32.37 6.51
N GLY B 745 41.56 -33.34 5.79
CA GLY B 745 43.00 -33.53 5.80
C GLY B 745 43.75 -32.34 5.25
N TYR B 746 43.16 -31.66 4.26
CA TYR B 746 43.78 -30.50 3.63
C TYR B 746 43.47 -29.20 4.35
N ASN B 747 42.78 -29.26 5.49
CA ASN B 747 42.40 -28.06 6.24
C ASN B 747 41.52 -27.12 5.43
N TYR B 748 40.71 -27.68 4.53
CA TYR B 748 39.81 -26.88 3.70
C TYR B 748 40.57 -25.83 2.90
N THR B 749 41.74 -26.22 2.38
CA THR B 749 42.53 -25.38 1.49
C THR B 749 43.01 -26.23 0.32
N CYS B 750 42.95 -25.68 -0.87
CA CYS B 750 43.33 -26.44 -2.05
C CYS B 750 44.82 -26.74 -2.02
N PRO B 751 45.25 -27.93 -2.47
CA PRO B 751 46.69 -28.19 -2.55
C PRO B 751 47.34 -27.50 -3.74
N LYS B 752 46.68 -27.54 -4.90
CA LYS B 752 47.21 -26.91 -6.11
C LYS B 752 47.18 -25.40 -6.05
N CYS B 753 46.50 -24.82 -5.06
CA CYS B 753 46.48 -23.37 -4.87
C CYS B 753 46.69 -23.13 -3.39
N ASN B 754 46.48 -21.89 -2.95
CA ASN B 754 46.61 -21.54 -1.54
C ASN B 754 45.40 -20.70 -1.13
N VAL B 755 44.21 -21.14 -1.52
CA VAL B 755 42.97 -20.42 -1.25
C VAL B 755 42.00 -21.36 -0.55
N LYS B 756 41.11 -20.78 0.26
CA LYS B 756 40.13 -21.55 0.98
C LYS B 756 39.09 -22.13 0.04
N LEU B 757 38.65 -23.35 0.33
CA LEU B 757 37.59 -23.98 -0.45
C LEU B 757 36.24 -23.39 -0.07
N ARG B 758 35.21 -23.78 -0.83
CA ARG B 758 33.84 -23.39 -0.54
C ARG B 758 32.97 -24.64 -0.54
N PRO B 759 31.88 -24.64 0.23
CA PRO B 759 30.97 -25.80 0.24
C PRO B 759 30.02 -25.84 -0.94
N TYR B 760 29.98 -24.79 -1.76
CA TYR B 760 29.01 -24.68 -2.83
C TYR B 760 29.68 -24.11 -4.08
N ALA B 761 29.00 -24.26 -5.21
CA ALA B 761 29.41 -23.65 -6.46
C ALA B 761 28.21 -23.55 -7.39
N LYS B 762 28.31 -22.64 -8.34
CA LYS B 762 27.23 -22.50 -9.33
C LYS B 762 27.11 -23.77 -10.15
N ARG B 763 25.89 -24.27 -10.28
CA ARG B 763 25.66 -25.58 -10.87
C ARG B 763 24.34 -25.58 -11.63
N LYS B 764 24.16 -26.59 -12.46
CA LYS B 764 22.97 -26.74 -13.29
C LYS B 764 22.14 -27.91 -12.78
N ILE B 765 20.84 -27.68 -12.63
CA ILE B 765 19.91 -28.66 -12.08
C ILE B 765 18.69 -28.73 -12.99
N ARG B 766 18.15 -29.94 -13.15
CA ARG B 766 16.95 -30.15 -13.96
C ARG B 766 15.76 -30.35 -13.03
N PRO B 767 14.84 -29.38 -12.91
CA PRO B 767 13.77 -29.52 -11.92
C PRO B 767 12.86 -30.72 -12.15
N SER B 768 12.68 -31.16 -13.39
CA SER B 768 11.71 -32.21 -13.67
C SER B 768 12.06 -33.50 -12.93
N GLU B 769 13.30 -33.97 -13.07
CA GLU B 769 13.67 -35.24 -12.45
C GLU B 769 13.56 -35.17 -10.94
N LEU B 770 14.06 -34.09 -10.33
CA LEU B 770 14.00 -33.97 -8.88
C LEU B 770 12.57 -33.94 -8.39
N LEU B 771 11.71 -33.15 -9.04
CA LEU B 771 10.32 -33.07 -8.60
C LEU B 771 9.61 -34.40 -8.75
N ASN B 772 9.87 -35.12 -9.85
CA ASN B 772 9.24 -36.43 -10.03
C ASN B 772 9.69 -37.40 -8.94
N ARG B 773 10.98 -37.39 -8.61
CA ARG B 773 11.45 -38.28 -7.55
C ARG B 773 10.78 -37.94 -6.23
N ALA B 774 10.66 -36.65 -5.90
CA ALA B 774 10.01 -36.25 -4.66
C ALA B 774 8.54 -36.69 -4.64
N MET B 775 7.83 -36.47 -5.75
CA MET B 775 6.43 -36.84 -5.83
C MET B 775 6.26 -38.34 -5.62
N GLU B 776 7.11 -39.15 -6.25
CA GLU B 776 7.06 -40.58 -6.04
C GLU B 776 7.35 -40.93 -4.59
N ASN B 777 8.26 -40.19 -3.96
CA ASN B 777 8.66 -40.51 -2.60
C ASN B 777 7.52 -40.30 -1.61
N VAL B 778 6.86 -39.14 -1.65
CA VAL B 778 5.78 -38.87 -0.68
C VAL B 778 4.39 -39.21 -1.19
N LYS B 779 4.25 -39.56 -2.48
CA LYS B 779 2.96 -39.93 -3.05
C LYS B 779 1.98 -38.76 -2.99
N VAL B 780 2.45 -37.57 -3.37
CA VAL B 780 1.64 -36.36 -3.43
C VAL B 780 1.72 -35.83 -4.84
N TYR B 781 0.65 -36.03 -5.63
CA TYR B 781 0.68 -35.74 -7.05
C TYR B 781 -0.16 -34.55 -7.47
N GLY B 782 -1.15 -34.14 -6.69
CA GLY B 782 -2.11 -33.14 -7.10
C GLY B 782 -1.75 -31.70 -6.81
N VAL B 783 -0.55 -31.43 -6.32
CA VAL B 783 -0.16 -30.08 -5.95
C VAL B 783 0.05 -29.26 -7.22
N ASP B 784 -0.62 -28.11 -7.31
CA ASP B 784 -0.57 -27.30 -8.52
C ASP B 784 0.60 -26.32 -8.51
N LYS B 785 0.84 -25.65 -7.40
CA LYS B 785 1.90 -24.67 -7.27
C LYS B 785 2.87 -25.09 -6.17
N LEU B 786 4.13 -24.68 -6.32
CA LEU B 786 5.15 -24.97 -5.32
C LEU B 786 6.18 -23.85 -5.40
N LYS B 787 6.04 -22.87 -4.50
CA LYS B 787 6.87 -21.68 -4.54
C LYS B 787 8.23 -21.97 -3.90
N GLY B 788 9.27 -21.35 -4.46
CA GLY B 788 10.61 -21.48 -3.92
C GLY B 788 11.25 -20.13 -3.68
N VAL B 789 12.59 -20.06 -3.70
CA VAL B 789 13.31 -18.82 -3.51
C VAL B 789 14.21 -18.59 -4.73
N MET B 790 14.46 -17.33 -5.02
CA MET B 790 15.37 -16.98 -6.11
C MET B 790 16.78 -17.43 -5.81
N GLY B 791 17.23 -17.28 -4.58
CA GLY B 791 18.57 -17.69 -4.19
C GLY B 791 18.69 -17.76 -2.70
N MET B 792 19.59 -18.63 -2.23
CA MET B 792 19.77 -18.88 -0.81
C MET B 792 20.72 -17.84 -0.21
N THR B 793 20.33 -17.30 0.95
CA THR B 793 21.08 -16.24 1.61
C THR B 793 22.08 -16.75 2.64
N SER B 794 22.09 -18.04 2.94
CA SER B 794 23.05 -18.58 3.89
C SER B 794 24.41 -18.78 3.24
N GLY B 795 25.42 -19.02 4.09
CA GLY B 795 26.76 -19.24 3.60
C GLY B 795 27.04 -20.67 3.18
N TRP B 796 26.15 -21.60 3.53
CA TRP B 796 26.27 -22.98 3.09
C TRP B 796 25.47 -23.24 1.83
N LYS B 797 24.36 -22.52 1.64
CA LYS B 797 23.50 -22.71 0.48
C LYS B 797 23.05 -24.16 0.35
N MET B 798 22.82 -24.81 1.49
CA MET B 798 22.17 -26.12 1.49
C MET B 798 20.69 -25.95 1.15
N PRO B 799 20.12 -26.84 0.34
CA PRO B 799 18.68 -26.80 0.10
C PRO B 799 17.90 -27.71 1.04
N GLU B 800 16.63 -27.40 1.18
CA GLU B 800 15.69 -28.18 1.94
C GLU B 800 15.09 -29.29 1.09
N PRO B 801 14.76 -30.45 1.65
CA PRO B 801 14.14 -31.50 0.84
C PRO B 801 12.83 -31.02 0.22
N LEU B 802 12.56 -31.50 -0.99
CA LEU B 802 11.35 -31.11 -1.70
C LEU B 802 10.11 -31.79 -1.15
N GLU B 803 10.25 -32.91 -0.44
CA GLU B 803 9.10 -33.60 0.14
C GLU B 803 8.40 -32.71 1.15
N LYS B 804 9.17 -32.02 1.99
CA LYS B 804 8.57 -31.10 2.95
C LYS B 804 7.81 -29.99 2.25
N GLY B 805 8.36 -29.46 1.16
CA GLY B 805 7.65 -28.44 0.41
C GLY B 805 6.36 -28.95 -0.19
N LEU B 806 6.38 -30.18 -0.72
CA LEU B 806 5.16 -30.75 -1.28
C LEU B 806 4.08 -30.92 -0.21
N LEU B 807 4.45 -31.44 0.96
CA LEU B 807 3.47 -31.61 2.03
C LEU B 807 2.95 -30.26 2.53
N ARG B 808 3.82 -29.27 2.64
CA ARG B 808 3.36 -27.93 3.02
C ARG B 808 2.37 -27.38 1.99
N ALA B 809 2.68 -27.52 0.70
CA ALA B 809 1.77 -27.05 -0.33
C ALA B 809 0.43 -27.77 -0.24
N LYS B 810 0.47 -29.08 0.01
CA LYS B 810 -0.76 -29.85 0.11
C LYS B 810 -1.61 -29.36 1.28
N ASN B 811 -0.99 -29.05 2.42
CA ASN B 811 -1.73 -28.67 3.62
C ASN B 811 -1.93 -27.17 3.75
N ASP B 812 -1.39 -26.38 2.83
CA ASP B 812 -1.60 -24.93 2.80
C ASP B 812 -1.01 -24.27 4.05
N VAL B 813 0.32 -24.36 4.16
CA VAL B 813 1.07 -23.66 5.19
C VAL B 813 2.36 -23.14 4.55
N TYR B 814 2.93 -22.11 5.17
CA TYR B 814 4.09 -21.40 4.64
C TYR B 814 5.26 -21.50 5.60
N VAL B 815 6.47 -21.26 5.08
CA VAL B 815 7.70 -21.48 5.82
C VAL B 815 8.37 -20.14 6.10
N PHE B 816 9.28 -20.15 7.07
CA PHE B 816 10.04 -18.98 7.49
C PHE B 816 11.53 -19.21 7.24
N LYS B 817 12.32 -18.15 7.45
CA LYS B 817 13.72 -18.16 7.04
C LYS B 817 14.49 -19.30 7.68
N ASP B 818 14.12 -19.73 8.89
CA ASP B 818 14.84 -20.78 9.58
C ASP B 818 14.21 -22.15 9.41
N GLY B 819 13.10 -22.26 8.68
CA GLY B 819 12.44 -23.53 8.45
C GLY B 819 11.39 -23.86 9.49
N THR B 820 10.54 -22.88 9.82
CA THR B 820 9.48 -23.08 10.79
C THR B 820 8.26 -22.27 10.36
N ILE B 821 7.09 -22.66 10.86
CA ILE B 821 5.82 -22.01 10.54
C ILE B 821 5.37 -21.24 11.77
N ARG B 822 5.07 -19.95 11.59
CA ARG B 822 4.82 -19.03 12.69
C ARG B 822 3.53 -18.27 12.51
N PHE B 823 2.95 -17.84 13.64
CA PHE B 823 1.69 -17.12 13.70
C PHE B 823 1.84 -15.94 14.63
N ASP B 824 1.53 -14.73 14.15
CA ASP B 824 1.75 -13.49 14.88
C ASP B 824 0.44 -12.92 15.39
N ALA B 825 0.45 -12.44 16.63
CA ALA B 825 -0.75 -11.88 17.24
C ALA B 825 -0.38 -10.90 18.35
N THR B 826 -1.27 -9.95 18.59
CA THR B 826 -1.09 -8.99 19.68
C THR B 826 -1.26 -9.69 21.02
N ASP B 827 -0.56 -9.21 22.04
CA ASP B 827 -0.54 -9.87 23.34
C ASP B 827 -1.22 -9.03 24.42
N ALA B 828 -1.97 -9.70 25.27
CA ALA B 828 -2.68 -9.10 26.40
C ALA B 828 -2.47 -9.97 27.62
N PRO B 829 -2.61 -9.41 28.82
CA PRO B 829 -2.36 -10.18 30.04
C PRO B 829 -3.62 -10.79 30.62
N ILE B 830 -3.43 -11.80 31.46
CA ILE B 830 -4.53 -12.42 32.20
C ILE B 830 -3.94 -13.24 33.33
N THR B 831 -4.61 -13.19 34.49
CA THR B 831 -4.18 -13.95 35.65
C THR B 831 -5.26 -14.86 36.20
N HIS B 832 -6.54 -14.56 35.99
CA HIS B 832 -7.65 -15.42 36.41
C HIS B 832 -8.59 -15.58 35.24
N PHE B 833 -9.33 -16.69 35.21
CA PHE B 833 -10.23 -16.99 34.11
C PHE B 833 -11.41 -17.81 34.62
N ARG B 834 -12.48 -17.83 33.81
CA ARG B 834 -13.66 -18.66 34.07
C ARG B 834 -13.69 -19.80 33.06
N PRO B 835 -14.02 -21.03 33.47
CA PRO B 835 -14.07 -22.12 32.48
C PRO B 835 -15.04 -21.87 31.35
N ARG B 836 -16.10 -21.10 31.58
CA ARG B 836 -17.07 -20.85 30.51
C ARG B 836 -16.56 -19.89 29.45
N GLU B 837 -15.68 -18.95 29.81
CA GLU B 837 -15.17 -18.01 28.82
C GLU B 837 -14.40 -18.70 27.72
N ILE B 838 -13.56 -19.67 28.09
CA ILE B 838 -12.65 -20.32 27.14
C ILE B 838 -13.21 -21.64 26.62
N GLY B 839 -14.44 -21.99 26.98
CA GLY B 839 -15.09 -23.16 26.40
C GLY B 839 -14.43 -24.47 26.71
N VAL B 840 -14.00 -24.67 27.95
CA VAL B 840 -13.40 -25.92 28.41
C VAL B 840 -14.19 -26.43 29.59
N SER B 841 -14.49 -27.73 29.59
CA SER B 841 -15.30 -28.31 30.64
C SER B 841 -14.49 -28.45 31.93
N VAL B 842 -15.21 -28.55 33.05
CA VAL B 842 -14.57 -28.68 34.35
C VAL B 842 -13.82 -30.00 34.45
N GLU B 843 -14.35 -31.05 33.83
CA GLU B 843 -13.67 -32.34 33.86
C GLU B 843 -12.33 -32.28 33.13
N LYS B 844 -12.29 -31.60 31.97
CA LYS B 844 -11.04 -31.42 31.25
C LYS B 844 -10.05 -30.61 32.08
N LEU B 845 -10.51 -29.55 32.74
CA LEU B 845 -9.63 -28.76 33.60
C LEU B 845 -9.07 -29.61 34.73
N ARG B 846 -9.92 -30.42 35.36
CA ARG B 846 -9.45 -31.29 36.43
C ARG B 846 -8.41 -32.28 35.90
N GLU B 847 -8.61 -32.75 34.66
CA GLU B 847 -7.61 -33.61 34.04
C GLU B 847 -6.30 -32.85 33.81
N LEU B 848 -6.38 -31.58 33.41
CA LEU B 848 -5.19 -30.80 33.15
C LEU B 848 -4.42 -30.50 34.43
N GLY B 849 -5.11 -30.36 35.55
CA GLY B 849 -4.44 -30.13 36.82
C GLY B 849 -5.17 -29.20 37.77
N TYR B 850 -6.10 -28.39 37.25
CA TYR B 850 -6.81 -27.42 38.08
C TYR B 850 -7.83 -28.13 38.97
N THR B 851 -7.81 -27.81 40.25
CA THR B 851 -8.65 -28.52 41.22
C THR B 851 -9.47 -27.58 42.10
N HIS B 852 -8.94 -26.39 42.37
CA HIS B 852 -9.60 -25.40 43.23
C HIS B 852 -9.91 -24.14 42.42
N ASP B 853 -10.51 -23.17 43.08
CA ASP B 853 -10.71 -21.83 42.55
C ASP B 853 -9.88 -20.85 43.38
N PHE B 854 -9.87 -19.59 42.96
CA PHE B 854 -8.94 -18.63 43.54
C PHE B 854 -9.24 -18.30 45.00
N GLU B 855 -10.26 -18.91 45.60
CA GLU B 855 -10.56 -18.71 47.02
C GLU B 855 -10.34 -19.97 47.85
N GLY B 856 -9.94 -21.09 47.24
CA GLY B 856 -9.66 -22.31 47.96
C GLY B 856 -10.75 -23.36 47.87
N LYS B 857 -11.95 -23.00 47.42
CA LYS B 857 -13.03 -23.96 47.33
C LYS B 857 -12.82 -24.90 46.14
N PRO B 858 -13.30 -26.13 46.21
CA PRO B 858 -13.12 -27.06 45.10
C PRO B 858 -13.78 -26.55 43.83
N LEU B 859 -13.23 -26.96 42.69
CA LEU B 859 -13.75 -26.54 41.39
C LEU B 859 -14.83 -27.52 40.97
N VAL B 860 -16.08 -27.06 40.92
CA VAL B 860 -17.21 -27.94 40.61
C VAL B 860 -18.12 -27.30 39.57
N SER B 861 -17.98 -25.99 39.34
CA SER B 861 -18.87 -25.25 38.46
C SER B 861 -18.06 -24.51 37.41
N GLU B 862 -18.70 -24.19 36.29
CA GLU B 862 -18.03 -23.46 35.23
C GLU B 862 -18.19 -21.95 35.34
N ASP B 863 -18.82 -21.46 36.41
CA ASP B 863 -18.94 -20.04 36.66
C ASP B 863 -17.91 -19.53 37.65
N GLN B 864 -17.09 -20.40 38.22
CA GLN B 864 -16.11 -19.98 39.21
C GLN B 864 -14.88 -19.39 38.54
N ILE B 865 -14.09 -18.66 39.32
CA ILE B 865 -12.88 -18.00 38.85
C ILE B 865 -11.68 -18.85 39.28
N VAL B 866 -10.87 -19.25 38.31
CA VAL B 866 -9.72 -20.13 38.55
C VAL B 866 -8.46 -19.37 38.17
N GLU B 867 -7.44 -19.46 39.00
CA GLU B 867 -6.19 -18.76 38.73
C GLU B 867 -5.36 -19.50 37.69
N LEU B 868 -4.71 -18.73 36.82
CA LEU B 868 -3.94 -19.27 35.71
C LEU B 868 -2.51 -19.55 36.13
N LYS B 869 -1.98 -20.68 35.68
CA LYS B 869 -0.60 -21.04 35.98
C LYS B 869 0.34 -20.31 35.03
N PRO B 870 1.60 -20.11 35.42
CA PRO B 870 2.45 -19.15 34.70
C PRO B 870 2.65 -19.46 33.22
N GLN B 871 2.60 -20.73 32.82
CA GLN B 871 2.96 -21.14 31.47
C GLN B 871 1.80 -21.75 30.70
N ASP B 872 0.57 -21.32 30.98
CA ASP B 872 -0.62 -21.75 30.26
C ASP B 872 -1.16 -20.57 29.46
N ILE B 873 -1.49 -20.81 28.19
CA ILE B 873 -1.86 -19.73 27.28
C ILE B 873 -3.27 -20.00 26.74
N ILE B 874 -3.89 -18.92 26.27
CA ILE B 874 -5.25 -18.95 25.72
C ILE B 874 -5.17 -18.37 24.31
N LEU B 875 -5.21 -19.23 23.31
CA LEU B 875 -5.07 -18.80 21.93
C LEU B 875 -6.38 -18.20 21.43
N SER B 876 -6.30 -17.51 20.29
CA SER B 876 -7.50 -17.04 19.61
C SER B 876 -8.08 -18.20 18.81
N LYS B 877 -9.06 -17.91 17.96
CA LYS B 877 -9.62 -18.93 17.08
C LYS B 877 -8.99 -18.93 15.70
N GLU B 878 -8.46 -17.79 15.25
CA GLU B 878 -7.63 -17.79 14.05
C GLU B 878 -6.36 -18.61 14.27
N ALA B 879 -5.74 -18.48 15.43
CA ALA B 879 -4.57 -19.28 15.75
C ALA B 879 -4.92 -20.75 15.74
N GLY B 880 -6.06 -21.13 16.32
CA GLY B 880 -6.46 -22.52 16.29
C GLY B 880 -6.71 -23.04 14.88
N ARG B 881 -7.37 -22.22 14.05
CA ARG B 881 -7.62 -22.63 12.67
C ARG B 881 -6.31 -22.87 11.91
N TYR B 882 -5.31 -22.02 12.12
CA TYR B 882 -4.03 -22.20 11.42
C TYR B 882 -3.23 -23.36 12.00
N LEU B 883 -3.22 -23.50 13.33
CA LEU B 883 -2.44 -24.56 13.95
C LEU B 883 -3.05 -25.93 13.70
N LEU B 884 -4.34 -26.01 13.35
CA LEU B 884 -4.89 -27.28 12.89
C LEU B 884 -4.22 -27.73 11.60
N LYS B 885 -4.06 -26.81 10.65
CA LYS B 885 -3.36 -27.14 9.41
C LYS B 885 -1.90 -27.51 9.69
N VAL B 886 -1.25 -26.79 10.59
CA VAL B 886 0.14 -27.12 10.92
C VAL B 886 0.23 -28.51 11.53
N ALA B 887 -0.71 -28.86 12.41
CA ALA B 887 -0.71 -30.18 13.03
C ALA B 887 -0.93 -31.27 11.98
N LYS B 888 -1.83 -31.03 11.02
CA LYS B 888 -2.02 -31.99 9.95
C LYS B 888 -0.74 -32.17 9.13
N PHE B 889 -0.05 -31.06 8.83
CA PHE B 889 1.20 -31.15 8.08
C PHE B 889 2.23 -31.97 8.83
N VAL B 890 2.35 -31.76 10.14
CA VAL B 890 3.33 -32.51 10.93
C VAL B 890 2.97 -33.99 10.97
N ASP B 891 1.68 -34.31 11.12
CA ASP B 891 1.27 -35.71 11.12
C ASP B 891 1.59 -36.38 9.78
N ASP B 892 1.30 -35.70 8.67
CA ASP B 892 1.63 -36.23 7.36
C ASP B 892 3.13 -36.44 7.21
N LEU B 893 3.92 -35.47 7.65
CA LEU B 893 5.37 -35.60 7.58
C LEU B 893 5.82 -36.85 8.32
N LEU B 894 5.38 -37.02 9.56
CA LEU B 894 5.80 -38.17 10.35
C LEU B 894 5.39 -39.48 9.70
N GLU B 895 4.19 -39.52 9.14
CA GLU B 895 3.70 -40.79 8.59
C GLU B 895 4.36 -41.13 7.26
N LYS B 896 4.61 -40.14 6.40
CA LYS B 896 5.08 -40.38 5.04
C LYS B 896 6.59 -40.27 4.90
N PHE B 897 7.18 -39.15 5.32
CA PHE B 897 8.60 -38.93 5.10
C PHE B 897 9.44 -39.78 6.04
N TYR B 898 9.06 -39.85 7.31
CA TYR B 898 9.86 -40.52 8.33
C TYR B 898 9.38 -41.93 8.66
N GLY B 899 8.15 -42.27 8.34
CA GLY B 899 7.63 -43.59 8.66
C GLY B 899 7.49 -43.86 10.14
N LEU B 900 6.93 -42.92 10.89
CA LEU B 900 6.68 -43.03 12.32
C LEU B 900 5.20 -42.81 12.60
N PRO B 901 4.72 -43.21 13.78
CA PRO B 901 3.30 -42.98 14.11
C PRO B 901 2.98 -41.50 14.23
N ARG B 902 1.73 -41.16 13.93
CA ARG B 902 1.26 -39.79 14.03
C ARG B 902 1.20 -39.34 15.49
N PHE B 903 1.23 -38.03 15.70
CA PHE B 903 1.39 -37.46 17.02
C PHE B 903 0.14 -36.73 17.52
N TYR B 904 -0.39 -35.78 16.76
CA TYR B 904 -1.46 -34.94 17.26
C TYR B 904 -2.82 -35.63 17.15
N ASN B 905 -3.16 -36.12 15.96
CA ASN B 905 -4.43 -36.80 15.73
C ASN B 905 -5.61 -35.91 16.11
N ALA B 906 -5.71 -34.77 15.42
CA ALA B 906 -6.70 -33.76 15.70
C ALA B 906 -7.63 -33.56 14.52
N GLU B 907 -8.93 -33.44 14.78
CA GLU B 907 -9.91 -33.10 13.77
C GLU B 907 -10.53 -31.73 13.97
N LYS B 908 -10.50 -31.19 15.17
CA LYS B 908 -11.02 -29.86 15.46
C LYS B 908 -10.03 -29.14 16.36
N MET B 909 -10.15 -27.81 16.40
CA MET B 909 -9.16 -27.01 17.11
C MET B 909 -9.10 -27.34 18.59
N GLU B 910 -10.16 -27.92 19.15
CA GLU B 910 -10.17 -28.26 20.57
C GLU B 910 -9.46 -29.56 20.87
N ASP B 911 -8.90 -30.23 19.86
CA ASP B 911 -8.06 -31.40 20.08
C ASP B 911 -6.61 -31.04 20.34
N LEU B 912 -6.27 -29.75 20.28
CA LEU B 912 -4.92 -29.27 20.55
C LEU B 912 -4.71 -28.91 22.01
N ILE B 913 -5.75 -28.97 22.84
CA ILE B 913 -5.62 -28.58 24.24
C ILE B 913 -4.69 -29.57 24.94
N GLY B 914 -3.72 -29.03 25.68
CA GLY B 914 -2.73 -29.83 26.35
C GLY B 914 -1.43 -30.00 25.60
N HIS B 915 -1.27 -29.34 24.46
CA HIS B 915 -0.08 -29.46 23.63
C HIS B 915 0.75 -28.20 23.74
N LEU B 916 2.05 -28.35 23.57
CA LEU B 916 3.00 -27.29 23.84
C LEU B 916 3.27 -26.45 22.59
N VAL B 917 3.72 -25.22 22.81
CA VAL B 917 4.13 -24.30 21.76
C VAL B 917 5.43 -23.62 22.19
N ILE B 918 5.90 -22.69 21.36
CA ILE B 918 7.09 -21.89 21.64
C ILE B 918 6.75 -20.43 21.39
N GLY B 919 7.00 -19.57 22.36
CA GLY B 919 6.82 -18.14 22.21
C GLY B 919 8.15 -17.46 21.93
N LEU B 920 8.15 -16.51 21.01
CA LEU B 920 9.39 -15.89 20.57
C LEU B 920 9.13 -14.45 20.15
N ALA B 921 9.96 -13.54 20.65
CA ALA B 921 9.88 -12.13 20.30
C ALA B 921 10.82 -11.81 19.14
N PRO B 922 10.49 -10.83 18.29
CA PRO B 922 11.28 -10.62 17.07
C PRO B 922 12.68 -10.11 17.29
N HIS B 923 13.06 -9.73 18.52
CA HIS B 923 14.35 -9.15 18.80
C HIS B 923 15.20 -10.00 19.72
N THR B 924 14.85 -11.28 19.90
CA THR B 924 15.53 -12.16 20.84
C THR B 924 15.90 -13.46 20.15
N SER B 925 16.79 -14.22 20.80
CA SER B 925 17.28 -15.48 20.28
C SER B 925 16.93 -16.67 21.17
N ALA B 926 16.11 -16.48 22.19
CA ALA B 926 15.67 -17.57 23.06
C ALA B 926 14.15 -17.59 23.12
N GLY B 927 13.58 -18.79 23.23
CA GLY B 927 12.15 -18.96 23.35
C GLY B 927 11.75 -19.55 24.69
N ILE B 928 10.45 -19.70 24.87
CA ILE B 928 9.89 -20.24 26.10
C ILE B 928 8.68 -21.11 25.77
N VAL B 929 8.49 -22.16 26.55
CA VAL B 929 7.47 -23.16 26.27
C VAL B 929 6.15 -22.76 26.91
N GLY B 930 5.05 -23.02 26.22
CA GLY B 930 3.73 -22.75 26.74
C GLY B 930 2.77 -23.87 26.41
N ARG B 931 1.67 -23.93 27.15
CA ARG B 931 0.68 -24.98 27.01
C ARG B 931 -0.68 -24.38 26.69
N ILE B 932 -1.47 -25.07 25.87
CA ILE B 932 -2.77 -24.59 25.42
C ILE B 932 -3.85 -25.15 26.34
N ILE B 933 -4.79 -24.29 26.74
CA ILE B 933 -5.86 -24.70 27.65
C ILE B 933 -7.22 -24.25 27.13
N GLY B 934 -7.26 -23.36 26.15
CA GLY B 934 -8.54 -22.92 25.63
C GLY B 934 -8.37 -21.90 24.54
N PHE B 935 -9.52 -21.48 24.00
CA PHE B 935 -9.59 -20.53 22.90
C PHE B 935 -10.65 -19.48 23.20
N VAL B 936 -10.41 -18.25 22.75
CA VAL B 936 -11.38 -17.18 22.81
C VAL B 936 -11.71 -16.74 21.39
N ASP B 937 -12.61 -15.76 21.29
CA ASP B 937 -13.08 -15.24 20.01
C ASP B 937 -12.67 -13.79 19.79
N ALA B 938 -11.43 -13.46 20.11
CA ALA B 938 -10.85 -12.14 19.86
C ALA B 938 -9.60 -12.30 19.00
N LEU B 939 -8.92 -11.19 18.76
CA LEU B 939 -7.72 -11.17 17.92
C LEU B 939 -6.49 -10.79 18.74
N VAL B 940 -6.32 -11.41 19.90
CA VAL B 940 -5.18 -11.17 20.77
C VAL B 940 -4.71 -12.49 21.36
N GLY B 941 -3.48 -12.50 21.85
CA GLY B 941 -2.96 -13.65 22.56
C GLY B 941 -2.89 -13.44 24.06
N TYR B 942 -3.85 -13.98 24.80
CA TYR B 942 -3.87 -13.85 26.25
C TYR B 942 -2.85 -14.77 26.88
N ALA B 943 -2.21 -14.32 27.95
CA ALA B 943 -1.25 -15.14 28.68
C ALA B 943 -0.86 -14.41 29.96
N HIS B 944 -0.22 -15.14 30.85
CA HIS B 944 0.19 -14.60 32.14
C HIS B 944 1.15 -13.44 31.94
N PRO B 945 1.14 -12.43 32.82
CA PRO B 945 2.16 -11.38 32.71
C PRO B 945 3.60 -11.88 32.79
N TYR B 946 3.87 -12.97 33.51
CA TYR B 946 5.21 -13.53 33.52
C TYR B 946 5.60 -14.05 32.14
N PHE B 947 4.66 -14.66 31.41
CA PHE B 947 4.97 -15.21 30.10
C PHE B 947 5.42 -14.12 29.13
N HIS B 948 4.74 -12.98 29.13
CA HIS B 948 5.13 -11.89 28.24
C HIS B 948 6.44 -11.24 28.68
N ALA B 949 6.67 -11.16 29.98
CA ALA B 949 7.92 -10.58 30.48
C ALA B 949 9.11 -11.48 30.12
N ALA B 950 8.90 -12.80 30.11
CA ALA B 950 9.98 -13.71 29.78
C ALA B 950 10.48 -13.53 28.36
N LYS B 951 9.69 -12.92 27.49
CA LYS B 951 10.09 -12.62 26.12
C LYS B 951 10.58 -11.19 25.99
N ARG B 952 10.69 -10.47 27.09
CA ARG B 952 11.12 -9.07 27.10
C ARG B 952 10.13 -8.19 26.34
N ARG B 953 8.85 -8.37 26.62
CA ARG B 953 7.78 -7.63 25.98
C ARG B 953 6.93 -6.93 27.02
N ASN B 954 6.34 -5.81 26.64
CA ASN B 954 5.75 -4.88 27.59
C ASN B 954 4.23 -4.87 27.57
N CYS B 955 3.59 -5.41 26.53
CA CYS B 955 2.15 -5.64 26.51
C CYS B 955 1.35 -4.35 26.28
N ASP B 956 1.89 -3.40 25.53
CA ASP B 956 1.20 -2.17 25.18
C ASP B 956 1.18 -1.93 23.68
N GLY B 957 0.99 -2.99 22.91
CA GLY B 957 0.98 -2.91 21.45
C GLY B 957 1.93 -3.87 20.77
N ASP B 958 2.68 -4.66 21.53
CA ASP B 958 3.67 -5.56 20.95
C ASP B 958 3.01 -6.80 20.36
N GLU B 959 3.65 -7.39 19.36
CA GLU B 959 3.18 -8.59 18.72
C GLU B 959 4.27 -9.66 18.78
N ASP B 960 3.86 -10.90 19.01
CA ASP B 960 4.80 -12.00 19.13
C ASP B 960 4.29 -13.20 18.35
N ALA B 961 5.15 -14.21 18.23
CA ALA B 961 4.84 -15.39 17.45
C ALA B 961 4.59 -16.59 18.35
N VAL B 962 3.98 -17.62 17.77
CA VAL B 962 3.88 -18.94 18.39
C VAL B 962 4.07 -20.00 17.32
N MET B 963 4.61 -21.14 17.73
CA MET B 963 4.78 -22.27 16.84
C MET B 963 4.66 -23.54 17.65
N LEU B 964 4.19 -24.60 17.01
CA LEU B 964 4.11 -25.89 17.67
C LEU B 964 5.51 -26.43 17.95
N LEU B 965 5.69 -27.04 19.12
CA LEU B 965 7.01 -27.47 19.53
C LEU B 965 7.60 -28.50 18.58
N LEU B 966 6.81 -29.54 18.22
CA LEU B 966 7.35 -30.62 17.41
C LEU B 966 7.72 -30.14 16.01
N ASP B 967 6.95 -29.22 15.45
CA ASP B 967 7.29 -28.66 14.15
C ASP B 967 8.66 -28.02 14.17
N ALA B 968 8.92 -27.17 15.17
CA ALA B 968 10.23 -26.54 15.28
C ALA B 968 11.33 -27.58 15.51
N LEU B 969 11.06 -28.58 16.34
CA LEU B 969 12.06 -29.60 16.62
C LEU B 969 12.46 -30.35 15.36
N LEU B 970 11.48 -30.71 14.53
CA LEU B 970 11.75 -31.49 13.32
C LEU B 970 12.39 -30.64 12.23
N ASN B 971 11.93 -29.39 12.06
CA ASN B 971 12.25 -28.60 10.89
C ASN B 971 13.40 -27.63 11.09
N PHE B 972 13.47 -26.94 12.23
CA PHE B 972 14.49 -25.91 12.42
C PHE B 972 15.89 -26.48 12.22
N SER B 973 16.71 -25.73 11.50
CA SER B 973 18.11 -26.08 11.30
C SER B 973 18.94 -24.82 11.29
N ARG B 974 20.20 -24.96 11.70
CA ARG B 974 21.14 -23.85 11.77
C ARG B 974 21.87 -23.60 10.46
N TYR B 975 21.67 -24.44 9.45
CA TYR B 975 22.29 -24.26 8.15
C TYR B 975 21.41 -23.46 7.19
N TYR B 976 20.21 -23.08 7.59
CA TYR B 976 19.33 -22.28 6.76
C TYR B 976 19.31 -20.81 7.15
N LEU B 977 20.03 -20.43 8.19
CA LEU B 977 19.95 -19.07 8.69
C LEU B 977 20.75 -18.13 7.79
N PRO B 978 20.23 -16.94 7.47
CA PRO B 978 21.01 -16.00 6.67
C PRO B 978 22.34 -15.66 7.35
N GLU B 979 23.35 -15.37 6.54
CA GLU B 979 24.67 -15.04 7.06
C GLU B 979 24.93 -13.53 7.14
N LYS B 980 23.93 -12.69 6.88
CA LYS B 980 24.22 -11.28 6.66
C LYS B 980 24.85 -10.64 7.90
N ARG B 981 24.05 -10.32 8.92
CA ARG B 981 24.55 -10.23 10.28
C ARG B 981 23.51 -10.74 11.27
N GLY B 982 22.25 -10.40 11.02
CA GLY B 982 21.17 -10.64 11.94
C GLY B 982 20.36 -11.87 11.59
N GLY B 983 20.98 -12.81 10.86
CA GLY B 983 20.31 -14.05 10.56
C GLY B 983 19.95 -14.84 11.80
N LYS B 984 20.61 -14.55 12.91
CA LYS B 984 20.35 -15.23 14.18
C LYS B 984 19.35 -14.50 15.07
N MET B 985 18.92 -13.30 14.68
CA MET B 985 17.82 -12.67 15.39
C MET B 985 16.51 -13.35 15.04
N ASP B 986 15.66 -13.53 16.05
CA ASP B 986 14.34 -14.10 15.82
C ASP B 986 14.45 -15.57 15.43
N ALA B 987 15.25 -16.32 16.17
CA ALA B 987 15.46 -17.74 15.94
C ALA B 987 15.59 -18.45 17.29
N PRO B 988 14.93 -19.59 17.48
CA PRO B 988 15.08 -20.27 18.78
C PRO B 988 16.36 -21.09 18.90
N LEU B 989 17.46 -20.41 19.21
CA LEU B 989 18.73 -21.09 19.43
C LEU B 989 18.75 -21.85 20.76
N VAL B 990 17.83 -21.54 21.66
CA VAL B 990 17.70 -22.22 22.95
C VAL B 990 16.31 -21.91 23.48
N ILE B 991 15.74 -22.85 24.23
CA ILE B 991 14.39 -22.67 24.78
C ILE B 991 14.45 -22.89 26.28
N THR B 992 13.65 -22.11 27.01
CA THR B 992 13.57 -22.21 28.45
C THR B 992 12.40 -23.10 28.83
N THR B 993 12.64 -24.02 29.75
CA THR B 993 11.63 -25.01 30.15
C THR B 993 10.95 -24.67 31.46
N ARG B 994 11.52 -23.76 32.25
CA ARG B 994 10.93 -23.30 33.50
C ARG B 994 10.90 -21.79 33.50
N LEU B 995 10.01 -21.22 34.31
CA LEU B 995 9.88 -19.77 34.42
C LEU B 995 10.32 -19.33 35.81
N ASP B 996 11.16 -18.32 35.86
CA ASP B 996 11.66 -17.75 37.11
C ASP B 996 11.33 -16.26 37.15
N PRO B 997 10.39 -15.81 37.98
CA PRO B 997 10.05 -14.38 37.98
C PRO B 997 11.20 -13.48 38.35
N ARG B 998 12.23 -13.99 39.03
CA ARG B 998 13.34 -13.15 39.44
C ARG B 998 14.22 -12.70 38.28
N GLU B 999 14.12 -13.37 37.12
CA GLU B 999 14.98 -13.02 35.99
C GLU B 999 14.21 -13.02 34.68
N VAL B 1000 13.02 -12.42 34.66
CA VAL B 1000 12.26 -12.30 33.41
C VAL B 1000 12.37 -10.88 32.86
N ASP B 1001 12.10 -9.89 33.70
CA ASP B 1001 12.11 -8.50 33.29
C ASP B 1001 12.20 -7.66 34.56
N SER B 1002 11.99 -6.36 34.41
CA SER B 1002 11.96 -5.46 35.55
C SER B 1002 10.74 -4.57 35.60
N GLU B 1003 10.00 -4.43 34.50
CA GLU B 1003 8.77 -3.65 34.52
C GLU B 1003 7.62 -4.43 35.16
N VAL B 1004 7.64 -5.76 35.09
CA VAL B 1004 6.61 -6.57 35.70
C VAL B 1004 6.79 -6.71 37.21
N HIS B 1005 7.86 -6.16 37.76
CA HIS B 1005 8.07 -6.19 39.20
C HIS B 1005 7.31 -5.09 39.92
N ASN B 1006 6.66 -4.19 39.19
CA ASN B 1006 5.88 -3.11 39.79
C ASN B 1006 4.38 -3.37 39.77
N MET B 1007 3.94 -4.53 39.28
CA MET B 1007 2.51 -4.81 39.24
C MET B 1007 1.98 -5.05 40.64
N ASP B 1008 0.73 -4.62 40.87
CA ASP B 1008 0.12 -4.76 42.19
C ASP B 1008 -0.76 -6.00 42.24
N ILE B 1009 -0.78 -6.65 43.41
CA ILE B 1009 -1.43 -7.94 43.54
C ILE B 1009 -2.34 -7.96 44.77
N VAL B 1010 -2.94 -6.81 45.09
CA VAL B 1010 -3.84 -6.71 46.22
C VAL B 1010 -5.29 -6.87 45.76
N ARG B 1011 -6.15 -7.33 46.67
CA ARG B 1011 -7.56 -7.51 46.37
C ARG B 1011 -8.33 -6.20 46.33
N TYR B 1012 -7.81 -5.14 46.95
CA TYR B 1012 -8.42 -3.82 46.91
C TYR B 1012 -7.45 -2.82 47.53
N TYR B 1013 -7.49 -1.60 47.02
CA TYR B 1013 -6.60 -0.55 47.52
C TYR B 1013 -7.11 -0.04 48.87
N PRO B 1014 -6.22 0.25 49.81
CA PRO B 1014 -6.67 0.66 51.15
C PRO B 1014 -7.16 2.11 51.16
N LEU B 1015 -7.78 2.47 52.27
CA LEU B 1015 -8.30 3.83 52.43
C LEU B 1015 -7.19 4.87 52.43
N GLU B 1016 -6.03 4.50 52.99
CA GLU B 1016 -4.91 5.43 53.06
C GLU B 1016 -4.49 5.91 51.69
N PHE B 1017 -4.52 5.02 50.70
CA PHE B 1017 -4.18 5.41 49.33
C PHE B 1017 -5.16 6.46 48.81
N TYR B 1018 -6.45 6.25 49.04
CA TYR B 1018 -7.45 7.19 48.55
C TYR B 1018 -7.29 8.55 49.21
N GLU B 1019 -7.04 8.56 50.52
CA GLU B 1019 -6.86 9.83 51.21
C GLU B 1019 -5.58 10.53 50.79
N ALA B 1020 -4.53 9.76 50.46
CA ALA B 1020 -3.28 10.38 50.04
C ALA B 1020 -3.33 10.91 48.61
N THR B 1021 -4.21 10.36 47.78
CA THR B 1021 -4.34 10.87 46.41
C THR B 1021 -4.68 12.36 46.42
N TYR B 1022 -5.53 12.78 47.38
CA TYR B 1022 -5.95 14.17 47.46
C TYR B 1022 -4.81 15.11 47.81
N GLU B 1023 -3.66 14.58 48.26
CA GLU B 1023 -2.49 15.38 48.59
C GLU B 1023 -1.49 15.43 47.46
N LEU B 1024 -1.80 14.86 46.30
CA LEU B 1024 -0.95 14.92 45.11
C LEU B 1024 0.45 14.37 45.40
N LYS B 1025 0.51 13.28 46.15
CA LYS B 1025 1.78 12.67 46.47
C LYS B 1025 2.35 11.98 45.24
N SER B 1026 3.51 11.36 45.41
CA SER B 1026 4.11 10.56 44.36
C SER B 1026 4.02 9.09 44.71
N PRO B 1027 3.94 8.19 43.73
CA PRO B 1027 3.73 6.78 44.05
C PRO B 1027 4.80 6.20 44.96
N LYS B 1028 6.04 6.68 44.87
CA LYS B 1028 7.11 6.11 45.68
C LYS B 1028 6.93 6.35 47.17
N GLU B 1029 6.14 7.36 47.55
CA GLU B 1029 5.94 7.64 48.96
C GLU B 1029 5.03 6.63 49.64
N LEU B 1030 4.18 5.95 48.86
CA LEU B 1030 3.28 4.93 49.38
C LEU B 1030 3.43 3.65 48.59
N VAL B 1031 4.68 3.22 48.38
CA VAL B 1031 4.95 1.98 47.67
C VAL B 1031 4.90 0.77 48.61
N GLY B 1032 5.10 0.97 49.91
CA GLY B 1032 4.99 -0.09 50.88
C GLY B 1032 3.59 -0.33 51.41
N VAL B 1033 2.64 0.53 51.04
CA VAL B 1033 1.25 0.35 51.46
C VAL B 1033 0.47 -0.57 50.52
N ILE B 1034 0.88 -0.67 49.26
CA ILE B 1034 0.23 -1.53 48.28
C ILE B 1034 1.25 -2.59 47.86
N GLU B 1035 0.88 -3.86 48.03
CA GLU B 1035 1.80 -4.95 47.75
C GLU B 1035 1.98 -5.12 46.24
N ARG B 1036 3.22 -5.27 45.81
CA ARG B 1036 3.56 -5.45 44.41
C ARG B 1036 4.28 -6.78 44.24
N VAL B 1037 4.59 -7.11 42.98
CA VAL B 1037 5.28 -8.37 42.71
C VAL B 1037 6.67 -8.37 43.31
N GLU B 1038 7.27 -7.18 43.46
CA GLU B 1038 8.63 -7.10 43.98
C GLU B 1038 8.70 -7.62 45.41
N ASP B 1039 7.69 -7.35 46.22
CA ASP B 1039 7.74 -7.70 47.63
C ASP B 1039 7.83 -9.19 47.87
N ARG B 1040 7.40 -10.01 46.91
CA ARG B 1040 7.33 -11.45 47.08
C ARG B 1040 8.51 -12.18 46.45
N LEU B 1041 9.42 -11.48 45.80
CA LEU B 1041 10.50 -12.15 45.10
C LEU B 1041 11.38 -12.91 46.07
N GLY B 1042 11.83 -14.08 45.65
CA GLY B 1042 12.59 -14.98 46.49
C GLY B 1042 11.77 -16.01 47.20
N LYS B 1043 10.67 -15.58 47.84
CA LYS B 1043 9.84 -16.48 48.61
C LYS B 1043 9.07 -17.41 47.68
N PRO B 1044 8.60 -18.54 48.20
CA PRO B 1044 7.90 -19.51 47.33
C PRO B 1044 6.61 -18.97 46.74
N GLU B 1045 6.04 -17.93 47.32
CA GLU B 1045 4.72 -17.44 46.90
C GLU B 1045 4.84 -16.35 45.83
N MET B 1046 5.62 -16.61 44.78
CA MET B 1046 5.61 -15.74 43.61
C MET B 1046 4.95 -16.38 42.41
N TYR B 1047 4.68 -17.68 42.46
CA TYR B 1047 3.80 -18.33 41.49
C TYR B 1047 2.43 -18.64 42.06
N TYR B 1048 2.20 -18.40 43.34
CA TYR B 1048 1.10 -19.04 44.06
C TYR B 1048 -0.16 -18.17 44.12
N GLY B 1049 -0.07 -16.99 44.74
CA GLY B 1049 -1.28 -16.22 44.98
C GLY B 1049 -1.21 -14.76 44.56
N LEU B 1050 -1.92 -14.41 43.49
CA LEU B 1050 -2.01 -13.03 43.01
C LEU B 1050 -3.47 -12.71 42.83
N LYS B 1051 -3.83 -11.43 43.01
CA LYS B 1051 -5.24 -11.06 43.03
C LYS B 1051 -5.47 -9.83 42.17
N PHE B 1052 -6.75 -9.49 42.01
CA PHE B 1052 -7.18 -8.41 41.15
C PHE B 1052 -8.19 -7.56 41.91
N THR B 1053 -8.54 -6.42 41.31
CA THR B 1053 -9.47 -5.50 41.97
C THR B 1053 -10.87 -5.54 41.34
N HIS B 1054 -10.94 -5.51 40.01
CA HIS B 1054 -12.21 -5.43 39.29
C HIS B 1054 -12.48 -6.75 38.60
N ASP B 1055 -13.73 -7.19 38.65
CA ASP B 1055 -14.15 -8.41 37.97
C ASP B 1055 -14.62 -8.07 36.56
N THR B 1056 -15.01 -9.11 35.81
CA THR B 1056 -15.52 -8.91 34.47
C THR B 1056 -16.47 -10.07 34.14
N ASP B 1057 -17.57 -9.76 33.45
CA ASP B 1057 -18.50 -10.82 33.08
C ASP B 1057 -17.94 -11.73 32.00
N ASP B 1058 -17.38 -11.16 30.94
CA ASP B 1058 -16.80 -11.95 29.86
C ASP B 1058 -15.54 -11.26 29.41
N ILE B 1059 -14.53 -12.03 29.01
CA ILE B 1059 -13.22 -11.47 28.70
C ILE B 1059 -13.05 -11.19 27.22
N ALA B 1060 -14.02 -11.58 26.39
CA ALA B 1060 -14.00 -11.36 24.95
C ALA B 1060 -15.36 -10.88 24.47
N LEU B 1061 -15.94 -9.92 25.18
CA LEU B 1061 -17.24 -9.35 24.86
C LEU B 1061 -17.04 -7.96 24.27
N GLY B 1062 -17.62 -7.73 23.09
CA GLY B 1062 -17.47 -6.46 22.40
C GLY B 1062 -17.08 -6.66 20.96
N PRO B 1063 -16.90 -5.56 20.22
CA PRO B 1063 -16.50 -5.67 18.82
C PRO B 1063 -15.16 -6.37 18.68
N LYS B 1064 -15.02 -7.18 17.63
CA LYS B 1064 -13.85 -8.00 17.43
C LYS B 1064 -12.94 -7.51 16.32
N MET B 1065 -13.42 -6.62 15.45
CA MET B 1065 -12.62 -6.08 14.37
C MET B 1065 -12.80 -4.57 14.34
N SER B 1066 -11.70 -3.85 14.20
CA SER B 1066 -11.76 -2.39 14.14
C SER B 1066 -12.42 -1.96 12.83
N LEU B 1067 -13.25 -0.91 12.90
CA LEU B 1067 -13.87 -0.39 11.70
C LEU B 1067 -12.86 0.21 10.75
N TYR B 1068 -11.66 0.55 11.23
CA TYR B 1068 -10.63 1.11 10.36
C TYR B 1068 -10.23 0.14 9.26
N LYS B 1069 -10.44 -1.16 9.46
CA LYS B 1069 -9.97 -2.17 8.53
C LYS B 1069 -10.93 -2.46 7.40
N GLN B 1070 -12.13 -1.86 7.41
CA GLN B 1070 -13.12 -2.08 6.36
C GLN B 1070 -13.50 -0.79 5.65
N LEU B 1071 -12.67 0.25 5.75
CA LEU B 1071 -12.84 1.48 5.01
C LEU B 1071 -11.86 1.48 3.84
N GLY B 1072 -12.35 1.82 2.65
CA GLY B 1072 -11.53 1.72 1.46
C GLY B 1072 -10.78 2.98 1.08
N ASP B 1073 -11.51 4.08 0.93
CA ASP B 1073 -10.96 5.32 0.40
C ASP B 1073 -10.44 6.20 1.53
N MET B 1074 -9.58 7.16 1.17
CA MET B 1074 -9.08 8.11 2.16
C MET B 1074 -10.15 9.14 2.51
N GLU B 1075 -10.95 9.56 1.53
CA GLU B 1075 -12.02 10.51 1.82
C GLU B 1075 -13.04 9.90 2.78
N GLU B 1076 -13.40 8.64 2.56
CA GLU B 1076 -14.35 7.98 3.47
C GLU B 1076 -13.77 7.85 4.87
N LYS B 1077 -12.49 7.50 4.97
CA LYS B 1077 -11.84 7.41 6.28
C LYS B 1077 -11.91 8.75 7.02
N VAL B 1078 -11.52 9.83 6.34
CA VAL B 1078 -11.52 11.13 6.99
C VAL B 1078 -12.93 11.55 7.36
N ARG B 1079 -13.91 11.24 6.51
CA ARG B 1079 -15.28 11.60 6.81
C ARG B 1079 -15.78 10.91 8.07
N ARG B 1080 -15.55 9.59 8.17
CA ARG B 1080 -15.99 8.85 9.36
C ARG B 1080 -15.29 9.36 10.61
N GLN B 1081 -13.98 9.60 10.52
CA GLN B 1081 -13.24 10.10 11.68
C GLN B 1081 -13.79 11.45 12.13
N LEU B 1082 -14.09 12.35 11.19
CA LEU B 1082 -14.60 13.66 11.56
C LEU B 1082 -16.00 13.58 12.14
N GLU B 1083 -16.84 12.67 11.63
CA GLU B 1083 -18.16 12.50 12.21
C GLU B 1083 -18.05 12.01 13.66
N VAL B 1084 -17.17 11.04 13.92
CA VAL B 1084 -16.96 10.59 15.29
C VAL B 1084 -16.52 11.75 16.17
N ALA B 1085 -15.58 12.55 15.69
CA ALA B 1085 -15.13 13.69 16.47
C ALA B 1085 -16.26 14.68 16.75
N LYS B 1086 -17.16 14.84 15.78
CA LYS B 1086 -18.32 15.72 15.99
C LYS B 1086 -19.22 15.20 17.09
N ARG B 1087 -19.43 13.89 17.15
CA ARG B 1087 -20.36 13.34 18.15
C ARG B 1087 -19.85 13.57 19.56
N ILE B 1088 -18.57 13.34 19.82
CA ILE B 1088 -18.03 13.44 21.18
C ILE B 1088 -17.95 14.90 21.59
N ARG B 1089 -18.43 15.20 22.79
CA ARG B 1089 -18.51 16.58 23.25
C ARG B 1089 -17.16 17.14 23.71
N ALA B 1090 -16.20 16.28 24.04
CA ALA B 1090 -14.92 16.71 24.61
C ALA B 1090 -13.76 16.48 23.64
N VAL B 1091 -14.00 16.66 22.34
CA VAL B 1091 -12.95 16.58 21.33
C VAL B 1091 -12.71 17.91 20.63
N ASP B 1092 -13.77 18.64 20.30
CA ASP B 1092 -13.64 19.90 19.57
C ASP B 1092 -13.03 19.67 18.18
N GLU B 1093 -13.81 19.03 17.31
CA GLU B 1093 -13.35 18.80 15.94
C GLU B 1093 -13.06 20.11 15.22
N HIS B 1094 -13.92 21.11 15.44
CA HIS B 1094 -14.14 22.18 14.46
C HIS B 1094 -12.92 23.06 14.32
N GLY B 1095 -11.89 22.51 13.75
CA GLY B 1095 -10.71 23.27 13.41
C GLY B 1095 -9.48 22.59 13.94
N VAL B 1096 -9.52 22.05 15.16
CA VAL B 1096 -8.32 21.41 15.68
C VAL B 1096 -8.09 20.08 14.95
N ALA B 1097 -9.15 19.28 14.80
CA ALA B 1097 -8.95 17.99 14.13
C ALA B 1097 -8.56 18.21 12.68
N GLU B 1098 -9.22 19.16 12.01
CA GLU B 1098 -8.97 19.40 10.60
C GLU B 1098 -7.60 20.02 10.37
N LYS B 1099 -7.16 20.93 11.24
CA LYS B 1099 -5.83 21.49 11.10
C LYS B 1099 -4.76 20.43 11.32
N ILE B 1100 -4.91 19.62 12.37
CA ILE B 1100 -3.90 18.61 12.64
C ILE B 1100 -3.89 17.57 11.52
N LEU B 1101 -5.04 17.35 10.87
CA LEU B 1101 -5.06 16.45 9.72
C LEU B 1101 -4.42 17.08 8.50
N ASN B 1102 -4.70 18.36 8.25
CA ASN B 1102 -4.12 19.04 7.10
C ASN B 1102 -2.60 19.09 7.19
N SER B 1103 -2.07 19.12 8.40
CA SER B 1103 -0.63 18.97 8.58
C SER B 1103 -0.19 17.49 8.52
N HIS B 1104 -1.02 16.62 7.94
CA HIS B 1104 -0.61 15.30 7.46
C HIS B 1104 -0.82 15.12 5.96
N LEU B 1105 -1.69 15.92 5.34
CA LEU B 1105 -1.88 15.90 3.89
C LEU B 1105 -1.05 16.97 3.19
N ILE B 1106 -0.90 18.15 3.81
CA ILE B 1106 -0.07 19.20 3.21
C ILE B 1106 1.37 18.74 3.03
N PRO B 1107 2.01 18.10 4.00
CA PRO B 1107 3.38 17.61 3.75
C PRO B 1107 3.47 16.69 2.55
N ASP B 1108 2.49 15.79 2.38
CA ASP B 1108 2.52 14.89 1.23
C ASP B 1108 2.35 15.66 -0.08
N LEU B 1109 1.36 16.56 -0.13
CA LEU B 1109 1.13 17.35 -1.35
C LEU B 1109 2.39 18.12 -1.74
N ARG B 1110 2.95 18.88 -0.79
CA ARG B 1110 4.11 19.71 -1.10
C ARG B 1110 5.33 18.86 -1.43
N GLY B 1111 5.57 17.79 -0.69
CA GLY B 1111 6.73 16.96 -0.95
C GLY B 1111 6.67 16.29 -2.31
N ASN B 1112 5.51 15.77 -2.68
CA ASN B 1112 5.39 15.14 -3.99
C ASN B 1112 5.47 16.18 -5.11
N LEU B 1113 4.91 17.37 -4.91
CA LEU B 1113 5.03 18.40 -5.94
C LEU B 1113 6.48 18.82 -6.14
N ARG B 1114 7.22 19.00 -5.05
CA ARG B 1114 8.62 19.38 -5.18
C ARG B 1114 9.43 18.25 -5.82
N SER B 1115 9.22 17.02 -5.38
CA SER B 1115 9.99 15.89 -5.88
C SER B 1115 9.70 15.57 -7.35
N PHE B 1116 8.65 16.14 -7.94
CA PHE B 1116 8.33 15.81 -9.33
C PHE B 1116 9.29 16.49 -10.30
N THR B 1117 9.78 17.67 -9.97
CA THR B 1117 10.60 18.45 -10.89
C THR B 1117 12.08 18.08 -10.83
N ARG B 1118 12.46 17.09 -10.03
CA ARG B 1118 13.84 16.64 -9.93
C ARG B 1118 13.90 15.13 -9.80
N GLN B 1119 13.10 14.42 -10.58
CA GLN B 1119 12.96 12.98 -10.42
C GLN B 1119 14.08 12.26 -11.19
N GLU B 1120 13.98 10.93 -11.27
CA GLU B 1120 15.01 10.12 -11.91
C GLU B 1120 14.32 9.00 -12.68
N PHE B 1121 14.33 9.11 -14.01
CA PHE B 1121 13.63 8.15 -14.84
C PHE B 1121 14.33 6.79 -14.78
N ARG B 1122 13.55 5.73 -14.90
CA ARG B 1122 14.05 4.36 -14.79
C ARG B 1122 13.57 3.52 -15.98
N CYS B 1123 14.33 2.48 -16.27
CA CYS B 1123 13.96 1.55 -17.34
C CYS B 1123 13.07 0.44 -16.80
N VAL B 1124 12.01 0.13 -17.53
CA VAL B 1124 11.01 -0.82 -17.06
C VAL B 1124 11.47 -2.28 -17.21
N LYS B 1125 12.49 -2.54 -18.01
CA LYS B 1125 13.01 -3.90 -18.17
C LYS B 1125 14.13 -4.19 -17.19
N CYS B 1126 15.20 -3.41 -17.23
CA CYS B 1126 16.22 -3.43 -16.20
C CYS B 1126 15.73 -2.60 -15.02
N ASN B 1127 16.62 -2.25 -14.10
CA ASN B 1127 16.32 -1.33 -13.02
C ASN B 1127 17.34 -0.20 -12.95
N THR B 1128 17.95 0.13 -14.08
CA THR B 1128 18.91 1.21 -14.14
C THR B 1128 18.17 2.55 -14.24
N LYS B 1129 18.65 3.53 -13.50
CA LYS B 1129 18.00 4.83 -13.36
C LYS B 1129 18.88 5.90 -13.98
N PHE B 1130 18.27 6.76 -14.80
CA PHE B 1130 18.96 7.85 -15.48
C PHE B 1130 18.55 9.19 -14.90
N ARG B 1131 19.49 10.12 -14.83
CA ARG B 1131 19.20 11.45 -14.29
C ARG B 1131 18.18 12.18 -15.14
N ARG B 1132 18.32 12.11 -16.46
CA ARG B 1132 17.40 12.75 -17.38
C ARG B 1132 17.08 11.81 -18.53
N PRO B 1133 15.91 11.93 -19.15
CA PRO B 1133 15.48 10.92 -20.11
C PRO B 1133 16.38 10.93 -21.34
N PRO B 1134 16.60 9.78 -21.97
CA PRO B 1134 17.38 9.77 -23.21
C PRO B 1134 16.68 10.58 -24.29
N LEU B 1135 17.49 11.23 -25.13
CA LEU B 1135 16.93 12.02 -26.21
C LEU B 1135 16.18 11.15 -27.21
N ASN B 1136 16.68 9.94 -27.46
CA ASN B 1136 16.01 9.05 -28.41
C ASN B 1136 14.59 8.75 -27.95
N GLY B 1137 14.40 8.50 -26.66
CA GLY B 1137 13.10 8.18 -26.10
C GLY B 1137 12.98 6.77 -25.59
N LYS B 1138 13.91 5.88 -25.93
CA LYS B 1138 13.89 4.51 -25.46
C LYS B 1138 15.23 4.17 -24.84
N CYS B 1139 15.20 3.30 -23.84
CA CYS B 1139 16.38 2.91 -23.07
C CYS B 1139 17.47 2.37 -23.99
N PRO B 1140 18.59 3.06 -24.17
CA PRO B 1140 19.72 2.44 -24.86
C PRO B 1140 20.29 1.30 -24.02
N VAL B 1141 20.84 0.30 -24.70
CA VAL B 1141 21.39 -0.90 -24.09
C VAL B 1141 20.26 -1.74 -23.49
N CYS B 1142 19.03 -1.50 -23.94
CA CYS B 1142 17.88 -2.23 -23.45
C CYS B 1142 16.78 -2.17 -24.50
N GLY B 1143 15.79 -3.05 -24.33
CA GLY B 1143 14.65 -3.10 -25.23
C GLY B 1143 13.34 -2.74 -24.55
N GLY B 1144 13.37 -1.73 -23.67
CA GLY B 1144 12.19 -1.34 -22.95
C GLY B 1144 12.05 0.18 -22.95
N LYS B 1145 10.84 0.62 -22.60
CA LYS B 1145 10.54 2.04 -22.56
C LYS B 1145 11.02 2.65 -21.24
N ILE B 1146 10.92 3.98 -21.16
CA ILE B 1146 11.33 4.75 -20.00
C ILE B 1146 10.07 5.18 -19.27
N VAL B 1147 10.07 5.04 -17.94
CA VAL B 1147 8.90 5.32 -17.13
C VAL B 1147 9.25 6.39 -16.10
N LEU B 1148 8.21 6.97 -15.52
CA LEU B 1148 8.34 7.94 -14.45
C LEU B 1148 8.44 7.24 -13.10
N THR B 1149 9.05 7.92 -12.13
CA THR B 1149 9.04 7.46 -10.75
C THR B 1149 8.10 8.25 -9.86
N VAL B 1150 7.74 9.47 -10.25
CA VAL B 1150 6.74 10.26 -9.57
C VAL B 1150 5.67 10.59 -10.61
N SER B 1151 4.59 9.82 -10.62
CA SER B 1151 3.52 10.04 -11.58
C SER B 1151 2.78 11.34 -11.27
N LYS B 1152 1.98 11.79 -12.23
CA LYS B 1152 1.17 12.98 -12.00
C LYS B 1152 0.10 12.72 -10.96
N GLY B 1153 -0.46 11.51 -10.93
CA GLY B 1153 -1.52 11.19 -10.00
C GLY B 1153 -1.05 10.99 -8.57
N ALA B 1154 0.26 10.88 -8.36
CA ALA B 1154 0.78 10.77 -7.00
C ALA B 1154 0.78 12.11 -6.29
N ILE B 1155 0.89 13.22 -7.02
CA ILE B 1155 0.88 14.53 -6.40
C ILE B 1155 -0.50 14.87 -5.88
N GLU B 1156 -1.53 14.62 -6.69
CA GLU B 1156 -2.87 15.12 -6.44
C GLU B 1156 -3.85 14.05 -5.98
N LYS B 1157 -3.38 13.05 -5.23
CA LYS B 1157 -4.30 12.03 -4.73
C LYS B 1157 -5.06 12.50 -3.49
N TYR B 1158 -4.48 13.38 -2.69
CA TYR B 1158 -5.11 13.88 -1.46
C TYR B 1158 -5.63 15.29 -1.61
N LEU B 1159 -5.81 15.78 -2.83
CA LEU B 1159 -6.28 17.14 -3.03
C LEU B 1159 -7.79 17.27 -2.77
N GLY B 1160 -8.56 16.27 -3.14
CA GLY B 1160 -10.01 16.34 -2.91
C GLY B 1160 -10.35 16.38 -1.44
N THR B 1161 -9.73 15.52 -0.64
CA THR B 1161 -10.01 15.51 0.79
C THR B 1161 -9.52 16.79 1.45
N ALA B 1162 -8.38 17.32 1.01
CA ALA B 1162 -7.89 18.58 1.56
C ALA B 1162 -8.85 19.71 1.26
N LYS B 1163 -9.37 19.78 0.03
CA LYS B 1163 -10.35 20.81 -0.30
C LYS B 1163 -11.63 20.63 0.50
N MET B 1164 -12.08 19.40 0.71
CA MET B 1164 -13.25 19.17 1.55
C MET B 1164 -13.00 19.69 2.96
N LEU B 1165 -11.84 19.38 3.53
CA LEU B 1165 -11.54 19.81 4.89
C LEU B 1165 -11.48 21.33 4.99
N VAL B 1166 -10.92 21.98 3.97
CA VAL B 1166 -10.83 23.43 3.98
C VAL B 1166 -12.20 24.08 3.82
N THR B 1167 -13.08 23.47 3.02
CA THR B 1167 -14.35 24.11 2.70
C THR B 1167 -15.45 23.79 3.70
N GLU B 1168 -15.31 22.73 4.49
CA GLU B 1168 -16.38 22.32 5.39
C GLU B 1168 -16.19 22.77 6.83
N TYR B 1169 -14.98 23.13 7.24
CA TYR B 1169 -14.67 23.36 8.64
C TYR B 1169 -14.00 24.72 8.82
N ASN B 1170 -13.80 25.09 10.09
CA ASN B 1170 -13.26 26.40 10.45
C ASN B 1170 -11.76 26.26 10.66
N VAL B 1171 -10.98 26.57 9.62
CA VAL B 1171 -9.54 26.57 9.69
C VAL B 1171 -9.04 27.99 9.51
N LYS B 1172 -7.82 28.24 9.99
CA LYS B 1172 -7.24 29.56 9.86
C LYS B 1172 -7.00 29.90 8.39
N ASN B 1173 -7.04 31.20 8.08
CA ASN B 1173 -6.92 31.62 6.69
C ASN B 1173 -5.59 31.21 6.08
N TYR B 1174 -4.54 31.10 6.89
CA TYR B 1174 -3.24 30.67 6.39
C TYR B 1174 -3.35 29.33 5.67
N THR B 1175 -3.97 28.34 6.32
CA THR B 1175 -4.07 27.01 5.73
C THR B 1175 -4.97 27.01 4.50
N ARG B 1176 -6.07 27.75 4.54
CA ARG B 1176 -6.96 27.83 3.39
C ARG B 1176 -6.23 28.41 2.18
N GLN B 1177 -5.47 29.49 2.39
CA GLN B 1177 -4.71 30.07 1.28
C GLN B 1177 -3.62 29.13 0.80
N ARG B 1178 -3.00 28.38 1.70
CA ARG B 1178 -2.00 27.41 1.27
C ARG B 1178 -2.61 26.38 0.34
N ILE B 1179 -3.79 25.86 0.68
CA ILE B 1179 -4.43 24.87 -0.18
C ILE B 1179 -4.85 25.49 -1.51
N CYS B 1180 -5.38 26.71 -1.47
CA CYS B 1180 -5.84 27.36 -2.68
C CYS B 1180 -4.68 27.69 -3.62
N LEU B 1181 -3.50 27.97 -3.07
CA LEU B 1181 -2.33 28.16 -3.92
C LEU B 1181 -1.78 26.84 -4.42
N THR B 1182 -1.88 25.78 -3.61
CA THR B 1182 -1.40 24.48 -4.07
C THR B 1182 -2.17 23.99 -5.29
N GLU B 1183 -3.49 24.18 -5.28
CA GLU B 1183 -4.27 23.75 -6.44
C GLU B 1183 -3.83 24.49 -7.69
N ARG B 1184 -3.65 25.81 -7.59
CA ARG B 1184 -3.20 26.62 -8.72
C ARG B 1184 -1.83 26.19 -9.19
N ASP B 1185 -0.93 25.89 -8.26
CA ASP B 1185 0.43 25.49 -8.61
C ASP B 1185 0.44 24.14 -9.33
N ILE B 1186 -0.39 23.20 -8.88
CA ILE B 1186 -0.51 21.94 -9.61
C ILE B 1186 -1.06 22.18 -11.01
N ASP B 1187 -2.07 23.04 -11.13
CA ASP B 1187 -2.65 23.32 -12.43
C ASP B 1187 -1.66 24.04 -13.34
N SER B 1188 -0.88 24.98 -12.81
CA SER B 1188 0.00 25.81 -13.62
C SER B 1188 1.24 25.07 -14.12
N LEU B 1189 1.73 24.07 -13.40
CA LEU B 1189 2.93 23.37 -13.82
C LEU B 1189 2.71 22.65 -15.14
N PHE B 1190 1.53 22.05 -15.32
CA PHE B 1190 1.22 21.24 -16.49
C PHE B 1190 0.43 22.00 -17.55
N GLU B 1191 0.70 23.29 -17.75
CA GLU B 1191 -0.10 24.07 -18.69
C GLU B 1191 0.28 23.78 -20.13
N ASN B 1192 1.54 23.48 -20.40
CA ASN B 1192 2.03 23.27 -21.76
C ASN B 1192 2.05 21.81 -22.17
N VAL B 1193 1.67 20.89 -21.30
CA VAL B 1193 1.68 19.47 -21.59
C VAL B 1193 0.27 18.88 -21.59
N PHE B 1194 -0.59 19.35 -20.69
CA PHE B 1194 -1.98 18.91 -20.61
C PHE B 1194 -2.87 20.15 -20.63
N PRO B 1195 -3.04 20.77 -21.80
CA PRO B 1195 -3.91 21.94 -21.87
C PRO B 1195 -5.36 21.59 -21.58
N GLU B 1196 -6.08 22.55 -21.00
CA GLU B 1196 -7.49 22.37 -20.68
C GLU B 1196 -8.31 22.47 -21.97
N THR B 1197 -8.47 21.32 -22.63
CA THR B 1197 -9.10 21.26 -23.94
C THR B 1197 -10.58 20.93 -23.89
N GLN B 1198 -11.08 20.36 -22.80
CA GLN B 1198 -12.47 19.92 -22.70
C GLN B 1198 -13.27 20.96 -21.94
N LEU B 1199 -14.31 21.49 -22.59
CA LEU B 1199 -15.24 22.38 -21.92
C LEU B 1199 -16.25 21.59 -21.10
N THR B 1200 -16.96 22.29 -20.22
CA THR B 1200 -17.90 21.67 -19.31
C THR B 1200 -19.28 22.30 -19.47
N LEU B 1201 -20.31 21.50 -19.22
CA LEU B 1201 -21.68 21.98 -19.38
C LEU B 1201 -22.06 22.92 -18.24
N ILE B 1202 -21.69 22.57 -17.01
CA ILE B 1202 -22.04 23.35 -15.83
C ILE B 1202 -20.77 23.63 -15.04
N VAL B 1203 -20.79 24.72 -14.26
CA VAL B 1203 -19.65 25.17 -13.49
C VAL B 1203 -20.07 25.31 -12.03
N ASN B 1204 -19.17 25.87 -11.23
CA ASN B 1204 -19.42 26.13 -9.80
C ASN B 1204 -19.69 24.84 -9.06
N PRO B 1205 -18.73 23.92 -9.00
CA PRO B 1205 -18.85 22.71 -8.19
C PRO B 1205 -18.56 22.94 -6.71
N ASN B 1206 -19.17 23.99 -6.14
CA ASN B 1206 -18.99 24.34 -4.73
C ASN B 1206 -17.53 24.65 -4.43
N ASP B 1207 -16.85 25.32 -5.36
CA ASP B 1207 -15.45 25.66 -5.17
C ASP B 1207 -15.30 26.76 -4.12
N ILE B 1208 -14.22 26.65 -3.34
CA ILE B 1208 -13.94 27.60 -2.26
C ILE B 1208 -12.84 28.55 -2.71
N CYS B 1209 -11.96 28.07 -3.59
CA CYS B 1209 -10.87 28.91 -4.08
C CYS B 1209 -11.41 30.07 -4.89
N GLN B 1210 -12.30 29.80 -5.84
CA GLN B 1210 -12.88 30.86 -6.65
C GLN B 1210 -13.68 31.83 -5.80
N ARG B 1211 -14.45 31.32 -4.84
CA ARG B 1211 -15.22 32.19 -3.96
C ARG B 1211 -14.31 33.10 -3.13
N LEU B 1212 -13.23 32.54 -2.58
CA LEU B 1212 -12.29 33.35 -1.82
C LEU B 1212 -11.68 34.44 -2.69
N VAL B 1213 -11.26 34.08 -3.90
CA VAL B 1213 -10.65 35.08 -4.79
C VAL B 1213 -11.67 36.16 -5.13
N MET B 1214 -12.91 35.78 -5.44
CA MET B 1214 -13.91 36.76 -5.82
C MET B 1214 -14.22 37.70 -4.67
N ALA B 1215 -14.32 37.18 -3.44
CA ALA B 1215 -14.52 38.06 -2.30
C ALA B 1215 -13.34 39.01 -2.14
N ARG B 1216 -12.12 38.52 -2.32
CA ARG B 1216 -10.93 39.36 -2.24
C ARG B 1216 -10.43 39.74 -3.62
N PRO C 14 -47.67 1.39 -4.05
CA PRO C 14 -48.06 0.06 -4.54
C PRO C 14 -48.46 0.08 -6.02
N PHE C 15 -47.57 -0.42 -6.87
CA PHE C 15 -47.78 -0.41 -8.31
C PHE C 15 -47.40 -1.77 -8.90
N GLU C 16 -47.98 -2.06 -10.06
CA GLU C 16 -47.74 -3.31 -10.78
C GLU C 16 -47.38 -2.97 -12.22
N ILE C 17 -46.10 -3.10 -12.56
CA ILE C 17 -45.58 -2.79 -13.89
C ILE C 17 -45.10 -4.08 -14.53
N VAL C 18 -45.56 -4.33 -15.75
CA VAL C 18 -45.18 -5.53 -16.49
C VAL C 18 -44.51 -5.09 -17.79
N PHE C 19 -43.36 -5.71 -18.09
CA PHE C 19 -42.59 -5.39 -19.28
C PHE C 19 -42.19 -6.69 -19.95
N GLU C 20 -42.46 -6.79 -21.24
CA GLU C 20 -42.08 -7.98 -22.01
C GLU C 20 -40.69 -7.77 -22.62
N GLY C 21 -39.88 -8.82 -22.57
CA GLY C 21 -38.53 -8.74 -23.09
C GLY C 21 -37.57 -8.05 -22.14
N ALA C 22 -37.30 -8.70 -21.01
CA ALA C 22 -36.43 -8.10 -20.00
C ALA C 22 -35.04 -7.77 -20.54
N LYS C 23 -34.62 -8.44 -21.61
CA LYS C 23 -33.29 -8.17 -22.16
C LYS C 23 -33.17 -6.74 -22.66
N GLU C 24 -34.20 -6.23 -23.36
CA GLU C 24 -34.15 -4.87 -23.85
C GLU C 24 -34.13 -3.86 -22.71
N PHE C 25 -34.91 -4.12 -21.65
CA PHE C 25 -34.89 -3.24 -20.49
C PHE C 25 -33.51 -3.25 -19.83
N ALA C 26 -32.90 -4.42 -19.71
CA ALA C 26 -31.55 -4.50 -19.15
C ALA C 26 -30.57 -3.71 -19.99
N GLN C 27 -30.66 -3.84 -21.31
CA GLN C 27 -29.75 -3.10 -22.20
C GLN C 27 -29.94 -1.60 -22.02
N LEU C 28 -31.18 -1.14 -21.96
CA LEU C 28 -31.45 0.28 -21.80
C LEU C 28 -30.88 0.81 -20.49
N ILE C 29 -31.13 0.09 -19.39
CA ILE C 29 -30.63 0.55 -18.10
C ILE C 29 -29.10 0.51 -18.06
N GLU C 30 -28.50 -0.51 -18.67
CA GLU C 30 -27.04 -0.59 -18.70
C GLU C 30 -26.44 0.55 -19.50
N THR C 31 -27.04 0.89 -20.64
CA THR C 31 -26.58 2.03 -21.41
C THR C 31 -26.69 3.31 -20.60
N ALA C 32 -27.79 3.49 -19.88
CA ALA C 32 -27.98 4.69 -19.09
C ALA C 32 -26.95 4.77 -17.96
N SER C 33 -26.62 3.62 -17.35
CA SER C 33 -25.81 3.61 -16.15
C SER C 33 -24.31 3.78 -16.40
N ARG C 34 -23.87 3.76 -17.67
CA ARG C 34 -22.44 3.81 -17.94
C ARG C 34 -21.83 5.12 -17.45
N LEU C 35 -22.52 6.23 -17.66
CA LEU C 35 -21.97 7.54 -17.33
C LEU C 35 -22.18 7.90 -15.87
N ILE C 36 -23.31 7.52 -15.29
CA ILE C 36 -23.71 7.96 -13.97
C ILE C 36 -23.65 6.78 -13.00
N ASP C 37 -23.90 7.06 -11.73
CA ASP C 37 -23.82 6.07 -10.66
C ASP C 37 -25.15 5.91 -9.93
N GLU C 38 -25.79 7.01 -9.54
CA GLU C 38 -27.09 6.99 -8.87
C GLU C 38 -28.05 7.90 -9.60
N ALA C 39 -29.31 7.48 -9.68
CA ALA C 39 -30.36 8.29 -10.28
C ALA C 39 -31.68 7.96 -9.61
N ALA C 40 -32.62 8.91 -9.71
CA ALA C 40 -33.95 8.76 -9.15
C ALA C 40 -34.96 8.64 -10.28
N PHE C 41 -35.75 7.57 -10.25
CA PHE C 41 -36.76 7.32 -11.26
C PHE C 41 -38.07 7.95 -10.83
N LYS C 42 -38.61 8.82 -11.68
CA LYS C 42 -39.89 9.46 -11.43
C LYS C 42 -40.98 8.65 -12.13
N VAL C 43 -41.95 8.16 -11.37
CA VAL C 43 -43.05 7.36 -11.91
C VAL C 43 -44.35 8.10 -11.64
N THR C 44 -45.16 8.26 -12.68
CA THR C 44 -46.45 8.93 -12.56
C THR C 44 -47.51 8.18 -13.34
N GLU C 45 -48.69 8.77 -13.49
CA GLU C 45 -49.77 8.12 -14.22
C GLU C 45 -49.51 8.03 -15.71
N GLU C 46 -48.47 8.70 -16.21
CA GLU C 46 -48.15 8.69 -17.64
C GLU C 46 -47.03 7.71 -17.98
N GLY C 47 -46.00 7.63 -17.15
CA GLY C 47 -44.87 6.76 -17.45
C GLY C 47 -43.75 6.98 -16.45
N ILE C 48 -42.56 6.54 -16.83
CA ILE C 48 -41.37 6.66 -16.00
C ILE C 48 -40.37 7.58 -16.71
N SER C 49 -39.81 8.52 -15.96
CA SER C 49 -38.84 9.47 -16.49
C SER C 49 -37.65 9.55 -15.55
N MET C 50 -36.47 9.77 -16.14
CA MET C 50 -35.23 9.87 -15.39
C MET C 50 -34.36 10.96 -16.00
N ARG C 51 -33.49 11.54 -15.18
CA ARG C 51 -32.56 12.56 -15.65
C ARG C 51 -31.47 12.73 -14.60
N ALA C 52 -30.23 12.93 -15.07
CA ALA C 52 -29.10 13.08 -14.17
C ALA C 52 -27.93 13.65 -14.96
N MET C 53 -26.87 14.01 -14.22
CA MET C 53 -25.63 14.51 -14.79
C MET C 53 -24.47 13.77 -14.15
N ASP C 54 -23.44 13.47 -14.94
CA ASP C 54 -22.33 12.68 -14.44
C ASP C 54 -21.46 13.51 -13.50
N PRO C 55 -20.61 12.86 -12.70
CA PRO C 55 -19.78 13.60 -11.73
C PRO C 55 -18.82 14.59 -12.37
N SER C 56 -18.48 14.41 -13.64
CA SER C 56 -17.57 15.33 -14.31
C SER C 56 -18.27 16.52 -14.95
N ARG C 57 -19.61 16.58 -14.87
CA ARG C 57 -20.37 17.71 -15.40
C ARG C 57 -20.08 17.90 -16.89
N VAL C 58 -20.12 16.80 -17.64
CA VAL C 58 -19.91 16.86 -19.08
C VAL C 58 -21.01 16.18 -19.87
N VAL C 59 -21.84 15.32 -19.27
CA VAL C 59 -22.92 14.63 -19.98
C VAL C 59 -24.18 14.68 -19.16
N LEU C 60 -25.31 14.94 -19.82
CA LEU C 60 -26.63 14.92 -19.20
C LEU C 60 -27.50 13.94 -19.96
N ILE C 61 -28.09 12.98 -19.25
CA ILE C 61 -28.89 11.92 -19.85
C ILE C 61 -30.31 12.04 -19.36
N ASP C 62 -31.27 12.04 -20.28
CA ASP C 62 -32.68 12.09 -19.97
C ASP C 62 -33.37 10.92 -20.64
N LEU C 63 -34.29 10.28 -19.92
CA LEU C 63 -34.98 9.09 -20.40
C LEU C 63 -36.43 9.16 -19.95
N ASN C 64 -37.35 8.73 -20.82
CA ASN C 64 -38.76 8.65 -20.49
C ASN C 64 -39.33 7.38 -21.08
N LEU C 65 -40.39 6.88 -20.45
CA LEU C 65 -41.07 5.66 -20.89
C LEU C 65 -42.56 5.81 -20.60
N PRO C 66 -43.35 6.25 -21.56
CA PRO C 66 -44.79 6.39 -21.32
C PRO C 66 -45.45 5.02 -21.11
N ALA C 67 -46.72 5.07 -20.71
CA ALA C 67 -47.47 3.85 -20.44
C ALA C 67 -47.83 3.07 -21.69
N SER C 68 -47.72 3.68 -22.87
CA SER C 68 -48.13 3.00 -24.10
C SER C 68 -47.29 1.76 -24.34
N ILE C 69 -45.98 1.84 -24.10
CA ILE C 69 -45.10 0.70 -24.37
C ILE C 69 -45.38 -0.43 -23.38
N PHE C 70 -45.65 -0.10 -22.12
CA PHE C 70 -45.83 -1.12 -21.10
C PHE C 70 -47.07 -1.98 -21.41
N SER C 71 -46.90 -3.30 -21.26
CA SER C 71 -48.02 -4.21 -21.47
C SER C 71 -49.11 -3.99 -20.44
N LYS C 72 -48.74 -3.79 -19.18
CA LYS C 72 -49.69 -3.50 -18.12
C LYS C 72 -49.08 -2.43 -17.23
N TYR C 73 -49.88 -1.41 -16.91
CA TYR C 73 -49.44 -0.30 -16.08
C TYR C 73 -50.48 -0.04 -15.00
N GLU C 74 -50.02 0.20 -13.77
CA GLU C 74 -50.93 0.44 -12.67
C GLU C 74 -50.20 1.28 -11.64
N VAL C 75 -50.46 2.59 -11.62
CA VAL C 75 -49.84 3.52 -10.69
C VAL C 75 -50.90 4.47 -10.15
N ASP C 76 -50.79 4.80 -8.87
CA ASP C 76 -51.71 5.72 -8.20
C ASP C 76 -50.90 6.87 -7.62
N GLY C 77 -51.06 8.06 -8.19
CA GLY C 77 -50.34 9.23 -7.72
C GLY C 77 -49.02 9.40 -8.45
N GLU C 78 -47.96 9.61 -7.69
CA GLU C 78 -46.62 9.75 -8.27
C GLU C 78 -45.60 9.63 -7.16
N GLU C 79 -44.47 8.99 -7.47
CA GLU C 79 -43.41 8.82 -6.49
C GLU C 79 -42.08 8.72 -7.23
N THR C 80 -41.00 9.00 -6.50
CA THR C 80 -39.64 8.88 -7.02
C THR C 80 -38.94 7.75 -6.29
N ILE C 81 -38.32 6.85 -7.03
CA ILE C 81 -37.68 5.65 -6.49
C ILE C 81 -36.21 5.71 -6.85
N GLY C 82 -35.34 5.63 -5.85
CA GLY C 82 -33.90 5.69 -6.04
C GLY C 82 -33.23 4.40 -5.62
N VAL C 83 -32.19 4.01 -6.35
CA VAL C 83 -31.51 2.74 -6.11
C VAL C 83 -30.16 2.77 -6.82
N ASN C 84 -29.21 2.01 -6.29
CA ASN C 84 -27.90 1.93 -6.90
C ASN C 84 -27.97 1.31 -8.29
N MET C 85 -27.18 1.85 -9.22
CA MET C 85 -27.23 1.39 -10.59
C MET C 85 -26.54 0.05 -10.79
N ASP C 86 -25.48 -0.22 -10.02
CA ASP C 86 -24.74 -1.48 -10.20
C ASP C 86 -25.62 -2.68 -9.87
N HIS C 87 -26.27 -2.67 -8.70
CA HIS C 87 -27.07 -3.81 -8.28
C HIS C 87 -28.27 -4.02 -9.21
N LEU C 88 -28.94 -2.94 -9.59
CA LEU C 88 -30.04 -3.06 -10.53
C LEU C 88 -29.56 -3.61 -11.87
N LYS C 89 -28.39 -3.16 -12.33
CA LYS C 89 -27.86 -3.65 -13.58
C LYS C 89 -27.59 -5.15 -13.50
N LYS C 90 -27.01 -5.61 -12.40
CA LYS C 90 -26.76 -7.04 -12.25
C LYS C 90 -28.06 -7.83 -12.25
N VAL C 91 -29.04 -7.37 -11.48
CA VAL C 91 -30.31 -8.10 -11.39
C VAL C 91 -30.97 -8.18 -12.76
N LEU C 92 -30.95 -7.09 -13.51
CA LEU C 92 -31.51 -7.13 -14.86
C LEU C 92 -30.70 -8.05 -15.77
N LYS C 93 -29.38 -8.04 -15.63
CA LYS C 93 -28.54 -8.93 -16.44
C LYS C 93 -28.86 -10.39 -16.15
N ARG C 94 -29.38 -10.68 -14.96
CA ARG C 94 -29.81 -12.05 -14.67
C ARG C 94 -31.02 -12.47 -15.49
N GLY C 95 -31.67 -11.53 -16.20
CA GLY C 95 -32.84 -11.87 -16.99
C GLY C 95 -32.49 -12.52 -18.32
N LYS C 96 -33.50 -13.03 -18.99
CA LYS C 96 -33.35 -13.76 -20.24
C LYS C 96 -33.97 -12.98 -21.39
N ALA C 97 -33.94 -13.57 -22.58
CA ALA C 97 -34.37 -12.87 -23.79
C ALA C 97 -35.89 -12.81 -23.90
N LYS C 98 -36.60 -13.85 -23.48
CA LYS C 98 -38.02 -13.97 -23.71
C LYS C 98 -38.86 -13.86 -22.43
N GLU C 99 -38.25 -13.54 -21.29
CA GLU C 99 -39.00 -13.42 -20.06
C GLU C 99 -39.76 -12.10 -20.02
N THR C 100 -40.68 -11.98 -19.07
CA THR C 100 -41.43 -10.77 -18.82
C THR C 100 -41.03 -10.20 -17.47
N LEU C 101 -40.51 -8.98 -17.48
CA LEU C 101 -40.07 -8.33 -16.25
C LEU C 101 -41.26 -7.75 -15.51
N ILE C 102 -41.25 -7.86 -14.19
CA ILE C 102 -42.31 -7.34 -13.33
C ILE C 102 -41.68 -6.50 -12.24
N LEU C 103 -42.03 -5.22 -12.20
CA LEU C 103 -41.62 -4.31 -11.14
C LEU C 103 -42.81 -4.09 -10.22
N ARG C 104 -42.67 -4.46 -8.96
CA ARG C 104 -43.75 -4.34 -8.00
C ARG C 104 -43.19 -3.91 -6.66
N LYS C 105 -44.01 -3.22 -5.88
CA LYS C 105 -43.59 -2.72 -4.58
C LYS C 105 -44.82 -2.57 -3.70
N GLY C 106 -44.62 -2.69 -2.39
CA GLY C 106 -45.67 -2.50 -1.42
C GLY C 106 -45.44 -1.25 -0.58
N GLU C 107 -46.11 -1.22 0.57
CA GLU C 107 -45.89 -0.11 1.50
C GLU C 107 -44.46 -0.10 1.99
N GLU C 108 -43.90 -1.27 2.30
CA GLU C 108 -42.50 -1.36 2.71
C GLU C 108 -41.61 -0.80 1.60
N ASN C 109 -40.60 -0.01 2.00
CA ASN C 109 -39.73 0.67 1.05
C ASN C 109 -38.63 -0.26 0.55
N PHE C 110 -39.05 -1.34 -0.11
CA PHE C 110 -38.16 -2.30 -0.74
C PHE C 110 -38.63 -2.53 -2.17
N LEU C 111 -37.70 -2.54 -3.10
CA LEU C 111 -38.01 -2.75 -4.51
C LEU C 111 -37.91 -4.25 -4.81
N GLU C 112 -39.03 -4.87 -5.16
CA GLU C 112 -39.10 -6.29 -5.45
C GLU C 112 -39.16 -6.48 -6.96
N ILE C 113 -38.15 -7.15 -7.51
CA ILE C 113 -38.06 -7.42 -8.94
C ILE C 113 -38.25 -8.91 -9.15
N SER C 114 -39.14 -9.27 -10.06
CA SER C 114 -39.43 -10.67 -10.37
C SER C 114 -39.39 -10.87 -11.87
N LEU C 115 -38.80 -12.00 -12.29
CA LEU C 115 -38.73 -12.39 -13.69
C LEU C 115 -39.49 -13.70 -13.86
N GLN C 116 -40.50 -13.70 -14.73
CA GLN C 116 -41.41 -14.82 -14.88
C GLN C 116 -41.25 -15.40 -16.28
N GLY C 117 -40.36 -16.37 -16.42
CA GLY C 117 -40.18 -17.09 -17.66
C GLY C 117 -40.48 -18.56 -17.50
N THR C 118 -39.46 -19.40 -17.67
CA THR C 118 -39.61 -20.83 -17.38
C THR C 118 -39.86 -21.06 -15.90
N ALA C 119 -39.39 -20.16 -15.05
CA ALA C 119 -39.63 -20.23 -13.61
C ALA C 119 -39.63 -18.81 -13.06
N THR C 120 -40.26 -18.65 -11.89
CA THR C 120 -40.41 -17.35 -11.27
C THR C 120 -39.35 -17.16 -10.18
N ARG C 121 -38.56 -16.10 -10.31
CA ARG C 121 -37.53 -15.75 -9.35
C ARG C 121 -37.68 -14.29 -8.97
N THR C 122 -37.63 -14.01 -7.67
CA THR C 122 -37.82 -12.65 -7.16
C THR C 122 -36.62 -12.24 -6.33
N PHE C 123 -36.11 -11.04 -6.61
CA PHE C 123 -35.01 -10.44 -5.87
C PHE C 123 -35.51 -9.25 -5.08
N LYS C 124 -34.80 -8.92 -4.01
CA LYS C 124 -35.08 -7.74 -3.20
C LYS C 124 -33.91 -6.78 -3.30
N LEU C 125 -34.19 -5.53 -3.60
CA LEU C 125 -33.15 -4.51 -3.75
C LEU C 125 -33.46 -3.32 -2.85
N PRO C 126 -32.67 -3.08 -1.79
CA PRO C 126 -32.99 -1.97 -0.89
C PRO C 126 -32.94 -0.62 -1.58
N LEU C 127 -33.75 0.31 -1.08
CA LEU C 127 -33.86 1.63 -1.66
C LEU C 127 -32.80 2.57 -1.08
N ILE C 128 -32.60 3.69 -1.76
CA ILE C 128 -31.63 4.70 -1.36
C ILE C 128 -32.16 6.06 -1.76
N ASP C 129 -31.89 7.06 -0.92
CA ASP C 129 -32.34 8.43 -1.15
C ASP C 129 -31.20 9.25 -1.76
N VAL C 130 -31.50 9.97 -2.84
CA VAL C 130 -30.52 10.75 -3.58
C VAL C 130 -31.06 12.16 -3.74
N GLU C 131 -30.21 13.16 -3.49
CA GLU C 131 -30.60 14.55 -3.67
C GLU C 131 -30.92 14.81 -5.14
N GLU C 132 -31.95 15.61 -5.37
CA GLU C 132 -32.44 15.90 -6.71
C GLU C 132 -32.15 17.35 -7.08
N ILE C 133 -31.41 17.54 -8.16
CA ILE C 133 -31.03 18.86 -8.65
C ILE C 133 -31.67 19.01 -10.02
N GLU C 134 -32.86 19.60 -10.07
CA GLU C 134 -33.58 19.74 -11.32
C GLU C 134 -32.94 20.84 -12.17
N VAL C 135 -32.44 20.47 -13.34
CA VAL C 135 -31.83 21.41 -14.28
C VAL C 135 -32.34 21.07 -15.68
N ASP C 136 -32.76 22.10 -16.41
CA ASP C 136 -33.18 21.95 -17.79
C ASP C 136 -32.41 22.94 -18.65
N LEU C 137 -31.70 22.41 -19.65
CA LEU C 137 -30.94 23.26 -20.57
C LEU C 137 -31.84 23.67 -21.72
N PRO C 138 -32.12 24.96 -21.92
CA PRO C 138 -33.07 25.34 -22.96
C PRO C 138 -32.57 24.96 -24.35
N GLU C 139 -33.52 24.60 -25.22
CA GLU C 139 -33.17 24.26 -26.58
C GLU C 139 -32.41 25.40 -27.23
N LEU C 140 -31.29 25.08 -27.85
CA LEU C 140 -30.38 26.04 -28.44
C LEU C 140 -30.55 26.09 -29.95
N PRO C 141 -29.99 27.10 -30.61
CA PRO C 141 -30.05 27.12 -32.07
C PRO C 141 -29.14 26.09 -32.70
N PHE C 142 -29.70 25.01 -33.20
CA PHE C 142 -28.94 23.94 -33.83
C PHE C 142 -28.94 24.16 -35.33
N THR C 143 -27.75 24.29 -35.91
CA THR C 143 -27.61 24.59 -37.33
C THR C 143 -27.51 23.35 -38.21
N ALA C 144 -27.64 22.15 -37.64
CA ALA C 144 -27.59 20.93 -38.42
C ALA C 144 -28.40 19.84 -37.72
N LYS C 145 -29.07 19.01 -38.53
CA LYS C 145 -29.81 17.85 -38.04
C LYS C 145 -29.59 16.71 -39.01
N VAL C 146 -28.88 15.67 -38.56
CA VAL C 146 -28.48 14.55 -39.41
C VAL C 146 -29.02 13.27 -38.80
N VAL C 147 -29.66 12.45 -39.61
CA VAL C 147 -30.21 11.17 -39.19
C VAL C 147 -29.43 10.06 -39.90
N ILE C 148 -28.81 9.18 -39.12
CA ILE C 148 -27.97 8.12 -39.64
C ILE C 148 -28.21 6.84 -38.85
N LEU C 149 -27.79 5.73 -39.43
CA LEU C 149 -27.94 4.43 -38.77
C LEU C 149 -26.92 4.27 -37.65
N GLY C 150 -27.24 3.39 -36.71
CA GLY C 150 -26.33 3.15 -35.59
C GLY C 150 -25.03 2.50 -36.00
N ASP C 151 -25.07 1.61 -36.99
CA ASP C 151 -23.87 0.90 -37.39
C ASP C 151 -22.82 1.85 -37.95
N VAL C 152 -23.22 2.81 -38.79
CA VAL C 152 -22.25 3.71 -39.40
C VAL C 152 -21.51 4.50 -38.33
N ILE C 153 -22.24 5.04 -37.35
CA ILE C 153 -21.60 5.84 -36.32
C ILE C 153 -20.75 4.96 -35.41
N LYS C 154 -21.22 3.75 -35.10
CA LYS C 154 -20.42 2.85 -34.26
C LYS C 154 -19.08 2.55 -34.90
N GLU C 155 -19.11 2.15 -36.18
CA GLU C 155 -17.85 1.85 -36.86
C GLU C 155 -16.99 3.09 -37.02
N ALA C 156 -17.59 4.25 -37.33
CA ALA C 156 -16.79 5.46 -37.46
C ALA C 156 -16.07 5.80 -36.16
N VAL C 157 -16.77 5.68 -35.03
CA VAL C 157 -16.13 5.92 -33.75
C VAL C 157 -15.01 4.92 -33.51
N LYS C 158 -15.25 3.65 -33.85
CA LYS C 158 -14.23 2.64 -33.62
C LYS C 158 -12.97 2.91 -34.44
N ASP C 159 -13.12 3.38 -35.69
CA ASP C 159 -11.93 3.74 -36.46
C ASP C 159 -11.27 4.99 -35.89
N ALA C 160 -12.06 6.02 -35.59
CA ALA C 160 -11.50 7.27 -35.11
C ALA C 160 -10.68 7.06 -33.84
N SER C 161 -11.13 6.13 -32.99
CA SER C 161 -10.38 5.85 -31.77
C SER C 161 -9.02 5.23 -32.04
N LEU C 162 -8.76 4.81 -33.27
CA LEU C 162 -7.51 4.14 -33.59
C LEU C 162 -6.34 5.12 -33.70
N VAL C 163 -6.61 6.34 -34.20
CA VAL C 163 -5.55 7.27 -34.51
C VAL C 163 -5.46 8.42 -33.49
N SER C 164 -6.58 8.87 -32.94
CA SER C 164 -6.57 10.01 -32.03
C SER C 164 -7.70 9.86 -31.03
N ASP C 165 -7.63 10.66 -29.97
CA ASP C 165 -8.61 10.62 -28.90
C ASP C 165 -9.70 11.67 -29.05
N SER C 166 -9.74 12.38 -30.18
CA SER C 166 -10.78 13.35 -30.47
C SER C 166 -11.33 13.12 -31.87
N MET C 167 -12.57 13.54 -32.07
CA MET C 167 -13.26 13.35 -33.34
C MET C 167 -13.86 14.68 -33.77
N LYS C 168 -14.01 14.86 -35.08
CA LYS C 168 -14.49 16.13 -35.63
C LYS C 168 -15.64 15.87 -36.59
N PHE C 169 -16.63 16.75 -36.52
CA PHE C 169 -17.79 16.71 -37.41
C PHE C 169 -17.73 17.92 -38.34
N ILE C 170 -18.13 17.73 -39.59
CA ILE C 170 -18.17 18.82 -40.55
C ILE C 170 -19.41 18.70 -41.42
N ALA C 171 -20.43 19.49 -41.13
CA ALA C 171 -21.67 19.46 -41.89
C ALA C 171 -21.63 20.48 -43.02
N LYS C 172 -22.25 20.13 -44.14
CA LYS C 172 -22.34 21.00 -45.30
C LYS C 172 -23.60 20.64 -46.07
N GLU C 173 -24.00 21.54 -46.96
CA GLU C 173 -25.20 21.29 -47.76
C GLU C 173 -25.05 19.98 -48.52
N ASN C 174 -25.96 19.04 -48.26
CA ASN C 174 -25.94 17.73 -48.91
C ASN C 174 -24.56 17.09 -48.76
N GLU C 175 -24.05 17.07 -47.53
CA GLU C 175 -22.72 16.51 -47.27
C GLU C 175 -22.50 16.42 -45.77
N PHE C 176 -22.06 15.26 -45.31
CA PHE C 176 -21.68 15.04 -43.93
C PHE C 176 -20.41 14.21 -43.89
N THR C 177 -19.53 14.53 -42.95
CA THR C 177 -18.23 13.85 -42.87
C THR C 177 -17.68 13.98 -41.46
N MET C 178 -17.23 12.87 -40.90
CA MET C 178 -16.61 12.84 -39.58
C MET C 178 -15.15 12.44 -39.73
N ARG C 179 -14.26 13.20 -39.10
CA ARG C 179 -12.83 13.05 -39.30
C ARG C 179 -12.14 12.73 -37.99
N ALA C 180 -10.82 12.56 -38.09
CA ALA C 180 -9.98 12.34 -36.93
C ALA C 180 -8.53 12.36 -37.40
N GLU C 181 -7.69 13.09 -36.68
CA GLU C 181 -6.30 13.26 -37.05
C GLU C 181 -5.40 13.03 -35.85
N GLY C 182 -4.29 12.33 -36.08
CA GLY C 182 -3.30 12.08 -35.07
C GLY C 182 -1.99 12.77 -35.39
N GLU C 183 -0.92 12.34 -34.70
CA GLU C 183 0.38 12.92 -34.94
C GLU C 183 0.82 12.73 -36.38
N THR C 184 0.67 11.52 -36.93
CA THR C 184 0.98 11.26 -38.32
C THR C 184 -0.24 10.77 -39.09
N GLN C 185 -0.96 9.81 -38.53
CA GLN C 185 -2.05 9.16 -39.25
C GLN C 185 -3.29 10.03 -39.28
N GLU C 186 -4.16 9.75 -40.24
CA GLU C 186 -5.42 10.47 -40.39
C GLU C 186 -6.51 9.47 -40.76
N VAL C 187 -7.74 9.80 -40.40
CA VAL C 187 -8.91 8.98 -40.68
C VAL C 187 -10.03 9.90 -41.12
N GLU C 188 -10.80 9.47 -42.13
CA GLU C 188 -11.89 10.28 -42.65
C GLU C 188 -13.01 9.38 -43.13
N VAL C 189 -14.24 9.75 -42.78
CA VAL C 189 -15.44 9.04 -43.22
C VAL C 189 -16.39 10.07 -43.80
N LYS C 190 -16.86 9.83 -45.02
CA LYS C 190 -17.73 10.76 -45.72
C LYS C 190 -18.93 10.02 -46.29
N LEU C 191 -20.08 10.69 -46.30
CA LEU C 191 -21.29 10.12 -46.87
C LEU C 191 -22.17 11.25 -47.39
N THR C 192 -23.14 10.89 -48.23
CA THR C 192 -24.04 11.84 -48.84
C THR C 192 -25.47 11.32 -48.77
N LEU C 193 -26.41 12.16 -49.18
CA LEU C 193 -27.81 11.77 -49.17
C LEU C 193 -28.05 10.58 -50.09
N GLU C 194 -27.43 10.59 -51.27
CA GLU C 194 -27.62 9.49 -52.21
C GLU C 194 -27.20 8.15 -51.61
N ASP C 195 -26.30 8.17 -50.62
CA ASP C 195 -25.87 6.94 -49.98
C ASP C 195 -27.01 6.35 -49.15
N GLU C 196 -26.86 5.06 -48.84
CA GLU C 196 -27.85 4.36 -48.02
C GLU C 196 -27.61 4.52 -46.53
N GLY C 197 -26.45 5.02 -46.12
CA GLY C 197 -26.18 5.22 -44.71
C GLY C 197 -26.75 6.48 -44.12
N LEU C 198 -27.20 7.41 -44.96
CA LEU C 198 -27.76 8.68 -44.52
C LEU C 198 -29.19 8.81 -45.03
N LEU C 199 -30.09 9.25 -44.16
CA LEU C 199 -31.50 9.36 -44.50
C LEU C 199 -31.88 10.79 -44.85
N ASP C 200 -31.63 11.74 -43.95
CA ASP C 200 -31.99 13.13 -44.17
C ASP C 200 -30.93 14.03 -43.53
N ILE C 201 -30.64 15.14 -44.20
CA ILE C 201 -29.70 16.14 -43.71
C ILE C 201 -30.31 17.52 -43.93
N GLU C 202 -30.25 18.36 -42.91
CA GLU C 202 -30.85 19.70 -42.94
C GLU C 202 -29.87 20.66 -42.26
N VAL C 203 -29.03 21.31 -43.08
CA VAL C 203 -28.01 22.22 -42.59
C VAL C 203 -28.37 23.64 -43.01
N GLN C 204 -28.26 24.58 -42.08
CA GLN C 204 -28.46 25.99 -42.39
C GLN C 204 -27.17 26.67 -42.82
N GLU C 205 -26.06 26.30 -42.21
CA GLU C 205 -24.76 26.88 -42.56
C GLU C 205 -23.67 25.89 -42.19
N GLU C 206 -22.48 26.13 -42.72
CA GLU C 206 -21.36 25.23 -42.48
C GLU C 206 -21.10 25.12 -40.98
N THR C 207 -20.81 23.91 -40.53
CA THR C 207 -20.65 23.63 -39.11
C THR C 207 -19.36 22.84 -38.88
N LYS C 208 -18.78 23.03 -37.69
CA LYS C 208 -17.55 22.33 -37.32
C LYS C 208 -17.47 22.25 -35.81
N SER C 209 -17.17 21.06 -35.30
CA SER C 209 -17.10 20.84 -33.86
C SER C 209 -16.28 19.58 -33.62
N ALA C 210 -15.89 19.38 -32.36
CA ALA C 210 -15.10 18.21 -31.98
C ALA C 210 -15.51 17.74 -30.59
N TYR C 211 -15.50 16.42 -30.39
CA TYR C 211 -15.93 15.82 -29.14
C TYR C 211 -14.98 14.70 -28.74
N GLY C 212 -14.86 14.47 -27.43
CA GLY C 212 -13.94 13.47 -26.94
C GLY C 212 -14.38 12.08 -27.36
N ILE C 213 -13.39 11.22 -27.64
CA ILE C 213 -13.70 9.88 -28.11
C ILE C 213 -14.13 8.98 -26.97
N SER C 214 -13.68 9.25 -25.74
CA SER C 214 -14.06 8.43 -24.60
C SER C 214 -15.56 8.46 -24.38
N TYR C 215 -16.14 9.65 -24.33
CA TYR C 215 -17.57 9.77 -24.06
C TYR C 215 -18.40 9.26 -25.23
N LEU C 216 -17.96 9.54 -26.46
CA LEU C 216 -18.68 9.04 -27.62
C LEU C 216 -18.69 7.51 -27.64
N SER C 217 -17.56 6.90 -27.33
CA SER C 217 -17.50 5.44 -27.25
C SER C 217 -18.39 4.92 -26.13
N ASP C 218 -18.36 5.57 -24.97
CA ASP C 218 -19.16 5.09 -23.85
C ASP C 218 -20.66 5.15 -24.15
N MET C 219 -21.10 6.22 -24.82
CA MET C 219 -22.53 6.38 -25.04
C MET C 219 -23.01 5.63 -26.28
N VAL C 220 -22.17 5.47 -27.30
CA VAL C 220 -22.60 4.82 -28.53
C VAL C 220 -22.79 3.32 -28.30
N LYS C 221 -21.91 2.70 -27.51
CA LYS C 221 -21.97 1.26 -27.29
C LYS C 221 -23.34 0.83 -26.79
N GLY C 222 -24.07 0.06 -27.61
CA GLY C 222 -25.38 -0.42 -27.23
C GLY C 222 -26.46 -0.05 -28.22
N LEU C 223 -26.07 0.28 -29.43
CA LEU C 223 -26.99 0.64 -30.51
C LEU C 223 -27.00 -0.47 -31.54
N GLY C 224 -28.20 -0.91 -31.91
CA GLY C 224 -28.32 -1.96 -32.91
C GLY C 224 -27.84 -1.52 -34.27
N LYS C 225 -27.43 -2.51 -35.07
CA LYS C 225 -26.90 -2.21 -36.40
C LYS C 225 -27.94 -1.50 -37.25
N ALA C 226 -29.19 -1.93 -37.17
CA ALA C 226 -30.31 -1.28 -37.87
C ALA C 226 -31.06 -0.45 -36.83
N ASP C 227 -30.85 0.86 -36.90
CA ASP C 227 -31.47 1.78 -35.95
C ASP C 227 -31.48 3.17 -36.56
N GLU C 228 -32.22 4.08 -35.93
CA GLU C 228 -32.30 5.47 -36.35
C GLU C 228 -31.70 6.34 -35.25
N VAL C 229 -30.71 7.15 -35.62
CA VAL C 229 -30.05 8.07 -34.70
C VAL C 229 -29.98 9.43 -35.37
N THR C 230 -30.48 10.46 -34.68
CA THR C 230 -30.45 11.82 -35.17
C THR C 230 -29.59 12.67 -34.25
N ILE C 231 -28.65 13.39 -34.85
CA ILE C 231 -27.67 14.19 -34.11
C ILE C 231 -27.90 15.66 -34.44
N LYS C 232 -28.04 16.48 -33.40
CA LYS C 232 -28.17 17.92 -33.54
C LYS C 232 -26.94 18.58 -32.93
N PHE C 233 -26.26 19.41 -33.73
CA PHE C 233 -25.06 20.09 -33.26
C PHE C 233 -24.93 21.41 -34.01
N GLY C 234 -24.16 22.32 -33.42
CA GLY C 234 -23.95 23.63 -34.01
C GLY C 234 -22.48 23.97 -34.13
N ASN C 235 -22.16 25.25 -34.21
CA ASN C 235 -20.78 25.73 -34.31
C ASN C 235 -20.22 25.89 -32.90
N GLU C 236 -19.32 24.99 -32.51
CA GLU C 236 -18.64 25.06 -31.23
C GLU C 236 -19.64 25.11 -30.07
N MET C 237 -20.70 24.31 -30.18
CA MET C 237 -21.71 24.18 -29.14
C MET C 237 -22.02 22.72 -28.92
N PRO C 238 -22.63 22.37 -27.79
CA PRO C 238 -22.85 20.96 -27.45
C PRO C 238 -23.61 20.22 -28.54
N MET C 239 -23.70 18.91 -28.36
CA MET C 239 -24.32 18.01 -29.32
C MET C 239 -25.42 17.20 -28.62
N GLN C 240 -26.46 16.88 -29.38
CA GLN C 240 -27.60 16.12 -28.88
C GLN C 240 -27.79 14.88 -29.74
N MET C 241 -27.96 13.73 -29.08
CA MET C 241 -28.20 12.46 -29.77
C MET C 241 -29.53 11.87 -29.32
N GLU C 242 -30.30 11.37 -30.27
CA GLU C 242 -31.65 10.89 -30.02
C GLU C 242 -31.88 9.56 -30.71
N TYR C 243 -32.74 8.74 -30.10
CA TYR C 243 -33.22 7.51 -30.72
C TYR C 243 -34.35 6.95 -29.87
N TYR C 244 -35.37 6.42 -30.53
CA TYR C 244 -36.60 6.02 -29.86
C TYR C 244 -36.49 4.59 -29.32
N ILE C 245 -37.23 4.33 -28.25
CA ILE C 245 -37.29 3.02 -27.62
C ILE C 245 -38.69 2.46 -27.88
N ARG C 246 -38.80 1.54 -28.83
CA ARG C 246 -40.08 0.95 -29.22
C ARG C 246 -41.08 2.01 -29.66
N ASP C 247 -40.60 3.05 -30.32
CA ASP C 247 -41.38 4.05 -31.05
C ASP C 247 -42.11 5.03 -30.15
N GLU C 248 -42.10 4.85 -28.83
CA GLU C 248 -42.80 5.76 -27.92
C GLU C 248 -41.84 6.52 -27.03
N GLY C 249 -40.98 5.82 -26.28
CA GLY C 249 -40.01 6.48 -25.45
C GLY C 249 -38.84 7.02 -26.25
N ARG C 250 -37.98 7.77 -25.57
CA ARG C 250 -36.81 8.35 -26.22
C ARG C 250 -35.69 8.51 -25.20
N LEU C 251 -34.48 8.63 -25.71
CA LEU C 251 -33.28 8.83 -24.91
C LEU C 251 -32.53 10.05 -25.43
N ILE C 252 -32.11 10.91 -24.51
CA ILE C 252 -31.47 12.18 -24.84
C ILE C 252 -30.06 12.18 -24.27
N PHE C 253 -29.08 12.50 -25.11
CA PHE C 253 -27.70 12.64 -24.68
C PHE C 253 -27.20 14.03 -25.03
N LEU C 254 -26.51 14.67 -24.09
CA LEU C 254 -25.92 15.99 -24.29
C LEU C 254 -24.45 15.91 -23.96
N LEU C 255 -23.60 16.32 -24.90
CA LEU C 255 -22.16 16.23 -24.75
C LEU C 255 -21.52 17.58 -25.02
N ALA C 256 -20.72 18.06 -24.08
CA ALA C 256 -20.04 19.32 -24.24
C ALA C 256 -18.96 19.22 -25.31
N PRO C 257 -18.67 20.32 -26.00
CA PRO C 257 -17.71 20.28 -27.11
C PRO C 257 -16.27 20.30 -26.59
N ARG C 258 -15.33 20.36 -27.52
CA ARG C 258 -13.90 20.41 -27.22
C ARG C 258 -13.33 21.72 -27.69
N VAL C 259 -12.15 22.07 -27.16
CA VAL C 259 -11.48 23.33 -27.46
C VAL C 259 -12.29 24.48 -26.90
N PRO D 14 -4.63 -57.30 -20.29
CA PRO D 14 -4.64 -56.04 -21.04
C PRO D 14 -6.00 -55.75 -21.66
N PHE D 15 -6.75 -54.85 -21.03
CA PHE D 15 -8.12 -54.58 -21.46
C PHE D 15 -8.14 -53.64 -22.67
N GLU D 16 -9.31 -53.55 -23.28
CA GLU D 16 -9.56 -52.62 -24.37
C GLU D 16 -10.99 -52.12 -24.27
N ILE D 17 -11.17 -50.81 -24.34
CA ILE D 17 -12.48 -50.18 -24.18
C ILE D 17 -12.67 -49.15 -25.28
N VAL D 18 -13.87 -49.07 -25.82
CA VAL D 18 -14.22 -48.14 -26.88
C VAL D 18 -15.52 -47.44 -26.51
N PHE D 19 -15.58 -46.14 -26.76
CA PHE D 19 -16.73 -45.31 -26.41
C PHE D 19 -17.00 -44.34 -27.55
N GLU D 20 -18.24 -44.30 -28.02
CA GLU D 20 -18.64 -43.38 -29.08
C GLU D 20 -19.07 -42.06 -28.46
N GLY D 21 -18.64 -40.96 -29.07
CA GLY D 21 -18.93 -39.66 -28.52
C GLY D 21 -17.89 -39.21 -27.50
N ALA D 22 -16.63 -39.10 -27.94
CA ALA D 22 -15.55 -38.80 -27.02
C ALA D 22 -15.79 -37.52 -26.24
N LYS D 23 -16.51 -36.55 -26.82
CA LYS D 23 -16.77 -35.30 -26.12
C LYS D 23 -17.64 -35.50 -24.89
N GLU D 24 -18.60 -36.43 -24.94
CA GLU D 24 -19.39 -36.73 -23.76
C GLU D 24 -18.51 -37.24 -22.62
N PHE D 25 -17.60 -38.17 -22.93
CA PHE D 25 -16.68 -38.68 -21.92
C PHE D 25 -15.77 -37.58 -21.39
N ALA D 26 -15.31 -36.69 -22.28
CA ALA D 26 -14.48 -35.58 -21.84
C ALA D 26 -15.23 -34.71 -20.85
N GLN D 27 -16.48 -34.37 -21.15
CA GLN D 27 -17.28 -33.56 -20.23
C GLN D 27 -17.51 -34.28 -18.91
N LEU D 28 -17.79 -35.58 -18.97
CA LEU D 28 -18.04 -36.34 -17.74
C LEU D 28 -16.81 -36.35 -16.84
N ILE D 29 -15.64 -36.64 -17.42
CA ILE D 29 -14.42 -36.68 -16.62
C ILE D 29 -14.07 -35.28 -16.11
N GLU D 30 -14.32 -34.24 -16.91
CA GLU D 30 -14.07 -32.88 -16.45
C GLU D 30 -14.95 -32.54 -15.26
N THR D 31 -16.23 -32.91 -15.32
CA THR D 31 -17.12 -32.67 -14.20
C THR D 31 -16.67 -33.44 -12.96
N ALA D 32 -16.24 -34.69 -13.15
CA ALA D 32 -15.81 -35.50 -12.02
C ALA D 32 -14.50 -35.03 -11.41
N SER D 33 -13.65 -34.36 -12.17
CA SER D 33 -12.33 -33.97 -11.70
C SER D 33 -12.29 -32.54 -11.16
N ARG D 34 -13.42 -31.86 -11.06
CA ARG D 34 -13.44 -30.49 -10.56
C ARG D 34 -13.33 -30.42 -9.05
N LEU D 35 -13.39 -31.56 -8.35
CA LEU D 35 -13.25 -31.59 -6.90
C LEU D 35 -12.07 -32.42 -6.41
N ILE D 36 -11.68 -33.46 -7.14
CA ILE D 36 -10.62 -34.38 -6.72
C ILE D 36 -9.42 -34.18 -7.63
N ASP D 37 -8.23 -34.06 -7.03
CA ASP D 37 -7.00 -33.89 -7.79
C ASP D 37 -6.36 -35.20 -8.21
N GLU D 38 -6.75 -36.32 -7.60
CA GLU D 38 -6.27 -37.64 -7.97
C GLU D 38 -7.43 -38.60 -7.90
N ALA D 39 -7.36 -39.68 -8.68
CA ALA D 39 -8.43 -40.67 -8.67
C ALA D 39 -7.90 -42.01 -9.13
N ALA D 40 -8.45 -43.07 -8.57
CA ALA D 40 -8.13 -44.44 -8.94
C ALA D 40 -9.37 -45.06 -9.55
N PHE D 41 -9.26 -45.56 -10.78
CA PHE D 41 -10.38 -46.16 -11.49
C PHE D 41 -10.27 -47.67 -11.42
N LYS D 42 -11.33 -48.32 -10.94
CA LYS D 42 -11.38 -49.77 -10.95
C LYS D 42 -11.82 -50.27 -12.32
N VAL D 43 -11.13 -51.28 -12.82
CA VAL D 43 -11.52 -51.98 -14.03
C VAL D 43 -11.94 -53.39 -13.63
N THR D 44 -13.15 -53.78 -13.99
CA THR D 44 -13.70 -55.07 -13.60
C THR D 44 -14.50 -55.63 -14.77
N GLU D 45 -15.02 -56.85 -14.56
CA GLU D 45 -15.84 -57.48 -15.58
C GLU D 45 -17.14 -56.73 -15.81
N GLU D 46 -17.64 -56.05 -14.77
CA GLU D 46 -18.92 -55.34 -14.87
C GLU D 46 -18.78 -53.97 -15.51
N GLY D 47 -17.72 -53.23 -15.19
CA GLY D 47 -17.54 -51.90 -15.73
C GLY D 47 -16.56 -51.11 -14.91
N ILE D 48 -16.34 -49.88 -15.35
CA ILE D 48 -15.43 -48.97 -14.67
C ILE D 48 -16.10 -48.45 -13.40
N SER D 49 -15.29 -48.11 -12.41
CA SER D 49 -15.78 -47.60 -11.15
C SER D 49 -14.75 -46.68 -10.54
N MET D 50 -15.21 -45.68 -9.79
CA MET D 50 -14.30 -44.73 -9.17
C MET D 50 -14.99 -44.12 -7.95
N ARG D 51 -14.20 -43.82 -6.92
CA ARG D 51 -14.69 -43.15 -5.73
C ARG D 51 -13.54 -42.40 -5.08
N ALA D 52 -13.87 -41.30 -4.42
CA ALA D 52 -12.86 -40.46 -3.80
C ALA D 52 -13.55 -39.41 -2.96
N MET D 53 -12.73 -38.66 -2.22
CA MET D 53 -13.18 -37.53 -1.42
C MET D 53 -12.34 -36.31 -1.76
N ASP D 54 -12.97 -35.14 -1.79
CA ASP D 54 -12.23 -33.92 -2.04
C ASP D 54 -11.32 -33.63 -0.85
N PRO D 55 -10.26 -32.84 -1.06
CA PRO D 55 -9.31 -32.62 0.05
C PRO D 55 -9.96 -32.09 1.30
N SER D 56 -10.94 -31.20 1.18
CA SER D 56 -11.62 -30.66 2.35
C SER D 56 -12.45 -31.70 3.08
N ARG D 57 -12.71 -32.85 2.48
CA ARG D 57 -13.49 -33.92 3.10
C ARG D 57 -14.93 -33.45 3.37
N VAL D 58 -15.56 -32.90 2.34
CA VAL D 58 -16.94 -32.44 2.44
C VAL D 58 -17.83 -32.98 1.34
N VAL D 59 -17.30 -33.43 0.21
CA VAL D 59 -18.10 -33.94 -0.90
C VAL D 59 -17.55 -35.30 -1.29
N LEU D 60 -18.44 -36.27 -1.47
CA LEU D 60 -18.08 -37.61 -1.90
C LEU D 60 -18.55 -37.82 -3.33
N ILE D 61 -17.66 -38.33 -4.18
CA ILE D 61 -17.95 -38.57 -5.59
C ILE D 61 -17.89 -40.06 -5.84
N ASP D 62 -18.96 -40.62 -6.38
CA ASP D 62 -19.03 -42.02 -6.76
C ASP D 62 -19.49 -42.10 -8.20
N LEU D 63 -18.72 -42.82 -9.02
CA LEU D 63 -18.97 -42.91 -10.45
C LEU D 63 -19.04 -44.36 -10.85
N ASN D 64 -20.08 -44.71 -11.62
CA ASN D 64 -20.30 -46.08 -12.09
C ASN D 64 -20.58 -46.06 -13.58
N LEU D 65 -19.86 -46.89 -14.33
CA LEU D 65 -20.02 -47.00 -15.78
C LEU D 65 -20.20 -48.46 -16.15
N PRO D 66 -21.43 -48.95 -16.18
CA PRO D 66 -21.66 -50.35 -16.54
C PRO D 66 -21.15 -50.67 -17.94
N ALA D 67 -20.76 -51.93 -18.13
CA ALA D 67 -20.16 -52.33 -19.40
C ALA D 67 -21.13 -52.19 -20.57
N SER D 68 -22.43 -52.05 -20.30
CA SER D 68 -23.40 -51.99 -21.38
C SER D 68 -23.27 -50.73 -22.22
N ILE D 69 -22.81 -49.63 -21.62
CA ILE D 69 -22.77 -48.34 -22.34
C ILE D 69 -21.58 -48.21 -23.27
N PHE D 70 -20.76 -49.25 -23.40
CA PHE D 70 -19.56 -49.19 -24.22
C PHE D 70 -19.77 -49.92 -25.54
N SER D 71 -19.36 -49.27 -26.63
CA SER D 71 -19.42 -49.91 -27.94
C SER D 71 -18.68 -51.25 -27.93
N LYS D 72 -17.53 -51.28 -27.27
CA LYS D 72 -16.77 -52.51 -27.07
C LYS D 72 -16.25 -52.53 -25.64
N TYR D 73 -16.10 -53.74 -25.10
CA TYR D 73 -15.63 -53.89 -23.73
C TYR D 73 -14.98 -55.27 -23.62
N GLU D 74 -13.65 -55.30 -23.54
CA GLU D 74 -12.89 -56.54 -23.50
C GLU D 74 -11.98 -56.49 -22.27
N VAL D 75 -12.36 -57.22 -21.22
CA VAL D 75 -11.61 -57.26 -19.98
C VAL D 75 -11.42 -58.71 -19.58
N ASP D 76 -10.19 -59.06 -19.17
CA ASP D 76 -9.84 -60.42 -18.79
C ASP D 76 -9.34 -60.49 -17.35
N GLY D 77 -9.90 -59.65 -16.48
CA GLY D 77 -9.47 -59.62 -15.10
C GLY D 77 -10.01 -58.39 -14.39
N GLU D 78 -9.32 -58.00 -13.32
CA GLU D 78 -9.69 -56.81 -12.57
C GLU D 78 -8.43 -56.15 -12.03
N GLU D 79 -8.37 -54.83 -12.16
CA GLU D 79 -7.20 -54.06 -11.73
C GLU D 79 -7.62 -52.62 -11.48
N THR D 80 -6.64 -51.81 -11.10
CA THR D 80 -6.84 -50.38 -10.87
C THR D 80 -5.77 -49.59 -11.61
N ILE D 81 -6.18 -48.47 -12.19
CA ILE D 81 -5.27 -47.58 -12.90
C ILE D 81 -5.34 -46.23 -12.21
N GLY D 82 -4.18 -45.68 -11.87
CA GLY D 82 -4.08 -44.35 -11.29
C GLY D 82 -3.45 -43.39 -12.28
N VAL D 83 -4.18 -42.30 -12.57
CA VAL D 83 -3.73 -41.30 -13.52
C VAL D 83 -3.96 -39.92 -12.91
N ASN D 84 -3.08 -38.99 -13.22
CA ASN D 84 -3.25 -37.62 -12.75
C ASN D 84 -4.42 -36.98 -13.49
N MET D 85 -5.33 -36.37 -12.75
CA MET D 85 -6.58 -35.90 -13.34
C MET D 85 -6.34 -34.78 -14.34
N ASP D 86 -5.36 -33.90 -14.08
CA ASP D 86 -5.14 -32.78 -14.98
C ASP D 86 -4.68 -33.24 -16.36
N HIS D 87 -3.72 -34.16 -16.40
CA HIS D 87 -3.21 -34.64 -17.69
C HIS D 87 -4.29 -35.36 -18.48
N LEU D 88 -5.04 -36.25 -17.82
CA LEU D 88 -6.12 -36.96 -18.50
C LEU D 88 -7.16 -35.99 -19.02
N LYS D 89 -7.52 -34.99 -18.20
CA LYS D 89 -8.52 -34.01 -18.61
C LYS D 89 -8.05 -33.25 -19.85
N LYS D 90 -6.81 -32.77 -19.82
CA LYS D 90 -6.30 -32.01 -20.96
C LYS D 90 -6.25 -32.86 -22.22
N VAL D 91 -5.84 -34.13 -22.10
CA VAL D 91 -5.79 -35.00 -23.27
C VAL D 91 -7.19 -35.24 -23.81
N LEU D 92 -8.16 -35.46 -22.92
CA LEU D 92 -9.51 -35.77 -23.36
C LEU D 92 -10.22 -34.55 -23.94
N LYS D 93 -9.74 -33.34 -23.63
CA LYS D 93 -10.35 -32.15 -24.22
C LYS D 93 -10.10 -32.05 -25.72
N ARG D 94 -9.18 -32.84 -26.27
CA ARG D 94 -8.83 -32.74 -27.68
C ARG D 94 -9.77 -33.52 -28.60
N GLY D 95 -10.78 -34.20 -28.05
CA GLY D 95 -11.67 -35.00 -28.86
C GLY D 95 -12.88 -34.21 -29.33
N LYS D 96 -13.18 -34.34 -30.62
CA LYS D 96 -14.35 -33.70 -31.22
C LYS D 96 -15.61 -34.50 -30.92
N ALA D 97 -16.76 -33.91 -31.26
CA ALA D 97 -18.05 -34.51 -30.92
C ALA D 97 -18.30 -35.81 -31.67
N LYS D 98 -17.60 -36.05 -32.77
CA LYS D 98 -17.83 -37.22 -33.61
C LYS D 98 -16.80 -38.31 -33.37
N GLU D 99 -15.71 -38.02 -32.68
CA GLU D 99 -14.64 -38.99 -32.48
C GLU D 99 -15.12 -40.19 -31.68
N THR D 100 -14.45 -41.32 -31.90
CA THR D 100 -14.62 -42.51 -31.06
C THR D 100 -13.36 -42.70 -30.22
N LEU D 101 -13.54 -42.87 -28.92
CA LEU D 101 -12.45 -42.91 -27.96
C LEU D 101 -12.10 -44.35 -27.65
N ILE D 102 -10.80 -44.66 -27.61
CA ILE D 102 -10.31 -46.00 -27.30
C ILE D 102 -9.32 -45.90 -26.16
N LEU D 103 -9.51 -46.74 -25.14
CA LEU D 103 -8.58 -46.86 -24.01
C LEU D 103 -8.06 -48.28 -23.97
N ARG D 104 -6.74 -48.43 -23.90
CA ARG D 104 -6.12 -49.75 -23.84
C ARG D 104 -4.86 -49.67 -22.99
N LYS D 105 -4.45 -50.83 -22.50
CA LYS D 105 -3.28 -50.92 -21.64
C LYS D 105 -2.63 -52.29 -21.83
N GLY D 106 -1.41 -52.31 -22.35
CA GLY D 106 -0.67 -53.55 -22.51
C GLY D 106 0.00 -53.96 -21.21
N GLU D 107 0.96 -54.87 -21.34
CA GLU D 107 1.73 -55.29 -20.17
C GLU D 107 2.66 -54.18 -19.66
N GLU D 108 2.85 -53.12 -20.43
CA GLU D 108 3.67 -51.99 -20.02
C GLU D 108 2.87 -51.05 -19.10
N ASN D 109 3.61 -50.30 -18.29
CA ASN D 109 2.99 -49.43 -17.27
C ASN D 109 2.63 -48.06 -17.83
N PHE D 110 1.78 -48.05 -18.86
CA PHE D 110 1.30 -46.82 -19.48
C PHE D 110 -0.14 -47.01 -19.90
N LEU D 111 -0.84 -45.89 -20.05
CA LEU D 111 -2.20 -45.86 -20.56
C LEU D 111 -2.18 -45.18 -21.93
N GLU D 112 -2.78 -45.84 -22.92
CA GLU D 112 -2.84 -45.30 -24.28
C GLU D 112 -4.25 -44.80 -24.56
N ILE D 113 -4.37 -43.52 -24.84
CA ILE D 113 -5.65 -42.90 -25.19
C ILE D 113 -5.61 -42.58 -26.66
N SER D 114 -6.42 -43.30 -27.44
CA SER D 114 -6.48 -43.14 -28.89
C SER D 114 -7.81 -42.50 -29.28
N LEU D 115 -7.73 -41.46 -30.10
CA LEU D 115 -8.89 -40.80 -30.67
C LEU D 115 -8.94 -41.10 -32.16
N GLN D 116 -10.09 -41.59 -32.64
CA GLN D 116 -10.21 -42.06 -34.01
C GLN D 116 -11.22 -41.22 -34.76
N GLY D 117 -11.02 -41.12 -36.08
CA GLY D 117 -11.83 -40.27 -36.93
C GLY D 117 -11.18 -40.11 -38.30
N THR D 118 -11.07 -38.87 -38.77
CA THR D 118 -10.33 -38.61 -40.00
C THR D 118 -8.87 -39.00 -39.88
N ALA D 119 -8.34 -39.12 -38.67
CA ALA D 119 -6.97 -39.58 -38.45
C ALA D 119 -6.88 -40.16 -37.05
N THR D 120 -5.81 -40.93 -36.83
CA THR D 120 -5.57 -41.59 -35.56
C THR D 120 -4.53 -40.81 -34.77
N ARG D 121 -4.84 -40.50 -33.52
CA ARG D 121 -3.95 -39.77 -32.63
C ARG D 121 -3.88 -40.51 -31.30
N THR D 122 -2.67 -40.86 -30.87
CA THR D 122 -2.47 -41.67 -29.68
C THR D 122 -1.60 -40.93 -28.69
N PHE D 123 -2.04 -40.91 -27.43
CA PHE D 123 -1.30 -40.31 -26.33
C PHE D 123 -0.83 -41.42 -25.39
N LYS D 124 0.17 -41.12 -24.57
CA LYS D 124 0.71 -42.07 -23.61
C LYS D 124 0.86 -41.38 -22.26
N LEU D 125 0.11 -41.86 -21.27
CA LEU D 125 0.18 -41.33 -19.91
C LEU D 125 0.74 -42.40 -18.97
N PRO D 126 1.84 -42.14 -18.28
CA PRO D 126 2.36 -43.14 -17.34
C PRO D 126 1.51 -43.22 -16.09
N LEU D 127 1.23 -44.46 -15.67
CA LEU D 127 0.42 -44.66 -14.47
C LEU D 127 1.21 -44.26 -13.22
N ILE D 128 0.47 -43.76 -12.22
CA ILE D 128 1.06 -43.37 -10.95
C ILE D 128 0.50 -44.27 -9.87
N ASP D 129 1.14 -44.25 -8.70
CA ASP D 129 0.75 -45.08 -7.57
C ASP D 129 -0.12 -44.30 -6.59
N VAL D 130 -1.39 -44.11 -6.98
CA VAL D 130 -2.34 -43.43 -6.11
C VAL D 130 -2.82 -44.40 -5.05
N GLU D 131 -2.66 -44.02 -3.78
CA GLU D 131 -3.07 -44.88 -2.69
C GLU D 131 -4.58 -45.02 -2.65
N GLU D 132 -5.06 -46.12 -2.07
CA GLU D 132 -6.48 -46.43 -2.00
C GLU D 132 -6.99 -46.21 -0.59
N ILE D 133 -8.13 -45.52 -0.49
CA ILE D 133 -8.82 -45.30 0.78
C ILE D 133 -10.28 -45.71 0.58
N GLU D 134 -10.74 -46.68 1.37
CA GLU D 134 -12.09 -47.20 1.22
C GLU D 134 -13.06 -46.35 2.02
N VAL D 135 -14.14 -45.91 1.38
CA VAL D 135 -15.19 -45.14 2.05
C VAL D 135 -16.51 -45.42 1.34
N ASP D 136 -17.56 -45.67 2.12
CA ASP D 136 -18.89 -45.88 1.58
C ASP D 136 -19.89 -45.53 2.66
N LEU D 137 -21.01 -44.94 2.26
CA LEU D 137 -22.03 -44.52 3.20
C LEU D 137 -23.28 -45.38 3.04
N PRO D 138 -23.90 -45.84 4.12
CA PRO D 138 -25.10 -46.66 4.00
C PRO D 138 -26.29 -45.82 3.52
N GLU D 139 -27.32 -46.52 3.07
CA GLU D 139 -28.53 -45.84 2.66
C GLU D 139 -29.08 -45.00 3.81
N LEU D 140 -29.44 -43.75 3.51
CA LEU D 140 -29.91 -42.84 4.53
C LEU D 140 -31.43 -42.65 4.41
N PRO D 141 -32.12 -42.35 5.51
CA PRO D 141 -33.56 -42.10 5.45
C PRO D 141 -33.83 -40.70 4.93
N PHE D 142 -34.23 -40.61 3.66
CA PHE D 142 -34.42 -39.33 2.97
C PHE D 142 -35.90 -39.01 2.97
N THR D 143 -36.30 -38.03 3.80
CA THR D 143 -37.71 -37.69 3.93
C THR D 143 -38.26 -37.13 2.63
N ALA D 144 -37.53 -36.21 2.00
CA ALA D 144 -37.99 -35.50 0.82
C ALA D 144 -37.12 -35.86 -0.38
N LYS D 145 -37.76 -36.03 -1.54
CA LYS D 145 -37.07 -36.40 -2.77
C LYS D 145 -37.73 -35.68 -3.93
N VAL D 146 -36.93 -34.95 -4.70
CA VAL D 146 -37.44 -34.15 -5.82
C VAL D 146 -36.50 -34.32 -7.00
N VAL D 147 -37.07 -34.44 -8.20
CA VAL D 147 -36.31 -34.53 -9.44
C VAL D 147 -36.65 -33.32 -10.30
N ILE D 148 -35.62 -32.62 -10.77
CA ILE D 148 -35.76 -31.38 -11.51
C ILE D 148 -34.85 -31.43 -12.74
N LEU D 149 -34.80 -30.32 -13.47
CA LEU D 149 -33.93 -30.18 -14.63
C LEU D 149 -32.69 -29.38 -14.26
N GLY D 150 -31.62 -29.58 -15.02
CA GLY D 150 -30.34 -28.98 -14.67
C GLY D 150 -30.34 -27.47 -14.76
N ASP D 151 -31.06 -26.92 -15.73
CA ASP D 151 -31.00 -25.48 -15.98
C ASP D 151 -31.50 -24.69 -14.77
N VAL D 152 -32.63 -25.12 -14.20
CA VAL D 152 -33.22 -24.35 -13.10
C VAL D 152 -32.28 -24.34 -11.90
N ILE D 153 -31.69 -25.49 -11.57
CA ILE D 153 -30.77 -25.54 -10.44
C ILE D 153 -29.54 -24.71 -10.73
N LYS D 154 -29.07 -24.73 -11.98
CA LYS D 154 -27.90 -23.92 -12.33
C LYS D 154 -28.17 -22.44 -12.11
N GLU D 155 -29.30 -21.94 -12.65
CA GLU D 155 -29.62 -20.54 -12.47
C GLU D 155 -29.84 -20.19 -11.00
N ALA D 156 -30.51 -21.07 -10.26
CA ALA D 156 -30.77 -20.78 -8.85
C ALA D 156 -29.47 -20.67 -8.06
N VAL D 157 -28.53 -21.59 -8.32
CA VAL D 157 -27.24 -21.53 -7.63
C VAL D 157 -26.51 -20.25 -8.02
N LYS D 158 -26.58 -19.87 -9.30
CA LYS D 158 -25.93 -18.64 -9.72
C LYS D 158 -26.50 -17.43 -8.99
N ASP D 159 -27.82 -17.37 -8.87
CA ASP D 159 -28.45 -16.24 -8.18
C ASP D 159 -28.05 -16.22 -6.70
N ALA D 160 -28.08 -17.38 -6.05
CA ALA D 160 -27.70 -17.44 -4.64
C ALA D 160 -26.27 -16.96 -4.45
N SER D 161 -25.35 -17.40 -5.33
CA SER D 161 -23.99 -16.89 -5.27
C SER D 161 -23.94 -15.39 -5.52
N LEU D 162 -24.83 -14.89 -6.37
CA LEU D 162 -24.88 -13.45 -6.62
C LEU D 162 -25.23 -12.68 -5.36
N VAL D 163 -26.19 -13.18 -4.58
CA VAL D 163 -26.64 -12.45 -3.39
C VAL D 163 -25.89 -12.92 -2.15
N SER D 164 -26.03 -14.20 -1.80
CA SER D 164 -25.52 -14.74 -0.55
C SER D 164 -24.38 -15.72 -0.83
N ASP D 165 -23.90 -16.32 0.24
CA ASP D 165 -22.77 -17.24 0.23
C ASP D 165 -23.23 -18.67 0.52
N SER D 166 -24.49 -18.85 0.95
CA SER D 166 -25.01 -20.18 1.25
C SER D 166 -26.45 -20.24 0.76
N MET D 167 -26.94 -21.45 0.57
CA MET D 167 -28.27 -21.71 0.08
C MET D 167 -29.05 -22.54 1.09
N LYS D 168 -30.37 -22.45 1.03
CA LYS D 168 -31.26 -23.22 1.89
C LYS D 168 -32.30 -23.94 1.03
N PHE D 169 -32.41 -25.25 1.23
CA PHE D 169 -33.32 -26.10 0.48
C PHE D 169 -34.52 -26.41 1.35
N ILE D 170 -35.68 -25.85 1.01
CA ILE D 170 -36.92 -26.05 1.74
C ILE D 170 -37.95 -26.66 0.79
N ALA D 171 -38.58 -27.75 1.22
CA ALA D 171 -39.57 -28.44 0.40
C ALA D 171 -40.76 -28.81 1.27
N LYS D 172 -41.96 -28.61 0.73
CA LYS D 172 -43.19 -29.00 1.40
C LYS D 172 -44.08 -29.78 0.45
N GLU D 173 -45.29 -30.12 0.90
CA GLU D 173 -46.20 -30.92 0.08
C GLU D 173 -46.45 -30.24 -1.27
N ASN D 174 -45.99 -30.88 -2.35
CA ASN D 174 -46.22 -30.37 -3.71
C ASN D 174 -45.70 -28.94 -3.86
N GLU D 175 -44.51 -28.68 -3.31
CA GLU D 175 -43.91 -27.35 -3.41
C GLU D 175 -42.43 -27.47 -3.05
N PHE D 176 -41.57 -26.98 -3.94
CA PHE D 176 -40.13 -26.96 -3.71
C PHE D 176 -39.63 -25.54 -3.89
N THR D 177 -38.98 -25.01 -2.86
CA THR D 177 -38.46 -23.65 -2.89
C THR D 177 -37.02 -23.66 -2.39
N MET D 178 -36.24 -22.69 -2.85
CA MET D 178 -34.83 -22.59 -2.49
C MET D 178 -34.48 -21.12 -2.35
N ARG D 179 -34.00 -20.74 -1.17
CA ARG D 179 -33.78 -19.36 -0.80
C ARG D 179 -32.28 -19.09 -0.66
N ALA D 180 -31.94 -17.80 -0.63
CA ALA D 180 -30.57 -17.38 -0.39
C ALA D 180 -30.62 -15.98 0.21
N GLU D 181 -30.46 -15.90 1.52
CA GLU D 181 -30.53 -14.64 2.24
C GLU D 181 -29.13 -14.05 2.38
N GLY D 182 -28.92 -12.88 1.80
CA GLY D 182 -27.65 -12.19 1.91
C GLY D 182 -27.55 -11.40 3.19
N GLU D 183 -26.56 -10.52 3.25
CA GLU D 183 -26.43 -9.62 4.38
C GLU D 183 -27.62 -8.67 4.46
N THR D 184 -28.06 -8.15 3.32
CA THR D 184 -29.22 -7.26 3.25
C THR D 184 -30.23 -7.70 2.19
N GLN D 185 -29.78 -8.25 1.08
CA GLN D 185 -30.66 -8.59 -0.04
C GLN D 185 -31.35 -9.92 0.24
N GLU D 186 -32.18 -10.36 -0.71
CA GLU D 186 -32.95 -11.59 -0.56
C GLU D 186 -33.23 -12.17 -1.94
N VAL D 187 -33.19 -13.50 -2.03
CA VAL D 187 -33.53 -14.23 -3.24
C VAL D 187 -34.51 -15.33 -2.86
N GLU D 188 -35.56 -15.48 -3.65
CA GLU D 188 -36.57 -16.51 -3.39
C GLU D 188 -36.95 -17.16 -4.72
N VAL D 189 -36.75 -18.47 -4.80
CA VAL D 189 -37.17 -19.26 -5.96
C VAL D 189 -38.07 -20.37 -5.44
N LYS D 190 -39.29 -20.46 -5.98
CA LYS D 190 -40.23 -21.49 -5.58
C LYS D 190 -40.84 -22.13 -6.82
N LEU D 191 -41.18 -23.41 -6.69
CA LEU D 191 -41.72 -24.19 -7.80
C LEU D 191 -42.76 -25.17 -7.27
N THR D 192 -43.62 -25.62 -8.18
CA THR D 192 -44.66 -26.59 -7.85
C THR D 192 -44.71 -27.65 -8.93
N LEU D 193 -45.21 -28.83 -8.55
CA LEU D 193 -45.31 -29.94 -9.49
C LEU D 193 -46.08 -29.53 -10.75
N GLU D 194 -47.04 -28.62 -10.60
CA GLU D 194 -47.77 -28.11 -11.75
C GLU D 194 -46.86 -27.28 -12.66
N ASP D 195 -45.71 -26.85 -12.17
CA ASP D 195 -44.75 -26.13 -12.99
C ASP D 195 -43.91 -27.11 -13.81
N GLU D 196 -43.33 -26.59 -14.89
CA GLU D 196 -42.51 -27.40 -15.78
C GLU D 196 -41.14 -27.73 -15.18
N GLY D 197 -40.66 -26.92 -14.25
CA GLY D 197 -39.34 -27.16 -13.68
C GLY D 197 -39.24 -28.51 -12.98
N LEU D 198 -40.23 -28.83 -12.17
CA LEU D 198 -40.23 -30.07 -11.40
C LEU D 198 -40.92 -31.18 -12.18
N LEU D 199 -40.53 -32.42 -11.89
CA LEU D 199 -41.16 -33.58 -12.48
C LEU D 199 -42.04 -34.34 -11.49
N ASP D 200 -41.67 -34.38 -10.22
CA ASP D 200 -42.52 -34.97 -9.18
C ASP D 200 -41.92 -34.64 -7.83
N ILE D 201 -42.73 -34.84 -6.78
CA ILE D 201 -42.29 -34.60 -5.41
C ILE D 201 -42.99 -35.60 -4.50
N GLU D 202 -42.28 -36.03 -3.46
CA GLU D 202 -42.87 -36.85 -2.41
C GLU D 202 -42.17 -36.51 -1.10
N VAL D 203 -42.88 -35.82 -0.22
CA VAL D 203 -42.32 -35.31 1.03
C VAL D 203 -42.93 -36.09 2.18
N GLN D 204 -42.08 -36.86 2.88
CA GLN D 204 -42.54 -37.61 4.05
C GLN D 204 -43.00 -36.65 5.14
N GLU D 205 -42.29 -35.56 5.35
CA GLU D 205 -42.64 -34.56 6.34
C GLU D 205 -41.86 -33.29 6.04
N GLU D 206 -42.09 -32.26 6.85
CA GLU D 206 -41.43 -30.97 6.63
C GLU D 206 -39.92 -31.13 6.67
N THR D 207 -39.23 -30.48 5.74
CA THR D 207 -37.79 -30.60 5.61
C THR D 207 -37.17 -29.25 5.27
N LYS D 208 -35.93 -29.06 5.70
CA LYS D 208 -35.17 -27.86 5.38
C LYS D 208 -33.74 -28.04 5.84
N SER D 209 -32.81 -27.43 5.10
CA SER D 209 -31.38 -27.52 5.42
C SER D 209 -30.65 -26.44 4.63
N ALA D 210 -29.36 -26.32 4.90
CA ALA D 210 -28.49 -25.36 4.22
C ALA D 210 -27.20 -26.03 3.79
N TYR D 211 -26.61 -25.51 2.72
CA TYR D 211 -25.35 -26.04 2.18
C TYR D 211 -24.52 -24.89 1.64
N GLY D 212 -23.22 -25.14 1.50
CA GLY D 212 -22.35 -24.14 0.92
C GLY D 212 -22.66 -23.89 -0.55
N ILE D 213 -22.17 -22.75 -1.04
CA ILE D 213 -22.43 -22.33 -2.41
C ILE D 213 -21.26 -22.68 -3.31
N SER D 214 -20.04 -22.71 -2.76
CA SER D 214 -18.88 -23.01 -3.57
C SER D 214 -18.96 -24.42 -4.13
N TYR D 215 -19.21 -25.41 -3.27
CA TYR D 215 -19.29 -26.79 -3.73
C TYR D 215 -20.48 -27.00 -4.65
N LEU D 216 -21.61 -26.36 -4.34
CA LEU D 216 -22.79 -26.50 -5.18
C LEU D 216 -22.51 -25.94 -6.59
N SER D 217 -21.86 -24.79 -6.66
CA SER D 217 -21.52 -24.22 -7.96
C SER D 217 -20.54 -25.12 -8.71
N ASP D 218 -19.57 -25.69 -7.99
CA ASP D 218 -18.60 -26.57 -8.64
C ASP D 218 -19.28 -27.80 -9.23
N MET D 219 -20.20 -28.41 -8.50
CA MET D 219 -20.76 -29.68 -8.95
C MET D 219 -21.89 -29.47 -9.96
N VAL D 220 -22.72 -28.45 -9.76
CA VAL D 220 -23.84 -28.21 -10.66
C VAL D 220 -23.41 -27.61 -11.99
N LYS D 221 -22.20 -27.07 -12.07
CA LYS D 221 -21.72 -26.49 -13.31
C LYS D 221 -21.57 -27.58 -14.38
N GLY D 222 -21.76 -27.18 -15.63
CA GLY D 222 -21.66 -28.12 -16.73
C GLY D 222 -22.90 -28.99 -16.92
N LEU D 223 -23.96 -28.75 -16.17
CA LEU D 223 -25.19 -29.51 -16.35
C LEU D 223 -25.88 -29.13 -17.64
N GLY D 224 -26.44 -30.12 -18.32
CA GLY D 224 -27.19 -29.86 -19.53
C GLY D 224 -28.57 -29.32 -19.26
N LYS D 225 -29.14 -28.67 -20.27
CA LYS D 225 -30.49 -28.14 -20.12
C LYS D 225 -31.51 -29.26 -19.99
N ALA D 226 -31.45 -30.24 -20.89
CA ALA D 226 -32.43 -31.33 -20.91
C ALA D 226 -31.89 -32.55 -20.17
N ASP D 227 -31.61 -32.36 -18.88
CA ASP D 227 -31.12 -33.41 -18.01
C ASP D 227 -31.93 -33.43 -16.73
N GLU D 228 -32.32 -34.63 -16.31
CA GLU D 228 -33.07 -34.82 -15.07
C GLU D 228 -32.11 -35.10 -13.94
N VAL D 229 -32.28 -34.40 -12.82
CA VAL D 229 -31.41 -34.53 -11.65
C VAL D 229 -32.29 -34.89 -10.47
N THR D 230 -31.92 -35.95 -9.76
CA THR D 230 -32.65 -36.42 -8.60
C THR D 230 -31.94 -35.95 -7.33
N ILE D 231 -32.67 -35.25 -6.47
CA ILE D 231 -32.11 -34.69 -5.24
C ILE D 231 -32.85 -35.28 -4.07
N LYS D 232 -32.10 -35.74 -3.07
CA LYS D 232 -32.65 -36.31 -1.84
C LYS D 232 -32.00 -35.61 -0.66
N PHE D 233 -32.80 -35.20 0.31
CA PHE D 233 -32.26 -34.51 1.49
C PHE D 233 -33.32 -34.55 2.59
N GLY D 234 -32.87 -34.22 3.80
CA GLY D 234 -33.74 -34.21 4.95
C GLY D 234 -33.43 -33.06 5.89
N ASN D 235 -33.44 -33.32 7.19
CA ASN D 235 -33.22 -32.30 8.20
C ASN D 235 -31.77 -32.35 8.66
N GLU D 236 -30.99 -31.34 8.28
CA GLU D 236 -29.62 -31.17 8.76
C GLU D 236 -28.78 -32.43 8.53
N MET D 237 -28.97 -33.05 7.37
CA MET D 237 -28.18 -34.21 6.98
C MET D 237 -27.80 -34.08 5.52
N PRO D 238 -26.73 -34.76 5.09
CA PRO D 238 -26.17 -34.49 3.77
C PRO D 238 -27.17 -34.71 2.65
N MET D 239 -27.09 -33.87 1.62
CA MET D 239 -27.90 -33.98 0.43
C MET D 239 -27.23 -34.88 -0.58
N GLN D 240 -28.04 -35.61 -1.34
CA GLN D 240 -27.55 -36.53 -2.36
C GLN D 240 -28.13 -36.14 -3.70
N MET D 241 -27.24 -35.89 -4.67
CA MET D 241 -27.62 -35.53 -6.03
C MET D 241 -27.02 -36.53 -6.99
N GLU D 242 -27.78 -36.91 -8.01
CA GLU D 242 -27.35 -37.96 -8.92
C GLU D 242 -28.08 -37.82 -10.24
N TYR D 243 -27.40 -38.19 -11.33
CA TYR D 243 -28.04 -38.19 -12.64
C TYR D 243 -27.34 -39.23 -13.51
N TYR D 244 -28.07 -39.71 -14.52
CA TYR D 244 -27.68 -40.89 -15.27
C TYR D 244 -26.93 -40.51 -16.55
N ILE D 245 -26.03 -41.41 -16.94
CA ILE D 245 -25.23 -41.26 -18.15
C ILE D 245 -25.62 -42.39 -19.08
N ARG D 246 -26.28 -42.06 -20.20
CA ARG D 246 -26.64 -43.04 -21.22
C ARG D 246 -27.57 -44.12 -20.67
N ASP D 247 -28.39 -43.78 -19.68
CA ASP D 247 -29.50 -44.58 -19.16
C ASP D 247 -28.94 -45.70 -18.27
N GLU D 248 -27.63 -45.91 -18.22
CA GLU D 248 -27.06 -46.96 -17.38
C GLU D 248 -25.94 -46.46 -16.46
N GLY D 249 -25.13 -45.52 -16.90
CA GLY D 249 -24.15 -44.94 -16.03
C GLY D 249 -24.80 -44.10 -14.94
N ARG D 250 -23.99 -43.62 -14.01
CA ARG D 250 -24.52 -42.82 -12.92
C ARG D 250 -23.39 -42.10 -12.21
N LEU D 251 -23.63 -40.84 -11.84
CA LEU D 251 -22.70 -40.04 -11.06
C LEU D 251 -23.44 -39.51 -9.84
N ILE D 252 -22.86 -39.67 -8.66
CA ILE D 252 -23.50 -39.32 -7.40
C ILE D 252 -22.60 -38.37 -6.63
N PHE D 253 -23.22 -37.40 -5.97
CA PHE D 253 -22.53 -36.51 -5.03
C PHE D 253 -23.18 -36.64 -3.66
N LEU D 254 -22.41 -36.34 -2.62
CA LEU D 254 -22.89 -36.38 -1.24
C LEU D 254 -22.38 -35.13 -0.54
N LEU D 255 -23.17 -34.06 -0.56
CA LEU D 255 -22.78 -32.78 0.01
C LEU D 255 -23.17 -32.73 1.48
N ALA D 256 -22.20 -32.41 2.34
CA ALA D 256 -22.46 -32.33 3.76
C ALA D 256 -23.26 -31.07 4.09
N PRO D 257 -23.89 -31.02 5.26
CA PRO D 257 -24.64 -29.82 5.64
C PRO D 257 -23.76 -28.79 6.30
N ARG D 258 -24.35 -27.64 6.65
CA ARG D 258 -23.65 -26.59 7.38
C ARG D 258 -24.04 -26.64 8.86
N VAL D 259 -23.26 -25.93 9.67
CA VAL D 259 -23.48 -25.88 11.11
C VAL D 259 -23.22 -27.26 11.71
N PRO E 14 2.71 6.16 -58.38
CA PRO E 14 1.25 6.25 -58.48
C PRO E 14 0.63 4.98 -59.04
N PHE E 15 -0.19 4.30 -58.23
CA PHE E 15 -0.84 3.08 -58.65
C PHE E 15 -2.19 2.96 -57.96
N GLU E 16 -3.08 2.17 -58.57
CA GLU E 16 -4.40 1.88 -58.02
C GLU E 16 -4.60 0.37 -58.07
N ILE E 17 -4.86 -0.23 -56.91
CA ILE E 17 -5.04 -1.67 -56.80
C ILE E 17 -6.33 -1.94 -56.06
N VAL E 18 -7.14 -2.86 -56.59
CA VAL E 18 -8.46 -3.16 -56.05
C VAL E 18 -8.51 -4.64 -55.68
N PHE E 19 -9.19 -4.95 -54.59
CA PHE E 19 -9.28 -6.30 -54.07
C PHE E 19 -10.58 -6.46 -53.30
N GLU E 20 -11.22 -7.62 -53.45
CA GLU E 20 -12.46 -7.92 -52.74
C GLU E 20 -12.20 -8.98 -51.67
N GLY E 21 -12.97 -8.91 -50.59
CA GLY E 21 -12.73 -9.76 -49.45
C GLY E 21 -11.60 -9.23 -48.58
N ALA E 22 -11.82 -8.07 -47.98
CA ALA E 22 -10.77 -7.42 -47.20
C ALA E 22 -10.23 -8.33 -46.10
N LYS E 23 -11.05 -9.24 -45.58
CA LYS E 23 -10.60 -10.10 -44.49
C LYS E 23 -9.52 -11.07 -44.95
N GLU E 24 -9.58 -11.53 -46.20
CA GLU E 24 -8.53 -12.40 -46.72
C GLU E 24 -7.19 -11.68 -46.74
N PHE E 25 -7.18 -10.46 -47.27
CA PHE E 25 -5.95 -9.67 -47.27
C PHE E 25 -5.48 -9.39 -45.86
N ALA E 26 -6.41 -9.12 -44.95
CA ALA E 26 -6.06 -8.88 -43.56
C ALA E 26 -5.39 -10.10 -42.94
N GLN E 27 -5.92 -11.30 -43.20
CA GLN E 27 -5.30 -12.51 -42.67
C GLN E 27 -3.93 -12.76 -43.27
N LEU E 28 -3.78 -12.52 -44.58
CA LEU E 28 -2.46 -12.61 -45.19
C LEU E 28 -1.47 -11.70 -44.48
N ILE E 29 -1.85 -10.44 -44.28
CA ILE E 29 -0.96 -9.48 -43.65
C ILE E 29 -0.66 -9.88 -42.22
N GLU E 30 -1.66 -10.36 -41.50
CA GLU E 30 -1.46 -10.77 -40.11
C GLU E 30 -0.47 -11.93 -40.04
N THR E 31 -0.62 -12.92 -40.93
CA THR E 31 0.34 -14.02 -40.95
C THR E 31 1.74 -13.50 -41.25
N ALA E 32 1.86 -12.60 -42.23
CA ALA E 32 3.17 -12.07 -42.58
C ALA E 32 3.78 -11.27 -41.45
N SER E 33 2.96 -10.62 -40.63
CA SER E 33 3.42 -9.68 -39.62
C SER E 33 3.64 -10.32 -38.25
N ARG E 34 3.44 -11.63 -38.11
CA ARG E 34 3.71 -12.29 -36.85
C ARG E 34 5.19 -12.58 -36.66
N LEU E 35 6.03 -12.35 -37.68
CA LEU E 35 7.45 -12.64 -37.62
C LEU E 35 8.33 -11.44 -37.95
N ILE E 36 7.85 -10.49 -38.76
CA ILE E 36 8.65 -9.36 -39.21
C ILE E 36 7.96 -8.09 -38.76
N ASP E 37 8.70 -7.23 -38.05
CA ASP E 37 8.11 -6.00 -37.52
C ASP E 37 7.94 -4.96 -38.62
N GLU E 38 8.90 -4.85 -39.53
CA GLU E 38 8.80 -3.95 -40.67
C GLU E 38 9.29 -4.66 -41.92
N ALA E 39 8.61 -4.43 -43.03
CA ALA E 39 8.94 -5.07 -44.29
C ALA E 39 8.60 -4.12 -45.43
N ALA E 40 9.22 -4.36 -46.58
CA ALA E 40 9.06 -3.52 -47.77
C ALA E 40 8.45 -4.34 -48.89
N PHE E 41 7.34 -3.85 -49.45
CA PHE E 41 6.66 -4.49 -50.55
C PHE E 41 7.10 -3.87 -51.87
N LYS E 42 7.40 -4.72 -52.85
CA LYS E 42 7.71 -4.26 -54.19
C LYS E 42 6.46 -4.36 -55.06
N VAL E 43 6.13 -3.28 -55.75
CA VAL E 43 4.98 -3.23 -56.64
C VAL E 43 5.49 -3.09 -58.06
N THR E 44 4.96 -3.92 -58.96
CA THR E 44 5.40 -3.94 -60.35
C THR E 44 4.23 -4.39 -61.22
N GLU E 45 4.39 -4.22 -62.53
CA GLU E 45 3.30 -4.51 -63.46
C GLU E 45 2.81 -5.95 -63.29
N GLU E 46 3.70 -6.87 -62.96
CA GLU E 46 3.28 -8.26 -62.78
C GLU E 46 2.43 -8.42 -61.52
N GLY E 47 2.76 -7.69 -60.46
CA GLY E 47 2.01 -7.81 -59.22
C GLY E 47 2.73 -7.25 -58.01
N ILE E 48 2.59 -7.91 -56.87
CA ILE E 48 3.22 -7.51 -55.62
C ILE E 48 3.97 -8.70 -55.05
N SER E 49 5.12 -8.42 -54.44
CA SER E 49 5.91 -9.47 -53.80
C SER E 49 6.62 -8.88 -52.59
N MET E 50 6.94 -9.76 -51.64
CA MET E 50 7.68 -9.40 -50.45
C MET E 50 8.66 -10.50 -50.12
N ARG E 51 9.72 -10.14 -49.39
CA ARG E 51 10.70 -11.12 -48.96
C ARG E 51 11.41 -10.54 -47.72
N ALA E 52 11.20 -11.16 -46.58
CA ALA E 52 11.77 -10.71 -45.33
C ALA E 52 12.42 -11.91 -44.62
N MET E 53 12.86 -11.67 -43.38
CA MET E 53 13.53 -12.70 -42.61
C MET E 53 13.31 -12.39 -41.13
N ASP E 54 13.13 -13.44 -40.34
CA ASP E 54 12.87 -13.27 -38.91
C ASP E 54 14.07 -12.64 -38.23
N PRO E 55 13.86 -11.83 -37.18
CA PRO E 55 15.01 -11.21 -36.51
C PRO E 55 16.04 -12.19 -36.00
N SER E 56 15.63 -13.38 -35.57
CA SER E 56 16.55 -14.38 -35.06
C SER E 56 17.20 -15.22 -36.15
N ARG E 57 16.84 -15.00 -37.40
CA ARG E 57 17.45 -15.70 -38.54
C ARG E 57 17.07 -17.19 -38.55
N VAL E 58 15.76 -17.45 -38.36
CA VAL E 58 15.23 -18.81 -38.31
C VAL E 58 14.17 -19.03 -39.38
N VAL E 59 13.27 -18.06 -39.56
CA VAL E 59 12.12 -18.19 -40.45
C VAL E 59 12.23 -17.17 -41.56
N LEU E 60 12.08 -17.61 -42.80
CA LEU E 60 12.06 -16.73 -43.96
C LEU E 60 10.65 -16.70 -44.54
N ILE E 61 10.22 -15.52 -44.98
CA ILE E 61 8.88 -15.32 -45.53
C ILE E 61 9.03 -14.87 -46.97
N ASP E 62 8.29 -15.52 -47.87
CA ASP E 62 8.23 -15.14 -49.27
C ASP E 62 6.78 -14.93 -49.67
N LEU E 63 6.54 -13.93 -50.51
CA LEU E 63 5.19 -13.56 -50.93
C LEU E 63 5.17 -13.36 -52.44
N ASN E 64 3.99 -13.56 -53.02
CA ASN E 64 3.81 -13.37 -54.46
C ASN E 64 2.33 -13.23 -54.76
N LEU E 65 1.92 -12.08 -55.31
CA LEU E 65 0.53 -11.78 -55.61
C LEU E 65 0.43 -11.35 -57.06
N PRO E 66 0.41 -12.28 -58.01
CA PRO E 66 0.27 -11.91 -59.42
C PRO E 66 -0.90 -10.97 -59.65
N ALA E 67 -0.80 -10.15 -60.70
CA ALA E 67 -1.80 -9.13 -60.97
C ALA E 67 -3.15 -9.71 -61.37
N SER E 68 -3.23 -11.01 -61.66
CA SER E 68 -4.51 -11.62 -62.02
C SER E 68 -5.42 -11.75 -60.80
N ILE E 69 -4.84 -11.83 -59.60
CA ILE E 69 -5.65 -11.98 -58.39
C ILE E 69 -6.53 -10.75 -58.17
N PHE E 70 -5.94 -9.57 -58.33
CA PHE E 70 -6.66 -8.33 -58.04
C PHE E 70 -7.70 -8.06 -59.12
N SER E 71 -8.84 -7.50 -58.70
CA SER E 71 -9.89 -7.17 -59.67
C SER E 71 -9.42 -6.13 -60.67
N LYS E 72 -8.73 -5.10 -60.19
CA LYS E 72 -8.18 -4.06 -61.04
C LYS E 72 -6.73 -3.83 -60.65
N TYR E 73 -5.87 -3.67 -61.65
CA TYR E 73 -4.43 -3.51 -61.40
C TYR E 73 -3.88 -2.56 -62.47
N GLU E 74 -3.64 -1.31 -62.07
CA GLU E 74 -3.08 -0.30 -62.95
C GLU E 74 -1.84 0.27 -62.31
N VAL E 75 -0.72 0.21 -63.02
CA VAL E 75 0.55 0.73 -62.52
C VAL E 75 1.54 0.86 -63.66
N ASP E 76 2.36 1.90 -63.63
CA ASP E 76 3.42 2.11 -64.61
C ASP E 76 4.73 2.24 -63.85
N GLY E 77 5.70 1.40 -64.20
CA GLY E 77 6.96 1.38 -63.49
C GLY E 77 6.88 0.59 -62.21
N GLU E 78 7.98 0.64 -61.46
CA GLU E 78 8.10 -0.08 -60.21
C GLU E 78 8.51 0.87 -59.09
N GLU E 79 7.88 0.72 -57.93
CA GLU E 79 8.20 1.52 -56.76
C GLU E 79 8.23 0.62 -55.53
N THR E 80 9.04 0.99 -54.55
CA THR E 80 9.18 0.25 -53.32
C THR E 80 8.34 0.90 -52.22
N ILE E 81 7.64 0.07 -51.46
CA ILE E 81 6.72 0.53 -50.41
C ILE E 81 7.24 0.01 -49.08
N GLY E 82 7.55 0.93 -48.17
CA GLY E 82 8.00 0.56 -46.84
C GLY E 82 7.08 1.08 -45.76
N VAL E 83 6.41 0.19 -45.06
CA VAL E 83 5.40 0.55 -44.08
C VAL E 83 5.58 -0.31 -42.84
N ASN E 84 5.35 0.30 -41.67
CA ASN E 84 5.35 -0.47 -40.43
C ASN E 84 4.21 -1.49 -40.45
N MET E 85 4.51 -2.72 -40.04
CA MET E 85 3.56 -3.80 -40.23
C MET E 85 2.44 -3.75 -39.19
N ASP E 86 2.73 -3.29 -37.98
CA ASP E 86 1.70 -3.29 -36.93
C ASP E 86 0.55 -2.34 -37.28
N HIS E 87 0.87 -1.13 -37.70
CA HIS E 87 -0.17 -0.17 -38.04
C HIS E 87 -1.00 -0.67 -39.21
N LEU E 88 -0.34 -1.20 -40.25
CA LEU E 88 -1.09 -1.72 -41.40
C LEU E 88 -1.99 -2.88 -40.98
N LYS E 89 -1.49 -3.75 -40.11
CA LYS E 89 -2.29 -4.88 -39.64
C LYS E 89 -3.53 -4.38 -38.90
N LYS E 90 -3.35 -3.41 -38.00
CA LYS E 90 -4.48 -2.90 -37.24
C LYS E 90 -5.49 -2.23 -38.16
N VAL E 91 -5.01 -1.49 -39.17
CA VAL E 91 -5.92 -0.83 -40.09
C VAL E 91 -6.71 -1.85 -40.89
N LEU E 92 -6.03 -2.86 -41.43
CA LEU E 92 -6.72 -3.84 -42.26
C LEU E 92 -7.62 -4.75 -41.43
N LYS E 93 -7.38 -4.83 -40.13
CA LYS E 93 -8.24 -5.64 -39.26
C LYS E 93 -9.63 -5.05 -39.14
N ARG E 94 -9.84 -3.82 -39.62
CA ARG E 94 -11.14 -3.15 -39.55
C ARG E 94 -12.06 -3.53 -40.69
N GLY E 95 -11.62 -4.38 -41.63
CA GLY E 95 -12.43 -4.70 -42.78
C GLY E 95 -13.31 -5.91 -42.54
N LYS E 96 -14.62 -5.74 -42.72
CA LYS E 96 -15.54 -6.86 -42.65
C LYS E 96 -15.28 -7.83 -43.81
N ALA E 97 -16.03 -8.94 -43.79
CA ALA E 97 -15.80 -10.00 -44.77
C ALA E 97 -16.09 -9.54 -46.19
N LYS E 98 -17.15 -8.75 -46.39
CA LYS E 98 -17.60 -8.39 -47.73
C LYS E 98 -17.11 -7.00 -48.16
N GLU E 99 -16.16 -6.42 -47.44
CA GLU E 99 -15.62 -5.12 -47.83
C GLU E 99 -14.75 -5.23 -49.07
N THR E 100 -14.74 -4.18 -49.87
CA THR E 100 -13.84 -4.07 -51.02
C THR E 100 -12.66 -3.20 -50.63
N LEU E 101 -11.46 -3.76 -50.70
CA LEU E 101 -10.25 -3.08 -50.25
C LEU E 101 -9.51 -2.50 -51.45
N ILE E 102 -9.17 -1.22 -51.36
CA ILE E 102 -8.46 -0.51 -52.42
C ILE E 102 -7.18 0.08 -51.85
N LEU E 103 -6.07 -0.14 -52.53
CA LEU E 103 -4.80 0.48 -52.19
C LEU E 103 -4.43 1.50 -53.26
N ARG E 104 -4.11 2.71 -52.84
CA ARG E 104 -3.83 3.79 -53.76
C ARG E 104 -2.63 4.59 -53.28
N LYS E 105 -2.00 5.29 -54.23
CA LYS E 105 -0.88 6.17 -53.92
C LYS E 105 -0.79 7.23 -55.00
N GLY E 106 -0.23 8.38 -54.63
CA GLY E 106 -0.09 9.50 -55.52
C GLY E 106 1.33 10.06 -55.47
N GLU E 107 1.44 11.34 -55.81
CA GLU E 107 2.74 12.00 -55.80
C GLU E 107 3.35 12.01 -54.41
N GLU E 108 2.53 12.29 -53.39
CA GLU E 108 3.02 12.34 -52.02
C GLU E 108 3.39 10.95 -51.54
N ASN E 109 4.44 10.89 -50.70
CA ASN E 109 4.93 9.63 -50.16
C ASN E 109 4.03 9.15 -49.00
N PHE E 110 2.74 9.05 -49.30
CA PHE E 110 1.74 8.56 -48.36
C PHE E 110 0.98 7.41 -48.98
N LEU E 111 0.71 6.38 -48.19
CA LEU E 111 -0.04 5.22 -48.64
C LEU E 111 -1.47 5.33 -48.14
N GLU E 112 -2.43 5.24 -49.06
CA GLU E 112 -3.85 5.31 -48.74
C GLU E 112 -4.45 3.92 -48.76
N ILE E 113 -5.33 3.64 -47.81
CA ILE E 113 -6.00 2.34 -47.69
C ILE E 113 -7.48 2.64 -47.57
N SER E 114 -8.23 2.45 -48.65
CA SER E 114 -9.65 2.75 -48.68
C SER E 114 -10.46 1.46 -48.52
N LEU E 115 -11.40 1.48 -47.58
CA LEU E 115 -12.34 0.39 -47.37
C LEU E 115 -13.73 0.87 -47.75
N GLN E 116 -14.38 0.15 -48.67
CA GLN E 116 -15.66 0.56 -49.21
C GLN E 116 -16.73 -0.46 -48.84
N GLY E 117 -17.83 0.00 -48.28
CA GLY E 117 -18.93 -0.85 -47.90
C GLY E 117 -20.23 -0.08 -47.88
N THR E 118 -21.04 -0.28 -46.83
CA THR E 118 -22.20 0.58 -46.62
C THR E 118 -21.79 2.03 -46.48
N ALA E 119 -20.57 2.28 -45.98
CA ALA E 119 -20.01 3.62 -45.89
C ALA E 119 -18.55 3.57 -46.30
N THR E 120 -18.08 4.63 -46.96
CA THR E 120 -16.71 4.70 -47.44
C THR E 120 -15.80 5.24 -46.34
N ARG E 121 -14.67 4.57 -46.12
CA ARG E 121 -13.72 4.96 -45.08
C ARG E 121 -12.32 4.93 -45.67
N THR E 122 -11.52 5.95 -45.35
CA THR E 122 -10.19 6.12 -45.91
C THR E 122 -9.18 6.29 -44.79
N PHE E 123 -8.02 5.67 -44.95
CA PHE E 123 -6.91 5.78 -44.02
C PHE E 123 -5.66 6.25 -44.77
N LYS E 124 -4.82 7.01 -44.07
CA LYS E 124 -3.55 7.47 -44.61
C LYS E 124 -2.44 7.07 -43.67
N LEU E 125 -1.39 6.46 -44.21
CA LEU E 125 -0.28 5.95 -43.42
C LEU E 125 1.04 6.51 -43.93
N PRO E 126 2.02 6.68 -43.06
CA PRO E 126 3.33 7.15 -43.50
C PRO E 126 4.17 6.03 -44.09
N LEU E 127 5.23 6.43 -44.79
CA LEU E 127 6.19 5.50 -45.36
C LEU E 127 7.53 5.72 -44.70
N ILE E 128 8.17 4.63 -44.27
CA ILE E 128 9.48 4.65 -43.67
C ILE E 128 10.41 3.77 -44.48
N ASP E 129 11.56 4.30 -44.87
CA ASP E 129 12.50 3.55 -45.69
C ASP E 129 13.07 2.38 -44.90
N VAL E 130 13.14 1.22 -45.55
CA VAL E 130 13.66 0.00 -44.94
C VAL E 130 14.73 -0.57 -45.87
N GLU E 131 15.88 -0.91 -45.30
CA GLU E 131 16.94 -1.53 -46.08
C GLU E 131 16.46 -2.85 -46.66
N GLU E 132 16.77 -3.08 -47.93
CA GLU E 132 16.35 -4.28 -48.64
C GLU E 132 17.57 -5.14 -48.91
N ILE E 133 17.51 -6.41 -48.51
CA ILE E 133 18.58 -7.38 -48.71
C ILE E 133 18.00 -8.54 -49.51
N GLU E 134 18.67 -8.88 -50.61
CA GLU E 134 18.19 -9.91 -51.52
C GLU E 134 18.77 -11.26 -51.12
N VAL E 135 17.90 -12.19 -50.72
CA VAL E 135 18.32 -13.53 -50.34
C VAL E 135 17.38 -14.55 -50.96
N ASP E 136 17.81 -15.16 -52.07
CA ASP E 136 17.03 -16.17 -52.76
C ASP E 136 17.73 -17.51 -52.62
N LEU E 137 16.98 -18.52 -52.18
CA LEU E 137 17.52 -19.86 -51.99
C LEU E 137 17.04 -20.77 -53.12
N PRO E 138 17.90 -21.21 -54.03
CA PRO E 138 17.42 -22.08 -55.13
C PRO E 138 17.02 -23.46 -54.65
N GLU E 139 16.64 -24.32 -55.58
CA GLU E 139 16.15 -25.65 -55.22
C GLU E 139 17.20 -26.39 -54.40
N LEU E 140 16.74 -27.00 -53.31
CA LEU E 140 17.57 -27.80 -52.42
C LEU E 140 17.10 -29.24 -52.44
N PRO E 141 17.99 -30.19 -52.10
CA PRO E 141 17.63 -31.60 -52.26
C PRO E 141 16.63 -32.08 -51.21
N PHE E 142 15.37 -32.18 -51.60
CA PHE E 142 14.28 -32.58 -50.70
C PHE E 142 13.98 -34.04 -50.97
N THR E 143 14.44 -34.91 -50.06
CA THR E 143 14.26 -36.35 -50.27
C THR E 143 12.78 -36.72 -50.31
N ALA E 144 11.99 -36.16 -49.40
CA ALA E 144 10.58 -36.48 -49.29
C ALA E 144 9.74 -35.23 -49.49
N LYS E 145 8.68 -35.36 -50.28
CA LYS E 145 7.72 -34.29 -50.48
C LYS E 145 6.31 -34.85 -50.28
N VAL E 146 5.55 -34.21 -49.41
CA VAL E 146 4.19 -34.64 -49.10
C VAL E 146 3.27 -33.42 -49.15
N VAL E 147 2.00 -33.69 -49.45
CA VAL E 147 0.97 -32.66 -49.49
C VAL E 147 -0.24 -33.13 -48.69
N ILE E 148 -0.63 -32.35 -47.69
CA ILE E 148 -1.66 -32.71 -46.73
C ILE E 148 -2.60 -31.54 -46.52
N LEU E 149 -3.75 -31.83 -45.91
CA LEU E 149 -4.72 -30.79 -45.58
C LEU E 149 -4.22 -29.95 -44.40
N GLY E 150 -4.75 -28.73 -44.29
CA GLY E 150 -4.35 -27.86 -43.20
C GLY E 150 -4.79 -28.37 -41.84
N ASP E 151 -5.99 -28.95 -41.77
CA ASP E 151 -6.53 -29.38 -40.48
C ASP E 151 -5.65 -30.44 -39.84
N VAL E 152 -5.14 -31.39 -40.63
CA VAL E 152 -4.35 -32.47 -40.07
C VAL E 152 -3.11 -31.92 -39.38
N ILE E 153 -2.36 -31.07 -40.07
CA ILE E 153 -1.13 -30.55 -39.50
C ILE E 153 -1.43 -29.61 -38.32
N LYS E 154 -2.50 -28.82 -38.43
CA LYS E 154 -2.86 -27.91 -37.34
C LYS E 154 -3.15 -28.69 -36.07
N GLU E 155 -3.98 -29.73 -36.18
CA GLU E 155 -4.28 -30.55 -35.01
C GLU E 155 -3.05 -31.28 -34.51
N ALA E 156 -2.19 -31.78 -35.40
CA ALA E 156 -0.98 -32.45 -34.95
C ALA E 156 -0.10 -31.52 -34.13
N VAL E 157 0.08 -30.28 -34.60
CA VAL E 157 0.91 -29.33 -33.87
C VAL E 157 0.27 -28.98 -32.54
N LYS E 158 -1.06 -28.75 -32.53
CA LYS E 158 -1.71 -28.38 -31.29
C LYS E 158 -1.66 -29.50 -30.26
N ASP E 159 -1.67 -30.76 -30.71
CA ASP E 159 -1.52 -31.88 -29.79
C ASP E 159 -0.09 -32.00 -29.29
N ALA E 160 0.88 -31.90 -30.19
CA ALA E 160 2.28 -32.01 -29.78
C ALA E 160 2.71 -30.86 -28.87
N SER E 161 1.97 -29.75 -28.89
CA SER E 161 2.32 -28.63 -28.03
C SER E 161 2.21 -28.99 -26.54
N LEU E 162 1.38 -29.98 -26.21
CA LEU E 162 1.17 -30.32 -24.81
C LEU E 162 2.41 -30.96 -24.20
N VAL E 163 2.96 -31.98 -24.85
CA VAL E 163 4.00 -32.79 -24.23
C VAL E 163 5.31 -32.03 -24.15
N SER E 164 5.71 -31.34 -25.22
CA SER E 164 7.02 -30.72 -25.26
C SER E 164 6.98 -29.53 -26.21
N ASP E 165 8.16 -28.99 -26.54
CA ASP E 165 8.28 -27.83 -27.40
C ASP E 165 9.06 -28.13 -28.68
N SER E 166 9.27 -29.41 -29.01
CA SER E 166 9.92 -29.81 -30.25
C SER E 166 9.13 -30.94 -30.87
N MET E 167 8.91 -30.85 -32.18
CA MET E 167 8.16 -31.84 -32.93
C MET E 167 9.07 -32.52 -33.93
N LYS E 168 8.89 -33.83 -34.09
CA LYS E 168 9.72 -34.64 -34.98
C LYS E 168 8.89 -35.11 -36.17
N PHE E 169 9.39 -34.87 -37.38
CA PHE E 169 8.75 -35.31 -38.60
C PHE E 169 9.45 -36.56 -39.12
N ILE E 170 8.67 -37.56 -39.49
CA ILE E 170 9.20 -38.82 -40.03
C ILE E 170 8.46 -39.12 -41.33
N ALA E 171 9.21 -39.46 -42.37
CA ALA E 171 8.65 -39.78 -43.67
C ALA E 171 9.20 -41.12 -44.14
N LYS E 172 8.32 -41.93 -44.72
CA LYS E 172 8.68 -43.26 -45.22
C LYS E 172 7.83 -43.54 -46.45
N GLU E 173 8.02 -44.72 -47.04
CA GLU E 173 7.23 -45.13 -48.19
C GLU E 173 5.81 -45.41 -47.74
N ASN E 174 4.86 -44.62 -48.26
CA ASN E 174 3.45 -44.79 -47.93
C ASN E 174 3.22 -44.63 -46.43
N GLU E 175 3.86 -43.64 -45.82
CA GLU E 175 3.75 -43.44 -44.39
C GLU E 175 4.29 -42.06 -44.01
N PHE E 176 3.52 -41.31 -43.25
CA PHE E 176 3.92 -40.01 -42.72
C PHE E 176 3.59 -39.97 -41.25
N THR E 177 4.58 -39.59 -40.42
CA THR E 177 4.43 -39.65 -38.97
C THR E 177 4.96 -38.38 -38.34
N MET E 178 4.19 -37.82 -37.42
CA MET E 178 4.62 -36.71 -36.58
C MET E 178 4.51 -37.14 -35.12
N ARG E 179 5.58 -36.95 -34.37
CA ARG E 179 5.62 -37.41 -32.99
C ARG E 179 6.29 -36.36 -32.11
N ALA E 180 5.96 -36.39 -30.83
CA ALA E 180 6.59 -35.53 -29.84
C ALA E 180 6.85 -36.35 -28.58
N GLU E 181 7.90 -35.98 -27.86
CA GLU E 181 8.29 -36.68 -26.65
C GLU E 181 8.61 -35.67 -25.56
N GLY E 182 8.21 -35.99 -24.33
CA GLY E 182 8.47 -35.14 -23.19
C GLY E 182 9.18 -35.88 -22.08
N GLU E 183 9.20 -35.29 -20.88
CA GLU E 183 9.86 -35.94 -19.76
C GLU E 183 9.17 -37.26 -19.42
N THR E 184 7.84 -37.29 -19.47
CA THR E 184 7.08 -38.49 -19.13
C THR E 184 5.99 -38.83 -20.13
N GLN E 185 5.47 -37.88 -20.90
CA GLN E 185 4.38 -38.11 -21.83
C GLN E 185 4.92 -38.25 -23.25
N GLU E 186 4.01 -38.49 -24.20
CA GLU E 186 4.40 -38.71 -25.59
C GLU E 186 3.15 -38.74 -26.45
N VAL E 187 3.27 -38.17 -27.65
CA VAL E 187 2.19 -38.14 -28.64
C VAL E 187 2.75 -38.65 -29.95
N GLU E 188 1.85 -39.13 -30.82
CA GLU E 188 2.27 -39.62 -32.12
C GLU E 188 1.05 -39.69 -33.04
N VAL E 189 1.16 -39.10 -34.23
CA VAL E 189 0.11 -39.11 -35.23
C VAL E 189 0.66 -39.77 -36.49
N LYS E 190 -0.10 -40.73 -37.03
CA LYS E 190 0.31 -41.50 -38.20
C LYS E 190 -0.71 -41.32 -39.31
N LEU E 191 -0.22 -41.17 -40.54
CA LEU E 191 -1.05 -40.97 -41.71
C LEU E 191 -0.59 -41.90 -42.82
N THR E 192 -1.52 -42.26 -43.69
CA THR E 192 -1.25 -43.22 -44.76
C THR E 192 -2.17 -42.89 -45.94
N LEU E 193 -1.75 -43.36 -47.12
CA LEU E 193 -2.46 -42.99 -48.35
C LEU E 193 -3.95 -43.29 -48.27
N GLU E 194 -4.33 -44.39 -47.62
CA GLU E 194 -5.75 -44.69 -47.46
C GLU E 194 -6.46 -43.59 -46.69
N ASP E 195 -5.76 -42.92 -45.78
CA ASP E 195 -6.38 -41.83 -45.03
C ASP E 195 -6.64 -40.65 -45.96
N GLU E 196 -7.61 -39.81 -45.58
CA GLU E 196 -7.93 -38.64 -46.39
C GLU E 196 -7.03 -37.46 -46.08
N GLY E 197 -6.31 -37.48 -44.96
CA GLY E 197 -5.43 -36.38 -44.64
C GLY E 197 -4.27 -36.25 -45.62
N LEU E 198 -3.65 -37.38 -45.97
CA LEU E 198 -2.47 -37.38 -46.83
C LEU E 198 -2.92 -37.55 -48.28
N LEU E 199 -2.78 -36.50 -49.08
CA LEU E 199 -3.19 -36.57 -50.47
C LEU E 199 -2.20 -37.35 -51.32
N ASP E 200 -0.90 -37.16 -51.11
CA ASP E 200 0.11 -37.88 -51.89
C ASP E 200 1.48 -37.68 -51.26
N ILE E 201 2.30 -38.74 -51.33
CA ILE E 201 3.64 -38.75 -50.74
C ILE E 201 4.62 -39.29 -51.77
N GLU E 202 5.77 -38.62 -51.92
CA GLU E 202 6.81 -39.00 -52.89
C GLU E 202 8.16 -38.92 -52.17
N VAL E 203 8.63 -40.04 -51.65
CA VAL E 203 9.85 -40.10 -50.85
C VAL E 203 10.85 -41.02 -51.53
N GLN E 204 12.04 -40.49 -51.84
CA GLN E 204 13.11 -41.30 -52.43
C GLN E 204 13.79 -42.16 -51.38
N GLU E 205 13.96 -41.64 -50.16
CA GLU E 205 14.63 -42.38 -49.10
C GLU E 205 14.19 -41.83 -47.75
N GLU E 206 14.43 -42.63 -46.71
CA GLU E 206 13.98 -42.27 -45.37
C GLU E 206 14.66 -41.00 -44.89
N THR E 207 13.92 -40.19 -44.13
CA THR E 207 14.44 -38.94 -43.62
C THR E 207 13.75 -38.61 -42.31
N LYS E 208 14.40 -37.73 -41.52
CA LYS E 208 13.89 -37.35 -40.22
C LYS E 208 14.52 -36.03 -39.83
N SER E 209 13.75 -35.21 -39.11
CA SER E 209 14.23 -33.90 -38.66
C SER E 209 13.44 -33.51 -37.41
N ALA E 210 13.74 -32.33 -36.87
CA ALA E 210 13.03 -31.80 -35.72
C ALA E 210 12.90 -30.30 -35.88
N TYR E 211 11.88 -29.72 -35.23
CA TYR E 211 11.58 -28.31 -35.40
C TYR E 211 10.98 -27.77 -34.11
N GLY E 212 11.02 -26.45 -33.97
CA GLY E 212 10.48 -25.80 -32.78
C GLY E 212 8.97 -25.65 -32.86
N ILE E 213 8.31 -25.89 -31.73
CA ILE E 213 6.85 -25.87 -31.71
C ILE E 213 6.31 -24.45 -31.87
N SER E 214 6.96 -23.48 -31.26
CA SER E 214 6.47 -22.10 -31.36
C SER E 214 6.44 -21.64 -32.81
N TYR E 215 7.54 -21.88 -33.55
CA TYR E 215 7.58 -21.48 -34.95
C TYR E 215 6.52 -22.20 -35.76
N LEU E 216 6.35 -23.50 -35.53
CA LEU E 216 5.38 -24.27 -36.30
C LEU E 216 3.97 -23.77 -36.04
N SER E 217 3.65 -23.45 -34.78
CA SER E 217 2.33 -22.92 -34.47
C SER E 217 2.12 -21.56 -35.11
N ASP E 218 3.14 -20.70 -35.08
CA ASP E 218 3.01 -19.39 -35.70
C ASP E 218 2.79 -19.52 -37.20
N MET E 219 3.50 -20.44 -37.85
CA MET E 219 3.38 -20.59 -39.29
C MET E 219 2.04 -21.23 -39.69
N VAL E 220 1.58 -22.21 -38.92
CA VAL E 220 0.36 -22.95 -39.27
C VAL E 220 -0.90 -22.28 -38.76
N LYS E 221 -0.79 -21.35 -37.81
CA LYS E 221 -1.96 -20.67 -37.30
C LYS E 221 -2.62 -19.83 -38.39
N GLY E 222 -3.93 -19.69 -38.31
CA GLY E 222 -4.65 -18.95 -39.33
C GLY E 222 -4.54 -19.59 -40.70
N LEU E 223 -4.64 -20.91 -40.76
CA LEU E 223 -4.55 -21.67 -42.01
C LEU E 223 -5.89 -22.34 -42.27
N GLY E 224 -6.38 -22.23 -43.50
CA GLY E 224 -7.71 -22.74 -43.80
C GLY E 224 -7.84 -24.20 -43.45
N LYS E 225 -8.98 -24.55 -42.83
CA LYS E 225 -9.23 -25.95 -42.49
C LYS E 225 -9.30 -26.82 -43.73
N ALA E 226 -9.97 -26.35 -44.78
CA ALA E 226 -10.07 -27.08 -46.04
C ALA E 226 -9.14 -26.41 -47.05
N ASP E 227 -7.87 -26.83 -47.02
CA ASP E 227 -6.85 -26.27 -47.90
C ASP E 227 -5.91 -27.41 -48.30
N GLU E 228 -4.88 -27.07 -49.07
CA GLU E 228 -3.85 -28.02 -49.47
C GLU E 228 -2.49 -27.42 -49.16
N VAL E 229 -1.71 -28.10 -48.34
CA VAL E 229 -0.39 -27.63 -47.91
C VAL E 229 0.64 -28.65 -48.36
N THR E 230 1.69 -28.17 -49.03
CA THR E 230 2.78 -29.01 -49.50
C THR E 230 3.98 -28.81 -48.58
N ILE E 231 4.48 -29.90 -48.02
CA ILE E 231 5.59 -29.87 -47.06
C ILE E 231 6.75 -30.64 -47.67
N LYS E 232 7.92 -30.01 -47.70
CA LYS E 232 9.13 -30.61 -48.24
C LYS E 232 10.26 -30.46 -47.24
N PHE E 233 10.95 -31.56 -46.96
CA PHE E 233 12.00 -31.55 -45.95
C PHE E 233 12.94 -32.71 -46.21
N GLY E 234 14.09 -32.67 -45.54
CA GLY E 234 15.10 -33.71 -45.68
C GLY E 234 15.84 -33.94 -44.38
N ASN E 235 16.84 -34.81 -44.46
CA ASN E 235 17.55 -35.25 -43.27
C ASN E 235 18.28 -34.07 -42.61
N GLU E 236 17.74 -33.59 -41.49
CA GLU E 236 18.37 -32.51 -40.73
C GLU E 236 18.60 -31.28 -41.60
N MET E 237 17.58 -30.87 -42.34
CA MET E 237 17.63 -29.66 -43.14
C MET E 237 16.31 -28.91 -43.04
N PRO E 238 16.34 -27.60 -43.24
CA PRO E 238 15.11 -26.81 -43.04
C PRO E 238 13.98 -27.27 -43.95
N MET E 239 12.76 -27.20 -43.43
CA MET E 239 11.57 -27.62 -44.15
C MET E 239 11.04 -26.48 -45.00
N GLN E 240 10.24 -26.83 -46.01
CA GLN E 240 9.59 -25.88 -46.89
C GLN E 240 8.10 -26.15 -46.90
N MET E 241 7.31 -25.14 -46.54
CA MET E 241 5.86 -25.24 -46.52
C MET E 241 5.28 -24.12 -47.38
N GLU E 242 4.27 -24.45 -48.17
CA GLU E 242 3.68 -23.50 -49.10
C GLU E 242 2.24 -23.90 -49.40
N TYR E 243 1.42 -22.90 -49.69
CA TYR E 243 0.04 -23.12 -50.08
C TYR E 243 -0.42 -21.98 -50.98
N TYR E 244 -1.33 -22.29 -51.89
CA TYR E 244 -1.81 -21.31 -52.86
C TYR E 244 -2.87 -20.41 -52.24
N ILE E 245 -2.90 -19.16 -52.71
CA ILE E 245 -3.85 -18.16 -52.23
C ILE E 245 -4.67 -17.69 -53.42
N ARG E 246 -6.00 -17.81 -53.31
CA ARG E 246 -6.92 -17.44 -54.38
C ARG E 246 -6.55 -18.10 -55.70
N ASP E 247 -5.92 -19.28 -55.64
CA ASP E 247 -5.55 -20.12 -56.77
C ASP E 247 -4.37 -19.55 -57.55
N GLU E 248 -3.80 -18.40 -57.17
CA GLU E 248 -2.68 -17.81 -57.87
C GLU E 248 -1.51 -17.49 -56.95
N GLY E 249 -1.72 -16.70 -55.90
CA GLY E 249 -0.64 -16.36 -55.01
C GLY E 249 -0.21 -17.53 -54.17
N ARG E 250 0.98 -17.42 -53.58
CA ARG E 250 1.52 -18.48 -52.75
C ARG E 250 2.43 -17.89 -51.68
N LEU E 251 2.60 -18.64 -50.59
CA LEU E 251 3.52 -18.31 -49.53
C LEU E 251 4.54 -19.43 -49.38
N ILE E 252 5.72 -19.09 -48.85
CA ILE E 252 6.77 -20.07 -48.60
C ILE E 252 7.41 -19.75 -47.26
N PHE E 253 7.68 -20.79 -46.48
CA PHE E 253 8.34 -20.66 -45.19
C PHE E 253 9.53 -21.60 -45.15
N LEU E 254 10.64 -21.09 -44.61
CA LEU E 254 11.86 -21.88 -44.43
C LEU E 254 12.23 -21.83 -42.96
N LEU E 255 12.11 -22.98 -42.27
CA LEU E 255 12.37 -23.07 -40.85
C LEU E 255 13.65 -23.86 -40.62
N ALA E 256 14.57 -23.29 -39.85
CA ALA E 256 15.84 -23.95 -39.58
C ALA E 256 15.65 -25.13 -38.64
N PRO E 257 16.36 -26.23 -38.85
CA PRO E 257 16.26 -27.35 -37.90
C PRO E 257 16.88 -26.98 -36.55
N ARG E 258 16.39 -27.67 -35.51
CA ARG E 258 16.90 -27.48 -34.16
C ARG E 258 17.94 -28.54 -33.86
N VAL E 259 19.09 -28.12 -33.33
CA VAL E 259 20.19 -29.02 -33.05
C VAL E 259 20.63 -29.72 -34.33
P GS F 17 12.27 7.40 -4.73
OP1 GS F 17 13.25 8.37 -5.29
S2P GS F 17 12.70 6.43 -3.70
O5' GS F 17 11.01 8.19 -4.16
C5' GS F 17 10.43 9.24 -4.91
C4' GS F 17 9.11 9.67 -4.32
O4' GS F 17 8.17 8.56 -4.38
C3' GS F 17 9.15 10.05 -2.84
O3' GS F 17 9.50 11.41 -2.72
C2' GS F 17 7.72 9.77 -2.38
C1' GS F 17 7.27 8.63 -3.29
N9 GS F 17 7.26 7.32 -2.64
C8 GS F 17 8.21 6.35 -2.72
N7 GS F 17 7.94 5.28 -2.03
C5 GS F 17 6.71 5.56 -1.44
C6 GS F 17 5.91 4.78 -0.59
O6 GS F 17 6.14 3.64 -0.16
N1 GS F 17 4.73 5.44 -0.22
C2 GS F 17 4.39 6.70 -0.65
N2 GS F 17 3.22 7.17 -0.19
N3 GS F 17 5.13 7.45 -1.45
C4 GS F 17 6.27 6.81 -1.81
P C7R F 18 9.79 12.05 -1.27
C5' C7R F 18 8.20 13.10 0.53
O5' C7R F 18 8.33 12.41 -0.71
C4' C7R F 18 6.87 12.79 1.17
O4' C7R F 18 6.38 11.52 0.67
C3' C7R F 18 6.91 12.63 2.68
O3' C7R F 18 6.74 13.88 3.30
C2' C7R F 18 5.72 11.71 2.95
C1' C7R F 18 5.66 10.84 1.69
N1 C7R F 18 6.26 9.48 1.87
C2 C7R F 18 5.57 8.52 2.61
O2 C7R F 18 4.49 8.82 3.13
N3 C7R F 18 6.12 7.29 2.76
C4 C7R F 18 7.30 7.01 2.19
N4 C7R F 18 7.80 5.78 2.36
C5 C7R F 18 8.00 7.98 1.42
C6 C7R F 18 7.45 9.19 1.29
OP1 C7R F 18 10.55 13.31 -1.47
SP2 C7R F 18 10.35 10.99 -0.41
P PST F 19 8.01 14.73 3.81
OP1 PST F 19 8.27 14.33 5.22
SP PST F 19 9.08 14.63 2.81
O5' PST F 19 7.48 16.23 3.82
C5' PST F 19 8.38 17.32 3.71
C4' PST F 19 7.69 18.53 3.12
O4' PST F 19 6.49 18.83 3.86
C3' PST F 19 8.53 19.81 3.13
O3' PST F 19 8.27 20.56 1.96
C2' PST F 19 8.01 20.53 4.37
C1' PST F 19 6.54 20.15 4.36
N1 PST F 19 5.91 20.17 5.70
C2 PST F 19 4.90 21.08 5.95
O2 PST F 19 4.50 21.87 5.13
N3 PST F 19 4.39 21.02 7.22
C4 PST F 19 4.77 20.17 8.24
O4 PST F 19 4.24 20.19 9.35
C5 PST F 19 5.82 19.24 7.91
C5M PST F 19 6.31 18.26 8.93
C6 PST F 19 6.34 19.29 6.67
P PST F 20 9.43 20.75 0.86
OP1 PST F 20 8.85 21.49 -0.28
SP PST F 20 10.06 19.43 0.64
O5' PST F 20 10.49 21.69 1.59
C5' PST F 20 10.14 23.01 1.97
C4' PST F 20 11.25 23.67 2.77
O4' PST F 20 11.29 23.09 4.10
C3' PST F 20 12.64 23.49 2.19
O3' PST F 20 13.42 24.64 2.48
C2' PST F 20 13.16 22.28 2.95
C1' PST F 20 12.56 22.51 4.33
N1 PST F 20 12.37 21.27 5.12
C2 PST F 20 12.49 21.32 6.49
O2 PST F 20 12.74 22.34 7.10
N3 PST F 20 12.30 20.12 7.12
C4 PST F 20 12.00 18.90 6.55
O4 PST F 20 11.84 17.88 7.20
C5 PST F 20 11.89 18.92 5.10
C5M PST F 20 11.57 17.67 4.36
C6 PST F 20 12.08 20.09 4.48
P PST F 21 14.26 25.37 1.32
OP1 PST F 21 13.81 24.81 0.02
SP PST F 21 15.69 25.31 1.68
O5' PST F 21 13.78 26.89 1.40
C5' PST F 21 14.58 27.92 0.83
C4' PST F 21 14.20 29.28 1.39
O4' PST F 21 13.61 29.12 2.70
C3' PST F 21 15.37 30.25 1.56
O3' PST F 21 14.95 31.57 1.25
C2' PST F 21 15.72 30.09 3.04
C1' PST F 21 14.35 29.87 3.65
N1 PST F 21 14.38 29.10 4.94
C2 PST F 21 14.31 27.73 4.93
O2 PST F 21 14.22 27.07 3.91
N3 PST F 21 14.35 27.15 6.16
C4 PST F 21 14.45 27.78 7.39
O4 PST F 21 14.48 27.16 8.45
C5 PST F 21 14.52 29.22 7.33
C5M PST F 21 14.63 30.03 8.59
C6 PST F 21 14.48 29.81 6.13
MG MG H . 15.59 36.48 -2.17
MG MG I . 14.40 34.01 -3.76
ZN ZN J . 24.98 -44.33 -3.51
ZN ZN K . 42.61 -25.01 -6.45
ZN ZN L . 16.86 -0.72 -20.30
MG MG M . 6.04 -2.11 24.31
#